data_1X5Z
#
_entry.id   1X5Z
#
_entity_poly.entity_id   1
_entity_poly.type   'polypeptide(L)'
_entity_poly.pdbx_seq_one_letter_code
;GSSGSSGDIQVITQTGVPGQPLNFKAEPESETSILLSWTPPRSDTIANYELVYKDGEHGEEQRITIEPGTSYRLQGLKPN
SLYYFRLAARSPQGLGASTAEISARTMQSSGPSSG
;
_entity_poly.pdbx_strand_id   A
#
# COMPACT_ATOMS: atom_id res chain seq x y z
N GLY A 1 34.80 -11.85 -12.51
CA GLY A 1 35.68 -12.57 -13.41
C GLY A 1 35.14 -13.94 -13.80
N SER A 2 35.45 -14.94 -12.97
CA SER A 2 34.99 -16.30 -13.24
C SER A 2 34.32 -16.89 -12.00
N SER A 3 35.04 -16.89 -10.89
CA SER A 3 34.53 -17.43 -9.63
C SER A 3 33.13 -16.91 -9.36
N GLY A 4 32.16 -17.82 -9.33
CA GLY A 4 30.78 -17.44 -9.08
C GLY A 4 30.23 -18.08 -7.82
N SER A 5 29.19 -17.46 -7.25
CA SER A 5 28.57 -17.97 -6.03
C SER A 5 27.13 -18.40 -6.29
N SER A 6 26.34 -17.48 -6.84
CA SER A 6 24.94 -17.76 -7.13
C SER A 6 24.20 -18.23 -5.88
N GLY A 7 24.49 -17.58 -4.75
CA GLY A 7 23.85 -17.95 -3.50
C GLY A 7 22.67 -17.06 -3.17
N ASP A 8 21.46 -17.55 -3.42
CA ASP A 8 20.26 -16.79 -3.14
C ASP A 8 19.67 -17.18 -1.79
N ILE A 9 18.98 -16.23 -1.15
CA ILE A 9 18.37 -16.48 0.14
C ILE A 9 17.22 -17.48 0.04
N GLN A 10 17.26 -18.51 0.87
CA GLN A 10 16.22 -19.53 0.87
C GLN A 10 14.94 -19.01 1.50
N VAL A 11 14.11 -18.35 0.68
CA VAL A 11 12.84 -17.80 1.16
C VAL A 11 12.06 -18.84 1.96
N ILE A 12 11.38 -18.38 3.01
CA ILE A 12 10.58 -19.27 3.84
C ILE A 12 9.12 -19.26 3.42
N THR A 13 8.65 -20.40 2.94
CA THR A 13 7.26 -20.53 2.50
C THR A 13 6.36 -20.96 3.64
N GLN A 14 5.59 -20.01 4.18
CA GLN A 14 4.68 -20.30 5.28
C GLN A 14 3.23 -20.05 4.88
N THR A 15 2.63 -21.05 4.24
CA THR A 15 1.24 -20.95 3.79
C THR A 15 0.36 -20.38 4.89
N GLY A 16 -0.33 -19.28 4.58
CA GLY A 16 -1.21 -18.66 5.55
C GLY A 16 -1.19 -17.15 5.47
N VAL A 17 -1.11 -16.63 4.25
CA VAL A 17 -1.08 -15.19 4.03
C VAL A 17 -2.07 -14.78 2.94
N PRO A 18 -2.62 -13.55 3.06
CA PRO A 18 -3.57 -13.01 2.09
C PRO A 18 -2.93 -12.71 0.74
N GLY A 19 -3.76 -12.58 -0.29
CA GLY A 19 -3.25 -12.28 -1.61
C GLY A 19 -3.37 -10.82 -1.97
N GLN A 20 -2.27 -10.23 -2.43
CA GLN A 20 -2.27 -8.82 -2.80
C GLN A 20 -3.57 -8.42 -3.47
N PRO A 21 -4.02 -7.19 -3.21
CA PRO A 21 -5.27 -6.66 -3.79
C PRO A 21 -5.15 -6.41 -5.29
N LEU A 22 -6.29 -6.14 -5.93
CA LEU A 22 -6.33 -5.88 -7.36
C LEU A 22 -6.72 -4.44 -7.64
N ASN A 23 -6.78 -4.10 -8.92
CA ASN A 23 -7.14 -2.74 -9.33
C ASN A 23 -6.53 -1.70 -8.41
N PHE A 24 -5.22 -1.80 -8.22
CA PHE A 24 -4.50 -0.87 -7.36
C PHE A 24 -3.99 0.33 -8.16
N LYS A 25 -4.48 1.52 -7.80
CA LYS A 25 -4.08 2.74 -8.48
C LYS A 25 -4.02 3.91 -7.50
N ALA A 26 -3.13 4.87 -7.78
CA ALA A 26 -2.98 6.03 -6.93
C ALA A 26 -3.18 7.32 -7.72
N GLU A 27 -4.01 8.21 -7.20
CA GLU A 27 -4.29 9.48 -7.87
C GLU A 27 -4.17 10.64 -6.88
N PRO A 28 -3.53 11.73 -7.34
CA PRO A 28 -3.33 12.94 -6.52
C PRO A 28 -4.63 13.69 -6.25
N GLU A 29 -5.29 13.35 -5.14
CA GLU A 29 -6.54 14.00 -4.77
C GLU A 29 -6.32 15.47 -4.44
N SER A 30 -5.07 15.83 -4.15
CA SER A 30 -4.73 17.20 -3.81
C SER A 30 -3.23 17.43 -3.91
N GLU A 31 -2.80 18.66 -3.66
CA GLU A 31 -1.39 19.01 -3.72
C GLU A 31 -0.64 18.45 -2.52
N THR A 32 -1.36 18.26 -1.42
CA THR A 32 -0.76 17.72 -0.20
C THR A 32 -1.46 16.44 0.25
N SER A 33 -2.40 15.98 -0.57
CA SER A 33 -3.15 14.77 -0.26
C SER A 33 -3.23 13.85 -1.47
N ILE A 34 -3.28 12.54 -1.22
CA ILE A 34 -3.36 11.56 -2.29
C ILE A 34 -4.30 10.42 -1.93
N LEU A 35 -5.17 10.05 -2.86
CA LEU A 35 -6.11 8.96 -2.64
C LEU A 35 -5.64 7.67 -3.29
N LEU A 36 -5.93 6.55 -2.64
CA LEU A 36 -5.53 5.24 -3.16
C LEU A 36 -6.74 4.33 -3.33
N SER A 37 -6.87 3.76 -4.52
CA SER A 37 -7.99 2.86 -4.81
C SER A 37 -7.50 1.43 -5.04
N TRP A 38 -7.94 0.52 -4.18
CA TRP A 38 -7.54 -0.88 -4.28
C TRP A 38 -8.72 -1.80 -3.97
N THR A 39 -8.63 -3.04 -4.46
CA THR A 39 -9.69 -4.01 -4.24
C THR A 39 -9.21 -5.16 -3.34
N PRO A 40 -9.88 -5.32 -2.19
CA PRO A 40 -9.54 -6.38 -1.22
C PRO A 40 -9.87 -7.78 -1.75
N PRO A 41 -8.98 -8.74 -1.47
CA PRO A 41 -9.15 -10.13 -1.91
C PRO A 41 -10.28 -10.82 -1.15
N ARG A 42 -10.48 -12.11 -1.44
CA ARG A 42 -11.53 -12.89 -0.80
C ARG A 42 -11.37 -12.86 0.71
N SER A 43 -10.13 -12.99 1.18
CA SER A 43 -9.84 -12.99 2.61
C SER A 43 -10.57 -11.84 3.31
N ASP A 44 -11.59 -12.18 4.08
CA ASP A 44 -12.37 -11.16 4.79
C ASP A 44 -11.60 -10.67 6.02
N THR A 45 -10.90 -11.58 6.69
CA THR A 45 -10.13 -11.23 7.87
C THR A 45 -8.88 -10.45 7.51
N ILE A 46 -8.94 -9.13 7.69
CA ILE A 46 -7.80 -8.27 7.38
C ILE A 46 -7.56 -7.26 8.50
N ALA A 47 -6.32 -7.21 8.97
CA ALA A 47 -5.95 -6.31 10.05
C ALA A 47 -5.71 -4.90 9.51
N ASN A 48 -4.86 -4.79 8.49
CA ASN A 48 -4.55 -3.50 7.88
C ASN A 48 -3.68 -3.68 6.65
N TYR A 49 -3.36 -2.57 5.99
CA TYR A 49 -2.53 -2.60 4.80
C TYR A 49 -1.23 -1.81 5.00
N GLU A 50 -0.17 -2.25 4.33
CA GLU A 50 1.13 -1.59 4.45
C GLU A 50 1.37 -0.66 3.25
N LEU A 51 1.63 0.61 3.56
CA LEU A 51 1.88 1.60 2.51
C LEU A 51 3.31 2.12 2.58
N VAL A 52 4.22 1.41 1.93
CA VAL A 52 5.63 1.80 1.90
C VAL A 52 5.88 2.93 0.92
N TYR A 53 6.03 4.14 1.43
CA TYR A 53 6.27 5.31 0.59
C TYR A 53 7.63 5.93 0.90
N LYS A 54 8.24 6.54 -0.11
CA LYS A 54 9.53 7.18 0.05
C LYS A 54 9.65 8.41 -0.86
N ASP A 55 10.21 9.48 -0.31
CA ASP A 55 10.38 10.72 -1.06
C ASP A 55 11.19 10.47 -2.33
N GLY A 56 10.49 10.41 -3.47
CA GLY A 56 11.16 10.18 -4.73
C GLY A 56 11.91 8.86 -4.76
N GLU A 57 13.14 8.90 -5.27
CA GLU A 57 13.96 7.70 -5.35
C GLU A 57 14.87 7.58 -4.12
N HIS A 58 15.41 8.70 -3.68
CA HIS A 58 16.29 8.72 -2.52
C HIS A 58 15.52 8.99 -1.24
N GLY A 59 14.27 8.52 -1.21
CA GLY A 59 13.43 8.72 -0.04
C GLY A 59 13.53 7.57 0.94
N GLU A 60 12.82 7.68 2.06
CA GLU A 60 12.84 6.65 3.09
C GLU A 60 11.59 5.78 3.00
N GLU A 61 11.78 4.47 3.11
CA GLU A 61 10.68 3.52 3.06
C GLU A 61 9.90 3.51 4.37
N GLN A 62 8.92 4.40 4.48
CA GLN A 62 8.10 4.49 5.68
C GLN A 62 6.79 3.74 5.51
N ARG A 63 6.31 3.13 6.60
CA ARG A 63 5.06 2.38 6.56
C ARG A 63 3.98 3.09 7.35
N ILE A 64 2.75 3.06 6.83
CA ILE A 64 1.62 3.71 7.48
C ILE A 64 0.56 2.70 7.87
N THR A 65 -0.07 2.91 9.02
CA THR A 65 -1.12 2.02 9.51
C THR A 65 -2.46 2.35 8.87
N ILE A 66 -2.77 1.70 7.75
CA ILE A 66 -4.03 1.93 7.05
C ILE A 66 -5.11 0.97 7.54
N GLU A 67 -6.36 1.42 7.50
CA GLU A 67 -7.48 0.60 7.93
C GLU A 67 -7.82 -0.46 6.89
N PRO A 68 -8.22 -1.65 7.36
CA PRO A 68 -8.58 -2.77 6.49
C PRO A 68 -9.88 -2.53 5.73
N GLY A 69 -9.77 -1.80 4.63
CA GLY A 69 -10.95 -1.49 3.82
C GLY A 69 -10.70 -1.66 2.34
N THR A 70 -11.04 -0.65 1.56
CA THR A 70 -10.85 -0.69 0.12
C THR A 70 -10.03 0.50 -0.37
N SER A 71 -10.18 1.63 0.30
CA SER A 71 -9.45 2.84 -0.06
C SER A 71 -9.03 3.62 1.19
N TYR A 72 -8.09 4.53 1.02
CA TYR A 72 -7.59 5.34 2.14
C TYR A 72 -7.16 6.72 1.65
N ARG A 73 -7.29 7.72 2.53
CA ARG A 73 -6.91 9.08 2.19
C ARG A 73 -5.66 9.50 2.95
N LEU A 74 -4.57 9.70 2.21
CA LEU A 74 -3.31 10.11 2.81
C LEU A 74 -3.11 11.62 2.72
N GLN A 75 -2.68 12.23 3.82
CA GLN A 75 -2.45 13.67 3.86
C GLN A 75 -1.07 13.98 4.40
N GLY A 76 -0.62 15.21 4.17
CA GLY A 76 0.69 15.62 4.65
C GLY A 76 1.79 15.32 3.64
N LEU A 77 1.69 15.94 2.47
CA LEU A 77 2.68 15.73 1.41
C LEU A 77 3.12 17.06 0.81
N LYS A 78 4.16 17.02 -0.02
CA LYS A 78 4.67 18.22 -0.67
C LYS A 78 4.11 18.37 -2.07
N PRO A 79 3.86 19.62 -2.49
CA PRO A 79 3.32 19.92 -3.81
C PRO A 79 4.32 19.64 -4.93
N ASN A 80 3.81 19.41 -6.14
CA ASN A 80 4.66 19.13 -7.28
C ASN A 80 5.87 18.29 -6.87
N SER A 81 5.60 17.18 -6.19
CA SER A 81 6.67 16.30 -5.75
C SER A 81 6.30 14.83 -5.98
N LEU A 82 7.29 14.03 -6.36
CA LEU A 82 7.07 12.62 -6.62
C LEU A 82 7.19 11.80 -5.35
N TYR A 83 6.26 10.86 -5.16
CA TYR A 83 6.27 10.01 -3.97
C TYR A 83 5.83 8.59 -4.32
N TYR A 84 6.72 7.63 -4.08
CA TYR A 84 6.43 6.23 -4.37
C TYR A 84 5.44 5.66 -3.36
N PHE A 85 4.72 4.62 -3.76
CA PHE A 85 3.73 3.98 -2.91
C PHE A 85 3.63 2.49 -3.21
N ARG A 86 3.42 1.70 -2.16
CA ARG A 86 3.31 0.24 -2.31
C ARG A 86 2.35 -0.33 -1.27
N LEU A 87 1.28 -0.98 -1.74
CA LEU A 87 0.30 -1.57 -0.85
C LEU A 87 0.59 -3.06 -0.64
N ALA A 88 0.24 -3.56 0.54
CA ALA A 88 0.45 -4.97 0.87
C ALA A 88 -0.39 -5.39 2.06
N ALA A 89 -1.42 -6.19 1.80
CA ALA A 89 -2.30 -6.67 2.85
C ALA A 89 -1.51 -7.22 4.03
N ARG A 90 -1.91 -6.84 5.23
CA ARG A 90 -1.22 -7.30 6.44
C ARG A 90 -2.16 -8.14 7.30
N SER A 91 -1.80 -9.42 7.47
CA SER A 91 -2.61 -10.34 8.27
C SER A 91 -1.98 -10.57 9.63
N PRO A 92 -2.82 -10.91 10.62
CA PRO A 92 -2.37 -11.16 11.99
C PRO A 92 -1.57 -12.45 12.10
N GLN A 93 -1.44 -13.16 10.99
CA GLN A 93 -0.70 -14.42 10.96
C GLN A 93 0.61 -14.27 10.19
N GLY A 94 0.63 -13.31 9.26
CA GLY A 94 1.82 -13.08 8.47
C GLY A 94 1.58 -12.13 7.32
N LEU A 95 2.62 -11.41 6.92
CA LEU A 95 2.51 -10.45 5.82
C LEU A 95 2.18 -11.16 4.51
N GLY A 96 1.48 -10.47 3.62
CA GLY A 96 1.12 -11.05 2.33
C GLY A 96 2.03 -10.60 1.21
N ALA A 97 1.45 -10.26 0.07
CA ALA A 97 2.23 -9.81 -1.08
C ALA A 97 2.07 -8.32 -1.31
N SER A 98 3.06 -7.71 -1.95
CA SER A 98 3.02 -6.28 -2.23
C SER A 98 2.67 -6.01 -3.68
N THR A 99 1.80 -5.04 -3.91
CA THR A 99 1.38 -4.69 -5.26
C THR A 99 2.50 -4.02 -6.03
N ALA A 100 2.24 -3.72 -7.30
CA ALA A 100 3.24 -3.07 -8.15
C ALA A 100 3.60 -1.70 -7.62
N GLU A 101 4.89 -1.36 -7.67
CA GLU A 101 5.36 -0.07 -7.18
C GLU A 101 4.81 1.06 -8.06
N ILE A 102 3.83 1.78 -7.54
CA ILE A 102 3.24 2.89 -8.26
C ILE A 102 3.54 4.22 -7.59
N SER A 103 3.63 5.28 -8.38
CA SER A 103 3.92 6.61 -7.86
C SER A 103 2.94 7.64 -8.43
N ALA A 104 2.60 8.64 -7.61
CA ALA A 104 1.68 9.68 -8.02
C ALA A 104 2.29 11.06 -7.83
N ARG A 105 2.01 11.97 -8.75
CA ARG A 105 2.53 13.33 -8.69
C ARG A 105 1.49 14.28 -8.11
N THR A 106 1.88 15.03 -7.08
CA THR A 106 0.97 15.98 -6.45
C THR A 106 0.62 17.12 -7.40
N MET A 107 -0.51 17.77 -7.14
CA MET A 107 -0.96 18.88 -7.97
C MET A 107 0.05 20.01 -7.96
N GLN A 108 0.09 20.78 -9.03
CA GLN A 108 1.02 21.90 -9.14
C GLN A 108 0.48 23.13 -8.41
N SER A 109 0.96 23.34 -7.19
CA SER A 109 0.52 24.48 -6.38
C SER A 109 0.98 25.79 -7.00
N SER A 110 0.08 26.77 -7.02
CA SER A 110 0.38 28.08 -7.58
C SER A 110 1.45 28.80 -6.76
N GLY A 111 2.00 29.87 -7.31
CA GLY A 111 3.03 30.62 -6.62
C GLY A 111 2.44 31.67 -5.69
N PRO A 112 3.11 31.91 -4.56
CA PRO A 112 2.67 32.89 -3.57
C PRO A 112 2.81 34.33 -4.06
N SER A 113 1.78 34.80 -4.76
CA SER A 113 1.79 36.16 -5.30
C SER A 113 2.08 37.18 -4.19
N SER A 114 3.11 37.99 -4.40
CA SER A 114 3.49 39.00 -3.43
C SER A 114 2.38 40.03 -3.25
N GLY A 115 2.14 40.82 -4.28
CA GLY A 115 1.11 41.84 -4.22
C GLY A 115 1.52 43.04 -3.39
N GLY A 1 -19.45 -39.70 -20.92
CA GLY A 1 -19.21 -39.09 -19.62
C GLY A 1 -18.80 -40.11 -18.57
N SER A 2 -18.01 -39.66 -17.60
CA SER A 2 -17.55 -40.54 -16.53
C SER A 2 -17.06 -39.72 -15.33
N SER A 3 -17.24 -40.28 -14.14
CA SER A 3 -16.82 -39.61 -12.91
C SER A 3 -15.51 -40.20 -12.40
N GLY A 4 -14.97 -39.58 -11.35
CA GLY A 4 -13.73 -40.05 -10.77
C GLY A 4 -13.27 -39.21 -9.60
N SER A 5 -13.56 -39.68 -8.38
CA SER A 5 -13.18 -38.96 -7.17
C SER A 5 -12.45 -39.87 -6.20
N SER A 6 -11.31 -39.41 -5.69
CA SER A 6 -10.51 -40.19 -4.75
C SER A 6 -10.82 -39.79 -3.31
N GLY A 7 -10.56 -40.70 -2.38
CA GLY A 7 -10.82 -40.41 -0.98
C GLY A 7 -10.12 -39.15 -0.51
N ASP A 8 -10.09 -38.95 0.81
CA ASP A 8 -9.45 -37.78 1.39
C ASP A 8 -9.03 -38.05 2.83
N ILE A 9 -7.83 -37.62 3.19
CA ILE A 9 -7.31 -37.81 4.54
C ILE A 9 -7.83 -36.73 5.49
N GLN A 10 -7.42 -36.81 6.74
CA GLN A 10 -7.85 -35.84 7.75
C GLN A 10 -7.27 -34.47 7.46
N VAL A 11 -8.05 -33.64 6.77
CA VAL A 11 -7.62 -32.29 6.43
C VAL A 11 -8.80 -31.33 6.38
N ILE A 12 -8.54 -30.06 6.68
CA ILE A 12 -9.58 -29.05 6.68
C ILE A 12 -9.15 -27.82 5.88
N THR A 13 -10.11 -26.98 5.53
CA THR A 13 -9.84 -25.77 4.76
C THR A 13 -8.91 -24.82 5.54
N GLN A 14 -7.76 -24.54 4.97
CA GLN A 14 -6.79 -23.65 5.61
C GLN A 14 -6.50 -22.44 4.73
N THR A 15 -6.46 -21.26 5.35
CA THR A 15 -6.19 -20.03 4.63
C THR A 15 -4.95 -19.32 5.18
N GLY A 16 -3.90 -19.25 4.37
CA GLY A 16 -2.67 -18.60 4.79
C GLY A 16 -2.67 -17.13 4.51
N VAL A 17 -1.50 -16.52 4.50
CA VAL A 17 -1.36 -15.09 4.24
C VAL A 17 -2.29 -14.65 3.11
N PRO A 18 -2.83 -13.43 3.22
CA PRO A 18 -3.73 -12.86 2.22
C PRO A 18 -3.02 -12.53 0.91
N GLY A 19 -3.80 -12.41 -0.16
CA GLY A 19 -3.22 -12.09 -1.45
C GLY A 19 -3.31 -10.62 -1.79
N GLN A 20 -2.20 -10.05 -2.26
CA GLN A 20 -2.17 -8.64 -2.61
C GLN A 20 -3.46 -8.21 -3.28
N PRO A 21 -3.88 -6.96 -3.04
CA PRO A 21 -5.11 -6.40 -3.60
C PRO A 21 -4.98 -6.16 -5.11
N LEU A 22 -6.13 -6.01 -5.76
CA LEU A 22 -6.16 -5.78 -7.20
C LEU A 22 -6.64 -4.36 -7.52
N ASN A 23 -6.43 -3.94 -8.76
CA ASN A 23 -6.84 -2.60 -9.19
C ASN A 23 -6.16 -1.53 -8.35
N PHE A 24 -4.90 -1.75 -8.03
CA PHE A 24 -4.12 -0.79 -7.24
C PHE A 24 -3.70 0.40 -8.09
N LYS A 25 -4.27 1.56 -7.78
CA LYS A 25 -3.95 2.78 -8.52
C LYS A 25 -3.83 3.98 -7.57
N ALA A 26 -2.96 4.91 -7.92
CA ALA A 26 -2.75 6.10 -7.10
C ALA A 26 -2.98 7.37 -7.90
N GLU A 27 -3.74 8.29 -7.34
CA GLU A 27 -4.04 9.55 -8.01
C GLU A 27 -4.00 10.72 -7.02
N PRO A 28 -3.41 11.85 -7.47
CA PRO A 28 -3.29 13.05 -6.64
C PRO A 28 -4.63 13.73 -6.39
N GLU A 29 -5.27 13.37 -5.28
CA GLU A 29 -6.56 13.95 -4.93
C GLU A 29 -6.43 15.42 -4.57
N SER A 30 -5.23 15.82 -4.13
CA SER A 30 -4.97 17.19 -3.76
C SER A 30 -3.49 17.53 -3.91
N GLU A 31 -3.13 18.76 -3.55
CA GLU A 31 -1.73 19.21 -3.65
C GLU A 31 -0.90 18.65 -2.51
N THR A 32 -1.56 18.34 -1.40
CA THR A 32 -0.88 17.80 -0.22
C THR A 32 -1.53 16.50 0.24
N SER A 33 -2.51 16.03 -0.52
CA SER A 33 -3.22 14.80 -0.17
C SER A 33 -3.39 13.91 -1.40
N ILE A 34 -3.37 12.59 -1.19
CA ILE A 34 -3.53 11.65 -2.27
C ILE A 34 -4.54 10.56 -1.91
N LEU A 35 -5.33 10.13 -2.89
CA LEU A 35 -6.33 9.10 -2.68
C LEU A 35 -5.94 7.80 -3.37
N LEU A 36 -5.82 6.73 -2.59
CA LEU A 36 -5.45 5.43 -3.14
C LEU A 36 -6.66 4.49 -3.19
N SER A 37 -6.74 3.70 -4.25
CA SER A 37 -7.85 2.77 -4.42
C SER A 37 -7.33 1.35 -4.64
N TRP A 38 -7.91 0.40 -3.91
CA TRP A 38 -7.51 -1.00 -4.02
C TRP A 38 -8.70 -1.92 -3.86
N THR A 39 -8.56 -3.16 -4.32
CA THR A 39 -9.63 -4.14 -4.22
C THR A 39 -9.28 -5.25 -3.24
N PRO A 40 -10.05 -5.34 -2.14
CA PRO A 40 -9.83 -6.35 -1.11
C PRO A 40 -10.18 -7.75 -1.58
N PRO A 41 -9.24 -8.70 -1.38
CA PRO A 41 -9.42 -10.09 -1.78
C PRO A 41 -10.46 -10.81 -0.93
N ARG A 42 -10.84 -12.00 -1.36
CA ARG A 42 -11.84 -12.80 -0.63
C ARG A 42 -11.55 -12.78 0.86
N SER A 43 -10.28 -12.83 1.22
CA SER A 43 -9.88 -12.81 2.62
C SER A 43 -10.58 -11.69 3.38
N ASP A 44 -11.56 -12.06 4.18
CA ASP A 44 -12.31 -11.08 4.97
C ASP A 44 -11.50 -10.61 6.16
N THR A 45 -10.78 -11.54 6.79
CA THR A 45 -9.96 -11.21 7.95
C THR A 45 -8.74 -10.38 7.55
N ILE A 46 -8.88 -9.07 7.64
CA ILE A 46 -7.80 -8.16 7.30
C ILE A 46 -7.52 -7.17 8.42
N ALA A 47 -6.31 -7.24 8.98
CA ALA A 47 -5.93 -6.35 10.07
C ALA A 47 -5.71 -4.92 9.56
N ASN A 48 -4.92 -4.79 8.50
CA ASN A 48 -4.62 -3.49 7.91
C ASN A 48 -3.80 -3.64 6.64
N TYR A 49 -3.56 -2.52 5.97
CA TYR A 49 -2.78 -2.52 4.73
C TYR A 49 -1.48 -1.75 4.91
N GLU A 50 -0.40 -2.28 4.34
CA GLU A 50 0.91 -1.64 4.44
C GLU A 50 1.16 -0.74 3.22
N LEU A 51 1.48 0.52 3.49
CA LEU A 51 1.75 1.48 2.42
C LEU A 51 3.21 1.90 2.42
N VAL A 52 4.03 1.21 1.63
CA VAL A 52 5.45 1.51 1.54
C VAL A 52 5.70 2.70 0.62
N TYR A 53 5.90 3.88 1.21
CA TYR A 53 6.14 5.08 0.44
C TYR A 53 7.48 5.72 0.83
N LYS A 54 8.10 6.40 -0.13
CA LYS A 54 9.38 7.05 0.11
C LYS A 54 9.51 8.33 -0.72
N ASP A 55 10.25 9.30 -0.19
CA ASP A 55 10.46 10.56 -0.89
C ASP A 55 11.31 10.37 -2.13
N GLY A 56 10.68 10.38 -3.30
CA GLY A 56 11.40 10.20 -4.55
C GLY A 56 12.05 8.83 -4.65
N GLU A 57 13.03 8.71 -5.54
CA GLU A 57 13.73 7.45 -5.74
C GLU A 57 14.68 7.17 -4.58
N HIS A 58 15.45 8.17 -4.20
CA HIS A 58 16.42 8.03 -3.11
C HIS A 58 15.77 8.40 -1.77
N GLY A 59 14.48 8.08 -1.63
CA GLY A 59 13.77 8.38 -0.41
C GLY A 59 13.90 7.28 0.62
N GLU A 60 13.06 7.33 1.65
CA GLU A 60 13.10 6.33 2.71
C GLU A 60 11.81 5.50 2.72
N GLU A 61 11.95 4.19 2.64
CA GLU A 61 10.80 3.29 2.64
C GLU A 61 10.13 3.26 4.01
N GLN A 62 8.94 3.84 4.09
CA GLN A 62 8.20 3.89 5.34
C GLN A 62 6.84 3.21 5.19
N ARG A 63 6.36 2.61 6.28
CA ARG A 63 5.08 1.92 6.27
C ARG A 63 4.04 2.69 7.10
N ILE A 64 2.83 2.80 6.56
CA ILE A 64 1.76 3.51 7.26
C ILE A 64 0.66 2.55 7.69
N THR A 65 0.12 2.76 8.88
CA THR A 65 -0.94 1.92 9.41
C THR A 65 -2.29 2.29 8.82
N ILE A 66 -2.68 1.61 7.75
CA ILE A 66 -3.95 1.88 7.09
C ILE A 66 -5.04 0.92 7.58
N GLU A 67 -6.25 1.44 7.74
CA GLU A 67 -7.37 0.63 8.20
C GLU A 67 -7.78 -0.38 7.15
N PRO A 68 -8.20 -1.57 7.60
CA PRO A 68 -8.63 -2.65 6.71
C PRO A 68 -9.95 -2.34 6.00
N GLY A 69 -9.87 -1.60 4.91
CA GLY A 69 -11.07 -1.24 4.17
C GLY A 69 -10.91 -1.47 2.68
N THR A 70 -11.21 -0.44 1.89
CA THR A 70 -11.11 -0.53 0.43
C THR A 70 -10.25 0.60 -0.12
N SER A 71 -10.36 1.78 0.48
CA SER A 71 -9.60 2.94 0.04
C SER A 71 -9.09 3.74 1.24
N TYR A 72 -8.11 4.61 0.99
CA TYR A 72 -7.54 5.43 2.05
C TYR A 72 -7.03 6.75 1.48
N ARG A 73 -7.17 7.82 2.27
CA ARG A 73 -6.72 9.14 1.86
C ARG A 73 -5.53 9.60 2.69
N LEU A 74 -4.34 9.58 2.09
CA LEU A 74 -3.13 10.01 2.77
C LEU A 74 -2.98 11.53 2.73
N GLN A 75 -2.74 12.12 3.90
CA GLN A 75 -2.58 13.57 3.99
C GLN A 75 -1.22 13.92 4.58
N GLY A 76 -0.66 15.04 4.15
CA GLY A 76 0.63 15.47 4.65
C GLY A 76 1.76 15.22 3.65
N LEU A 77 1.74 15.96 2.56
CA LEU A 77 2.76 15.81 1.51
C LEU A 77 3.10 17.16 0.90
N LYS A 78 4.16 17.19 0.08
CA LYS A 78 4.59 18.41 -0.58
C LYS A 78 4.01 18.50 -1.98
N PRO A 79 3.67 19.72 -2.40
CA PRO A 79 3.11 19.98 -3.73
C PRO A 79 4.12 19.78 -4.85
N ASN A 80 3.65 19.35 -6.01
CA ASN A 80 4.52 19.11 -7.16
C ASN A 80 5.73 18.28 -6.76
N SER A 81 5.47 17.12 -6.15
CA SER A 81 6.54 16.24 -5.72
C SER A 81 6.16 14.77 -5.95
N LEU A 82 7.12 13.98 -6.40
CA LEU A 82 6.90 12.57 -6.67
C LEU A 82 6.99 11.75 -5.38
N TYR A 83 6.11 10.77 -5.25
CA TYR A 83 6.10 9.91 -4.07
C TYR A 83 5.64 8.50 -4.42
N TYR A 84 6.54 7.53 -4.26
CA TYR A 84 6.24 6.14 -4.56
C TYR A 84 5.26 5.56 -3.54
N PHE A 85 4.54 4.52 -3.94
CA PHE A 85 3.57 3.87 -3.05
C PHE A 85 3.47 2.38 -3.37
N ARG A 86 3.12 1.59 -2.36
CA ARG A 86 2.98 0.16 -2.53
C ARG A 86 2.08 -0.44 -1.45
N LEU A 87 0.98 -1.03 -1.86
CA LEU A 87 0.03 -1.64 -0.93
C LEU A 87 0.37 -3.11 -0.69
N ALA A 88 0.22 -3.55 0.56
CA ALA A 88 0.50 -4.94 0.92
C ALA A 88 -0.34 -5.37 2.11
N ALA A 89 -1.33 -6.21 1.86
CA ALA A 89 -2.21 -6.71 2.91
C ALA A 89 -1.40 -7.25 4.09
N ARG A 90 -1.85 -6.94 5.30
CA ARG A 90 -1.17 -7.39 6.51
C ARG A 90 -2.11 -8.18 7.40
N SER A 91 -1.75 -9.44 7.68
CA SER A 91 -2.57 -10.30 8.51
C SER A 91 -1.79 -10.74 9.76
N PRO A 92 -2.53 -11.05 10.83
CA PRO A 92 -1.94 -11.49 12.09
C PRO A 92 -1.33 -12.88 12.00
N GLN A 93 -1.55 -13.54 10.87
CA GLN A 93 -1.01 -14.88 10.66
C GLN A 93 0.28 -14.83 9.85
N GLY A 94 0.46 -13.75 9.09
CA GLY A 94 1.66 -13.60 8.29
C GLY A 94 1.49 -12.56 7.19
N LEU A 95 2.56 -11.81 6.93
CA LEU A 95 2.53 -10.78 5.90
C LEU A 95 2.26 -11.38 4.53
N GLY A 96 1.64 -10.60 3.65
CA GLY A 96 1.33 -11.07 2.31
C GLY A 96 2.30 -10.56 1.27
N ALA A 97 1.78 -10.16 0.12
CA ALA A 97 2.61 -9.64 -0.96
C ALA A 97 2.34 -8.16 -1.20
N SER A 98 3.26 -7.50 -1.88
CA SER A 98 3.13 -6.08 -2.18
C SER A 98 2.77 -5.86 -3.65
N THR A 99 1.88 -4.91 -3.90
CA THR A 99 1.45 -4.59 -5.26
C THR A 99 2.55 -3.88 -6.03
N ALA A 100 2.46 -3.92 -7.35
CA ALA A 100 3.45 -3.27 -8.21
C ALA A 100 3.82 -1.90 -7.67
N GLU A 101 5.02 -1.43 -8.01
CA GLU A 101 5.50 -0.14 -7.56
C GLU A 101 4.88 0.99 -8.38
N ILE A 102 4.05 1.80 -7.74
CA ILE A 102 3.39 2.91 -8.41
C ILE A 102 3.69 4.23 -7.72
N SER A 103 3.52 5.33 -8.45
CA SER A 103 3.78 6.66 -7.90
C SER A 103 2.75 7.66 -8.43
N ALA A 104 2.59 8.77 -7.70
CA ALA A 104 1.65 9.81 -8.08
C ALA A 104 2.24 11.20 -7.85
N ARG A 105 1.95 12.12 -8.76
CA ARG A 105 2.44 13.48 -8.65
C ARG A 105 1.37 14.41 -8.08
N THR A 106 1.75 15.17 -7.06
CA THR A 106 0.82 16.10 -6.41
C THR A 106 0.54 17.30 -7.32
N MET A 107 -0.55 18.01 -7.03
CA MET A 107 -0.92 19.18 -7.80
C MET A 107 0.17 20.24 -7.76
N GLN A 108 0.08 21.23 -8.65
CA GLN A 108 1.07 22.30 -8.71
C GLN A 108 0.60 23.50 -7.89
N SER A 109 0.96 23.51 -6.61
CA SER A 109 0.58 24.61 -5.72
C SER A 109 1.40 25.85 -6.02
N SER A 110 0.77 27.02 -5.84
CA SER A 110 1.43 28.29 -6.09
C SER A 110 1.74 29.01 -4.78
N GLY A 111 2.79 29.82 -4.80
CA GLY A 111 3.17 30.56 -3.61
C GLY A 111 3.25 32.06 -3.85
N PRO A 112 2.08 32.72 -3.81
CA PRO A 112 1.99 34.17 -4.03
C PRO A 112 2.59 34.96 -2.89
N SER A 113 3.44 35.93 -3.23
CA SER A 113 4.09 36.78 -2.23
C SER A 113 3.69 38.24 -2.39
N SER A 114 4.28 39.10 -1.59
CA SER A 114 3.98 40.53 -1.64
C SER A 114 5.22 41.33 -2.07
N GLY A 115 5.02 42.23 -3.02
CA GLY A 115 6.12 43.04 -3.50
C GLY A 115 6.46 42.76 -4.95
N GLY A 1 3.68 2.27 -19.37
CA GLY A 1 4.55 1.22 -18.83
C GLY A 1 4.53 1.18 -17.31
N SER A 2 5.51 1.81 -16.69
CA SER A 2 5.60 1.83 -15.24
C SER A 2 5.46 0.42 -14.65
N SER A 3 6.06 -0.55 -15.32
CA SER A 3 6.00 -1.94 -14.89
C SER A 3 7.39 -2.46 -14.54
N GLY A 4 7.44 -3.66 -13.95
CA GLY A 4 8.70 -4.25 -13.58
C GLY A 4 8.55 -5.33 -12.53
N SER A 5 9.37 -6.37 -12.63
CA SER A 5 9.32 -7.48 -11.68
C SER A 5 10.56 -7.49 -10.79
N SER A 6 10.43 -8.10 -9.62
CA SER A 6 11.54 -8.17 -8.67
C SER A 6 11.22 -9.14 -7.53
N GLY A 7 12.09 -10.10 -7.30
CA GLY A 7 11.88 -11.06 -6.24
C GLY A 7 13.04 -11.12 -5.26
N ASP A 8 13.58 -12.32 -5.07
CA ASP A 8 14.71 -12.51 -4.16
C ASP A 8 15.31 -13.90 -4.32
N ILE A 9 16.41 -14.14 -3.62
CA ILE A 9 17.08 -15.44 -3.68
C ILE A 9 16.36 -16.48 -2.83
N GLN A 10 16.29 -16.23 -1.53
CA GLN A 10 15.62 -17.15 -0.61
C GLN A 10 14.10 -16.92 -0.63
N VAL A 11 13.42 -17.66 -1.50
CA VAL A 11 11.97 -17.56 -1.61
C VAL A 11 11.29 -18.90 -1.41
N ILE A 12 10.27 -18.93 -0.58
CA ILE A 12 9.53 -20.16 -0.30
C ILE A 12 8.03 -19.96 -0.47
N THR A 13 7.31 -21.05 -0.69
CA THR A 13 5.86 -21.00 -0.87
C THR A 13 5.14 -21.41 0.40
N GLN A 14 4.18 -20.58 0.83
CA GLN A 14 3.41 -20.86 2.03
C GLN A 14 2.04 -20.20 1.96
N THR A 15 0.99 -21.02 1.91
CA THR A 15 -0.37 -20.51 1.84
C THR A 15 -0.78 -19.86 3.15
N GLY A 16 -1.86 -19.09 3.12
CA GLY A 16 -2.33 -18.42 4.31
C GLY A 16 -2.43 -16.92 4.14
N VAL A 17 -1.28 -16.25 4.23
CA VAL A 17 -1.23 -14.79 4.08
C VAL A 17 -2.18 -14.32 2.98
N PRO A 18 -2.75 -13.12 3.17
CA PRO A 18 -3.69 -12.53 2.22
C PRO A 18 -3.00 -12.11 0.92
N GLY A 19 -3.60 -12.46 -0.21
CA GLY A 19 -3.03 -12.10 -1.50
C GLY A 19 -3.19 -10.62 -1.81
N GLN A 20 -2.12 -10.02 -2.32
CA GLN A 20 -2.14 -8.59 -2.66
C GLN A 20 -3.44 -8.22 -3.36
N PRO A 21 -3.95 -7.01 -3.07
CA PRO A 21 -5.19 -6.51 -3.66
C PRO A 21 -5.04 -6.20 -5.15
N LEU A 22 -6.17 -6.08 -5.83
CA LEU A 22 -6.17 -5.78 -7.26
C LEU A 22 -6.63 -4.34 -7.52
N ASN A 23 -6.73 -3.99 -8.80
CA ASN A 23 -7.16 -2.64 -9.18
C ASN A 23 -6.48 -1.59 -8.32
N PHE A 24 -5.16 -1.68 -8.22
CA PHE A 24 -4.38 -0.72 -7.43
C PHE A 24 -3.93 0.46 -8.28
N LYS A 25 -4.36 1.66 -7.90
CA LYS A 25 -4.00 2.86 -8.62
C LYS A 25 -3.86 4.05 -7.68
N ALA A 26 -2.92 4.93 -7.97
CA ALA A 26 -2.69 6.11 -7.15
C ALA A 26 -2.97 7.40 -7.93
N GLU A 27 -3.82 8.25 -7.37
CA GLU A 27 -4.18 9.50 -8.02
C GLU A 27 -4.14 10.66 -7.01
N PRO A 28 -3.55 11.79 -7.44
CA PRO A 28 -3.43 12.99 -6.60
C PRO A 28 -4.78 13.66 -6.36
N GLU A 29 -5.39 13.35 -5.21
CA GLU A 29 -6.69 13.93 -4.87
C GLU A 29 -6.53 15.40 -4.48
N SER A 30 -5.32 15.78 -4.09
CA SER A 30 -5.05 17.15 -3.67
C SER A 30 -3.57 17.50 -3.88
N GLU A 31 -3.19 18.69 -3.46
CA GLU A 31 -1.81 19.14 -3.58
C GLU A 31 -0.95 18.59 -2.46
N THR A 32 -1.59 18.23 -1.36
CA THR A 32 -0.88 17.69 -0.20
C THR A 32 -1.47 16.36 0.23
N SER A 33 -2.51 15.92 -0.47
CA SER A 33 -3.18 14.65 -0.16
C SER A 33 -3.30 13.79 -1.41
N ILE A 34 -3.32 12.47 -1.20
CA ILE A 34 -3.44 11.53 -2.31
C ILE A 34 -4.38 10.39 -1.95
N LEU A 35 -5.27 10.05 -2.88
CA LEU A 35 -6.24 8.98 -2.67
C LEU A 35 -5.81 7.71 -3.43
N LEU A 36 -5.94 6.56 -2.79
CA LEU A 36 -5.59 5.30 -3.40
C LEU A 36 -6.80 4.40 -3.58
N SER A 37 -6.86 3.69 -4.70
CA SER A 37 -7.98 2.81 -4.99
C SER A 37 -7.50 1.37 -5.19
N TRP A 38 -7.95 0.47 -4.31
CA TRP A 38 -7.57 -0.93 -4.40
C TRP A 38 -8.76 -1.84 -4.11
N THR A 39 -8.66 -3.10 -4.54
CA THR A 39 -9.72 -4.06 -4.32
C THR A 39 -9.25 -5.22 -3.46
N PRO A 40 -9.93 -5.43 -2.32
CA PRO A 40 -9.60 -6.51 -1.38
C PRO A 40 -9.92 -7.89 -1.94
N PRO A 41 -9.03 -8.85 -1.68
CA PRO A 41 -9.21 -10.23 -2.15
C PRO A 41 -10.35 -10.96 -1.43
N ARG A 42 -10.54 -12.23 -1.76
CA ARG A 42 -11.60 -13.02 -1.15
C ARG A 42 -11.48 -13.02 0.36
N SER A 43 -10.24 -13.04 0.87
CA SER A 43 -9.99 -13.05 2.30
C SER A 43 -10.89 -12.04 3.01
N ASP A 44 -11.50 -12.47 4.11
CA ASP A 44 -12.38 -11.61 4.89
C ASP A 44 -11.70 -11.15 6.17
N THR A 45 -10.78 -11.96 6.68
CA THR A 45 -10.06 -11.63 7.89
C THR A 45 -8.74 -10.90 7.58
N ILE A 46 -8.76 -9.59 7.71
CA ILE A 46 -7.57 -8.78 7.45
C ILE A 46 -7.37 -7.72 8.54
N ALA A 47 -6.23 -7.80 9.22
CA ALA A 47 -5.91 -6.84 10.27
C ALA A 47 -5.88 -5.42 9.74
N ASN A 48 -5.08 -5.19 8.71
CA ASN A 48 -4.95 -3.87 8.11
C ASN A 48 -4.04 -3.90 6.89
N TYR A 49 -3.78 -2.74 6.31
CA TYR A 49 -2.91 -2.63 5.14
C TYR A 49 -1.66 -1.83 5.46
N GLU A 50 -0.64 -2.01 4.64
CA GLU A 50 0.63 -1.31 4.83
C GLU A 50 0.98 -0.48 3.59
N LEU A 51 1.25 0.81 3.80
CA LEU A 51 1.60 1.71 2.71
C LEU A 51 3.05 2.17 2.84
N VAL A 52 3.92 1.61 2.00
CA VAL A 52 5.33 1.97 2.02
C VAL A 52 5.63 3.05 0.99
N TYR A 53 5.85 4.28 1.48
CA TYR A 53 6.15 5.41 0.61
C TYR A 53 7.51 6.00 0.93
N LYS A 54 8.09 6.69 -0.04
CA LYS A 54 9.40 7.32 0.13
C LYS A 54 9.54 8.54 -0.75
N ASP A 55 10.26 9.55 -0.26
CA ASP A 55 10.48 10.77 -1.01
C ASP A 55 11.32 10.51 -2.25
N GLY A 56 10.67 10.43 -3.41
CA GLY A 56 11.38 10.19 -4.65
C GLY A 56 11.85 8.76 -4.77
N GLU A 57 12.96 8.56 -5.47
CA GLU A 57 13.51 7.22 -5.66
C GLU A 57 14.54 6.90 -4.59
N HIS A 58 15.29 7.92 -4.18
CA HIS A 58 16.32 7.74 -3.15
C HIS A 58 15.80 8.19 -1.79
N GLY A 59 14.48 8.12 -1.61
CA GLY A 59 13.88 8.52 -0.35
C GLY A 59 13.77 7.37 0.63
N GLU A 60 13.65 7.71 1.91
CA GLU A 60 13.55 6.69 2.96
C GLU A 60 12.19 6.01 2.92
N GLU A 61 12.19 4.69 3.13
CA GLU A 61 10.95 3.91 3.12
C GLU A 61 10.22 4.04 4.45
N GLN A 62 9.09 4.74 4.44
CA GLN A 62 8.29 4.93 5.64
C GLN A 62 7.05 4.06 5.61
N ARG A 63 6.92 3.18 6.61
CA ARG A 63 5.77 2.30 6.70
C ARG A 63 4.64 2.94 7.50
N ILE A 64 3.47 3.02 6.89
CA ILE A 64 2.31 3.61 7.55
C ILE A 64 1.24 2.55 7.84
N THR A 65 0.67 2.62 9.04
CA THR A 65 -0.36 1.67 9.45
C THR A 65 -1.73 2.10 8.93
N ILE A 66 -2.27 1.32 7.99
CA ILE A 66 -3.57 1.62 7.40
C ILE A 66 -4.65 0.72 8.00
N GLU A 67 -5.85 0.82 7.46
CA GLU A 67 -6.97 0.01 7.93
C GLU A 67 -7.44 -0.97 6.85
N PRO A 68 -7.95 -2.12 7.28
CA PRO A 68 -8.44 -3.16 6.37
C PRO A 68 -9.71 -2.74 5.64
N GLY A 69 -9.55 -1.95 4.59
CA GLY A 69 -10.70 -1.48 3.83
C GLY A 69 -10.51 -1.69 2.34
N THR A 70 -10.76 -0.63 1.56
CA THR A 70 -10.62 -0.70 0.11
C THR A 70 -9.81 0.48 -0.42
N SER A 71 -9.97 1.63 0.22
CA SER A 71 -9.26 2.84 -0.19
C SER A 71 -8.79 3.63 1.03
N TYR A 72 -7.65 4.31 0.88
CA TYR A 72 -7.09 5.11 1.96
C TYR A 72 -6.68 6.49 1.47
N ARG A 73 -6.93 7.51 2.29
CA ARG A 73 -6.59 8.88 1.93
C ARG A 73 -5.36 9.35 2.70
N LEU A 74 -4.22 9.41 2.01
CA LEU A 74 -2.97 9.84 2.63
C LEU A 74 -2.82 11.36 2.56
N GLN A 75 -2.40 11.96 3.66
CA GLN A 75 -2.21 13.41 3.73
C GLN A 75 -0.85 13.76 4.32
N GLY A 76 -0.42 14.99 4.10
CA GLY A 76 0.87 15.43 4.62
C GLY A 76 2.00 15.25 3.62
N LEU A 77 1.85 15.87 2.45
CA LEU A 77 2.88 15.77 1.41
C LEU A 77 3.16 17.14 0.79
N LYS A 78 4.16 17.19 -0.07
CA LYS A 78 4.53 18.43 -0.74
C LYS A 78 4.03 18.46 -2.17
N PRO A 79 3.61 19.64 -2.64
CA PRO A 79 3.10 19.82 -3.99
C PRO A 79 4.19 19.69 -5.05
N ASN A 80 3.78 19.49 -6.30
CA ASN A 80 4.73 19.35 -7.40
C ASN A 80 5.92 18.50 -6.99
N SER A 81 5.63 17.32 -6.43
CA SER A 81 6.68 16.41 -5.99
C SER A 81 6.25 14.96 -6.14
N LEU A 82 7.16 14.12 -6.64
CA LEU A 82 6.87 12.71 -6.83
C LEU A 82 6.96 11.94 -5.51
N TYR A 83 6.16 10.88 -5.40
CA TYR A 83 6.14 10.07 -4.18
C TYR A 83 5.71 8.63 -4.49
N TYR A 84 6.58 7.68 -4.16
CA TYR A 84 6.30 6.28 -4.40
C TYR A 84 5.33 5.73 -3.36
N PHE A 85 4.60 4.66 -3.73
CA PHE A 85 3.63 4.05 -2.82
C PHE A 85 3.54 2.54 -3.08
N ARG A 86 3.34 1.78 -2.01
CA ARG A 86 3.23 0.33 -2.12
C ARG A 86 2.26 -0.22 -1.08
N LEU A 87 1.20 -0.86 -1.55
CA LEU A 87 0.19 -1.43 -0.66
C LEU A 87 0.40 -2.93 -0.50
N ALA A 88 0.25 -3.42 0.73
CA ALA A 88 0.41 -4.84 1.02
C ALA A 88 -0.45 -5.27 2.20
N ALA A 89 -1.53 -5.99 1.89
CA ALA A 89 -2.44 -6.45 2.92
C ALA A 89 -1.68 -7.10 4.09
N ARG A 90 -2.14 -6.83 5.30
CA ARG A 90 -1.50 -7.38 6.49
C ARG A 90 -2.47 -8.26 7.27
N SER A 91 -1.96 -9.36 7.81
CA SER A 91 -2.77 -10.29 8.57
C SER A 91 -2.09 -10.67 9.88
N PRO A 92 -2.90 -11.04 10.89
CA PRO A 92 -2.38 -11.44 12.21
C PRO A 92 -1.66 -12.78 12.18
N GLN A 93 -1.54 -13.35 10.97
CA GLN A 93 -0.86 -14.63 10.82
C GLN A 93 0.47 -14.45 10.10
N GLY A 94 0.55 -13.43 9.25
CA GLY A 94 1.77 -13.16 8.51
C GLY A 94 1.57 -12.20 7.37
N LEU A 95 2.58 -11.39 7.08
CA LEU A 95 2.51 -10.41 6.00
C LEU A 95 2.38 -11.10 4.65
N GLY A 96 1.64 -10.49 3.73
CA GLY A 96 1.46 -11.05 2.41
C GLY A 96 2.36 -10.41 1.38
N ALA A 97 1.81 -10.11 0.21
CA ALA A 97 2.57 -9.48 -0.87
C ALA A 97 2.08 -8.06 -1.14
N SER A 98 2.90 -7.28 -1.80
CA SER A 98 2.56 -5.89 -2.12
C SER A 98 2.30 -5.73 -3.62
N THR A 99 1.40 -4.83 -3.96
CA THR A 99 1.06 -4.57 -5.35
C THR A 99 2.24 -3.96 -6.11
N ALA A 100 2.04 -3.69 -7.39
CA ALA A 100 3.09 -3.11 -8.22
C ALA A 100 3.47 -1.71 -7.73
N GLU A 101 4.76 -1.42 -7.74
CA GLU A 101 5.25 -0.11 -7.29
C GLU A 101 4.70 1.00 -8.16
N ILE A 102 3.84 1.83 -7.58
CA ILE A 102 3.24 2.95 -8.30
C ILE A 102 3.46 4.26 -7.57
N SER A 103 3.47 5.36 -8.32
CA SER A 103 3.67 6.69 -7.74
C SER A 103 2.70 7.70 -8.36
N ALA A 104 2.48 8.79 -7.64
CA ALA A 104 1.58 9.84 -8.10
C ALA A 104 2.18 11.22 -7.87
N ARG A 105 1.89 12.15 -8.78
CA ARG A 105 2.40 13.51 -8.68
C ARG A 105 1.35 14.44 -8.08
N THR A 106 1.68 15.06 -6.96
CA THR A 106 0.76 15.97 -6.28
C THR A 106 0.36 17.12 -7.19
N MET A 107 -0.72 17.80 -6.84
CA MET A 107 -1.21 18.92 -7.64
C MET A 107 -0.30 20.14 -7.49
N GLN A 108 0.29 20.58 -8.59
CA GLN A 108 1.18 21.73 -8.57
C GLN A 108 0.50 22.93 -7.95
N SER A 109 1.03 23.38 -6.81
CA SER A 109 0.47 24.53 -6.11
C SER A 109 1.04 25.83 -6.65
N SER A 110 0.25 26.54 -7.45
CA SER A 110 0.67 27.80 -8.04
C SER A 110 -0.18 28.96 -7.54
N GLY A 111 0.28 29.61 -6.47
CA GLY A 111 -0.46 30.73 -5.92
C GLY A 111 0.43 31.70 -5.18
N PRO A 112 1.24 32.45 -5.92
CA PRO A 112 2.17 33.44 -5.34
C PRO A 112 1.44 34.64 -4.75
N SER A 113 0.12 34.66 -4.91
CA SER A 113 -0.70 35.76 -4.39
C SER A 113 -0.47 35.94 -2.89
N SER A 114 -0.57 37.17 -2.43
CA SER A 114 -0.38 37.48 -1.00
C SER A 114 -1.20 36.54 -0.13
N GLY A 115 -0.53 35.87 0.79
CA GLY A 115 -1.21 34.94 1.68
C GLY A 115 -0.82 35.15 3.13
N GLY A 1 0.13 -39.64 -13.53
CA GLY A 1 0.86 -38.69 -12.71
C GLY A 1 1.10 -39.20 -11.31
N SER A 2 2.35 -39.14 -10.86
CA SER A 2 2.70 -39.62 -9.53
C SER A 2 3.13 -38.45 -8.63
N SER A 3 4.10 -37.68 -9.11
CA SER A 3 4.61 -36.54 -8.35
C SER A 3 3.93 -35.25 -8.81
N GLY A 4 3.81 -34.30 -7.88
CA GLY A 4 3.17 -33.04 -8.20
C GLY A 4 4.10 -31.85 -7.99
N SER A 5 3.63 -30.66 -8.33
CA SER A 5 4.43 -29.45 -8.19
C SER A 5 3.62 -28.35 -7.50
N SER A 6 4.26 -27.61 -6.61
CA SER A 6 3.60 -26.52 -5.89
C SER A 6 4.08 -25.17 -6.39
N GLY A 7 5.40 -24.99 -6.43
CA GLY A 7 5.96 -23.73 -6.89
C GLY A 7 7.39 -23.52 -6.42
N ASP A 8 8.13 -22.69 -7.14
CA ASP A 8 9.51 -22.40 -6.79
C ASP A 8 9.60 -21.60 -5.50
N ILE A 9 9.46 -22.28 -4.37
CA ILE A 9 9.52 -21.64 -3.07
C ILE A 9 10.37 -22.44 -2.09
N GLN A 10 11.47 -21.84 -1.63
CA GLN A 10 12.36 -22.50 -0.70
C GLN A 10 12.18 -21.96 0.72
N VAL A 11 10.92 -21.73 1.10
CA VAL A 11 10.61 -21.21 2.42
C VAL A 11 9.13 -21.37 2.74
N ILE A 12 8.83 -21.68 4.00
CA ILE A 12 7.45 -21.86 4.44
C ILE A 12 6.97 -20.67 5.25
N THR A 13 7.37 -19.48 4.84
CA THR A 13 6.98 -18.26 5.54
C THR A 13 5.61 -17.78 5.08
N GLN A 14 4.76 -18.72 4.71
CA GLN A 14 3.41 -18.40 4.25
C GLN A 14 2.36 -19.28 4.94
N THR A 15 1.59 -18.68 5.84
CA THR A 15 0.57 -19.40 6.57
C THR A 15 -0.81 -18.76 6.38
N GLY A 16 -1.47 -19.12 5.28
CA GLY A 16 -2.79 -18.57 5.01
C GLY A 16 -2.76 -17.06 4.84
N VAL A 17 -1.61 -16.54 4.42
CA VAL A 17 -1.45 -15.10 4.22
C VAL A 17 -2.33 -14.61 3.08
N PRO A 18 -2.85 -13.39 3.22
CA PRO A 18 -3.73 -12.77 2.20
C PRO A 18 -2.96 -12.40 0.94
N GLY A 19 -3.67 -12.37 -0.19
CA GLY A 19 -3.04 -12.03 -1.45
C GLY A 19 -3.24 -10.57 -1.82
N GLN A 20 -2.16 -9.93 -2.25
CA GLN A 20 -2.22 -8.52 -2.63
C GLN A 20 -3.55 -8.19 -3.28
N PRO A 21 -4.01 -6.94 -3.09
CA PRO A 21 -5.29 -6.47 -3.64
C PRO A 21 -5.24 -6.32 -5.15
N LEU A 22 -6.39 -6.06 -5.76
CA LEU A 22 -6.48 -5.89 -7.20
C LEU A 22 -6.93 -4.47 -7.56
N ASN A 23 -6.79 -4.12 -8.83
CA ASN A 23 -7.18 -2.80 -9.30
C ASN A 23 -6.47 -1.70 -8.51
N PHE A 24 -5.21 -1.94 -8.19
CA PHE A 24 -4.42 -0.98 -7.43
C PHE A 24 -3.94 0.15 -8.32
N LYS A 25 -4.27 1.38 -7.94
CA LYS A 25 -3.87 2.56 -8.71
C LYS A 25 -3.63 3.75 -7.79
N ALA A 26 -2.55 4.49 -8.05
CA ALA A 26 -2.22 5.66 -7.25
C ALA A 26 -2.47 6.95 -8.02
N GLU A 27 -3.25 7.85 -7.42
CA GLU A 27 -3.57 9.12 -8.05
C GLU A 27 -3.63 10.24 -7.02
N PRO A 28 -3.29 11.47 -7.47
CA PRO A 28 -3.30 12.65 -6.59
C PRO A 28 -4.71 13.06 -6.19
N GLU A 29 -4.86 13.48 -4.94
CA GLU A 29 -6.16 13.91 -4.43
C GLU A 29 -6.11 15.37 -3.96
N SER A 30 -4.91 15.83 -3.64
CA SER A 30 -4.73 17.21 -3.19
C SER A 30 -3.27 17.62 -3.28
N GLU A 31 -3.01 18.91 -3.08
CA GLU A 31 -1.64 19.44 -3.15
C GLU A 31 -0.74 18.73 -2.14
N THR A 32 -1.32 18.32 -1.02
CA THR A 32 -0.57 17.63 0.02
C THR A 32 -1.27 16.34 0.45
N SER A 33 -2.20 15.87 -0.38
CA SER A 33 -2.95 14.66 -0.08
C SER A 33 -3.11 13.80 -1.33
N ILE A 34 -3.29 12.50 -1.13
CA ILE A 34 -3.46 11.57 -2.24
C ILE A 34 -4.41 10.43 -1.87
N LEU A 35 -5.31 10.11 -2.79
CA LEU A 35 -6.27 9.03 -2.56
C LEU A 35 -5.94 7.80 -3.39
N LEU A 36 -5.98 6.64 -2.76
CA LEU A 36 -5.68 5.38 -3.44
C LEU A 36 -6.93 4.53 -3.61
N SER A 37 -6.98 3.77 -4.69
CA SER A 37 -8.13 2.91 -4.97
C SER A 37 -7.69 1.47 -5.20
N TRP A 38 -8.08 0.59 -4.29
CA TRP A 38 -7.73 -0.83 -4.41
C TRP A 38 -8.91 -1.72 -4.08
N THR A 39 -8.86 -2.96 -4.53
CA THR A 39 -9.94 -3.91 -4.29
C THR A 39 -9.47 -5.08 -3.43
N PRO A 40 -10.12 -5.28 -2.28
CA PRO A 40 -9.78 -6.36 -1.35
C PRO A 40 -10.14 -7.74 -1.90
N PRO A 41 -9.29 -8.73 -1.63
CA PRO A 41 -9.48 -10.11 -2.08
C PRO A 41 -10.65 -10.79 -1.37
N ARG A 42 -10.73 -12.11 -1.50
CA ARG A 42 -11.79 -12.88 -0.86
C ARG A 42 -11.58 -12.96 0.65
N SER A 43 -10.32 -13.02 1.05
CA SER A 43 -9.98 -13.10 2.47
C SER A 43 -10.80 -12.10 3.28
N ASP A 44 -11.84 -12.59 3.95
CA ASP A 44 -12.70 -11.74 4.77
C ASP A 44 -11.95 -11.25 6.00
N THR A 45 -10.90 -11.97 6.39
CA THR A 45 -10.12 -11.60 7.56
C THR A 45 -8.88 -10.80 7.16
N ILE A 46 -8.85 -9.53 7.56
CA ILE A 46 -7.74 -8.65 7.25
C ILE A 46 -7.50 -7.64 8.37
N ALA A 47 -6.32 -7.71 8.97
CA ALA A 47 -5.97 -6.78 10.05
C ALA A 47 -5.92 -5.35 9.56
N ASN A 48 -5.12 -5.12 8.51
CA ASN A 48 -4.98 -3.78 7.94
C ASN A 48 -4.09 -3.80 6.71
N TYR A 49 -3.81 -2.63 6.17
CA TYR A 49 -2.96 -2.51 4.99
C TYR A 49 -1.69 -1.74 5.29
N GLU A 50 -0.63 -2.02 4.53
CA GLU A 50 0.65 -1.35 4.73
C GLU A 50 1.03 -0.53 3.50
N LEU A 51 1.33 0.75 3.71
CA LEU A 51 1.71 1.64 2.62
C LEU A 51 3.15 2.11 2.78
N VAL A 52 4.04 1.61 1.93
CA VAL A 52 5.44 1.99 1.98
C VAL A 52 5.73 3.14 1.02
N TYR A 53 5.74 4.36 1.56
CA TYR A 53 6.01 5.54 0.75
C TYR A 53 7.38 6.13 1.07
N LYS A 54 7.98 6.78 0.08
CA LYS A 54 9.30 7.39 0.26
C LYS A 54 9.44 8.63 -0.61
N ASP A 55 10.00 9.69 -0.02
CA ASP A 55 10.19 10.94 -0.74
C ASP A 55 11.00 10.72 -2.02
N GLY A 56 10.29 10.66 -3.15
CA GLY A 56 10.96 10.45 -4.42
C GLY A 56 11.63 9.09 -4.50
N GLU A 57 12.81 9.06 -5.13
CA GLU A 57 13.57 7.82 -5.27
C GLU A 57 14.55 7.65 -4.12
N HIS A 58 15.20 8.74 -3.72
CA HIS A 58 16.16 8.71 -2.64
C HIS A 58 15.46 8.74 -1.28
N GLY A 59 14.15 8.96 -1.30
CA GLY A 59 13.38 9.02 -0.07
C GLY A 59 13.56 7.78 0.78
N GLU A 60 13.31 7.91 2.07
CA GLU A 60 13.45 6.79 3.00
C GLU A 60 12.14 6.02 3.12
N GLU A 61 12.23 4.69 2.99
CA GLU A 61 11.05 3.84 3.08
C GLU A 61 10.29 4.09 4.37
N GLN A 62 9.09 4.64 4.26
CA GLN A 62 8.26 4.94 5.42
C GLN A 62 7.01 4.07 5.43
N ARG A 63 6.97 3.10 6.34
CA ARG A 63 5.83 2.20 6.44
C ARG A 63 4.71 2.85 7.24
N ILE A 64 3.53 2.95 6.63
CA ILE A 64 2.37 3.54 7.29
C ILE A 64 1.32 2.50 7.61
N THR A 65 0.73 2.59 8.79
CA THR A 65 -0.30 1.66 9.22
C THR A 65 -1.68 2.11 8.76
N ILE A 66 -2.24 1.37 7.81
CA ILE A 66 -3.56 1.70 7.28
C ILE A 66 -4.63 0.78 7.87
N GLU A 67 -5.86 0.91 7.37
CA GLU A 67 -6.96 0.09 7.85
C GLU A 67 -7.45 -0.87 6.77
N PRO A 68 -8.00 -2.02 7.20
CA PRO A 68 -8.50 -3.04 6.27
C PRO A 68 -9.77 -2.59 5.55
N GLY A 69 -9.59 -1.79 4.51
CA GLY A 69 -10.72 -1.30 3.74
C GLY A 69 -10.54 -1.50 2.25
N THR A 70 -10.97 -0.51 1.46
CA THR A 70 -10.86 -0.57 0.02
C THR A 70 -10.19 0.68 -0.54
N SER A 71 -9.95 1.65 0.33
CA SER A 71 -9.32 2.91 -0.07
C SER A 71 -8.74 3.63 1.13
N TYR A 72 -7.80 4.53 0.87
CA TYR A 72 -7.16 5.30 1.94
C TYR A 72 -6.74 6.68 1.43
N ARG A 73 -6.78 7.67 2.32
CA ARG A 73 -6.41 9.03 1.98
C ARG A 73 -5.14 9.45 2.71
N LEU A 74 -4.03 9.51 1.98
CA LEU A 74 -2.76 9.89 2.57
C LEU A 74 -2.60 11.42 2.59
N GLN A 75 -2.32 11.96 3.77
CA GLN A 75 -2.14 13.40 3.91
C GLN A 75 -0.77 13.73 4.51
N GLY A 76 -0.32 14.96 4.29
CA GLY A 76 0.96 15.38 4.81
C GLY A 76 2.09 15.14 3.81
N LEU A 77 2.08 15.89 2.73
CA LEU A 77 3.10 15.77 1.69
C LEU A 77 3.42 17.12 1.06
N LYS A 78 4.35 17.12 0.12
CA LYS A 78 4.74 18.34 -0.56
C LYS A 78 4.11 18.42 -1.96
N PRO A 79 3.73 19.64 -2.37
CA PRO A 79 3.13 19.88 -3.67
C PRO A 79 4.11 19.69 -4.83
N ASN A 80 3.59 19.41 -6.01
CA ASN A 80 4.42 19.20 -7.19
C ASN A 80 5.64 18.35 -6.85
N SER A 81 5.41 17.26 -6.12
CA SER A 81 6.49 16.37 -5.72
C SER A 81 6.09 14.90 -5.90
N LEU A 82 6.99 14.10 -6.43
CA LEU A 82 6.73 12.68 -6.66
C LEU A 82 6.86 11.89 -5.36
N TYR A 83 5.94 10.97 -5.14
CA TYR A 83 5.96 10.13 -3.94
C TYR A 83 5.55 8.70 -4.26
N TYR A 84 6.49 7.79 -4.12
CA TYR A 84 6.24 6.37 -4.40
C TYR A 84 5.28 5.79 -3.36
N PHE A 85 4.52 4.78 -3.78
CA PHE A 85 3.57 4.12 -2.89
C PHE A 85 3.52 2.62 -3.15
N ARG A 86 3.38 1.84 -2.08
CA ARG A 86 3.33 0.39 -2.19
C ARG A 86 2.35 -0.19 -1.18
N LEU A 87 1.32 -0.87 -1.68
CA LEU A 87 0.31 -1.48 -0.83
C LEU A 87 0.63 -2.95 -0.57
N ALA A 88 0.24 -3.44 0.60
CA ALA A 88 0.48 -4.83 0.97
C ALA A 88 -0.37 -5.23 2.16
N ALA A 89 -1.41 -6.01 1.90
CA ALA A 89 -2.31 -6.48 2.96
C ALA A 89 -1.52 -7.05 4.13
N ARG A 90 -1.98 -6.75 5.34
CA ARG A 90 -1.32 -7.25 6.55
C ARG A 90 -2.25 -8.16 7.35
N SER A 91 -1.78 -9.37 7.61
CA SER A 91 -2.57 -10.34 8.36
C SER A 91 -1.98 -10.57 9.76
N PRO A 92 -2.82 -11.08 10.67
CA PRO A 92 -2.40 -11.35 12.06
C PRO A 92 -1.41 -12.51 12.16
N GLN A 93 -1.42 -13.35 11.13
CA GLN A 93 -0.52 -14.51 11.10
C GLN A 93 0.83 -14.13 10.51
N GLY A 94 0.84 -13.09 9.69
CA GLY A 94 2.07 -12.65 9.06
C GLY A 94 1.85 -11.54 8.06
N LEU A 95 2.58 -11.60 6.95
CA LEU A 95 2.45 -10.60 5.90
C LEU A 95 2.22 -11.25 4.54
N GLY A 96 1.42 -10.60 3.69
CA GLY A 96 1.13 -11.12 2.38
C GLY A 96 2.09 -10.61 1.33
N ALA A 97 1.55 -10.23 0.17
CA ALA A 97 2.36 -9.72 -0.93
C ALA A 97 2.06 -8.25 -1.19
N SER A 98 3.04 -7.53 -1.73
CA SER A 98 2.88 -6.11 -2.03
C SER A 98 2.57 -5.91 -3.50
N THR A 99 1.77 -4.89 -3.80
CA THR A 99 1.40 -4.59 -5.18
C THR A 99 2.53 -3.90 -5.92
N ALA A 100 2.39 -3.79 -7.23
CA ALA A 100 3.41 -3.15 -8.06
C ALA A 100 3.76 -1.76 -7.53
N GLU A 101 4.96 -1.29 -7.87
CA GLU A 101 5.41 0.02 -7.43
C GLU A 101 4.74 1.13 -8.23
N ILE A 102 3.81 1.83 -7.61
CA ILE A 102 3.09 2.91 -8.27
C ILE A 102 3.38 4.25 -7.59
N SER A 103 3.28 5.33 -8.36
CA SER A 103 3.54 6.66 -7.84
C SER A 103 2.54 7.67 -8.40
N ALA A 104 2.36 8.79 -7.69
CA ALA A 104 1.43 9.82 -8.14
C ALA A 104 1.99 11.21 -7.83
N ARG A 105 1.75 12.15 -8.74
CA ARG A 105 2.23 13.52 -8.57
C ARG A 105 1.14 14.40 -7.96
N THR A 106 1.43 15.01 -6.82
CA THR A 106 0.47 15.89 -6.16
C THR A 106 0.06 17.05 -7.05
N MET A 107 -0.87 17.86 -6.57
CA MET A 107 -1.35 19.00 -7.33
C MET A 107 -0.38 20.18 -7.23
N GLN A 108 0.17 20.58 -8.37
CA GLN A 108 1.12 21.69 -8.41
C GLN A 108 0.56 22.92 -7.71
N SER A 109 0.74 22.98 -6.39
CA SER A 109 0.24 24.10 -5.60
C SER A 109 0.57 25.43 -6.28
N SER A 110 -0.36 26.39 -6.18
CA SER A 110 -0.16 27.70 -6.79
C SER A 110 -0.20 28.79 -5.73
N GLY A 111 0.85 29.62 -5.70
CA GLY A 111 0.92 30.69 -4.72
C GLY A 111 2.34 31.17 -4.50
N PRO A 112 2.48 32.27 -3.73
CA PRO A 112 3.79 32.84 -3.41
C PRO A 112 4.61 31.96 -2.48
N SER A 113 5.86 32.35 -2.26
CA SER A 113 6.76 31.59 -1.40
C SER A 113 6.42 31.82 0.07
N SER A 114 5.72 30.87 0.67
CA SER A 114 5.32 30.97 2.07
C SER A 114 6.34 30.26 2.97
N GLY A 115 7.40 30.97 3.35
CA GLY A 115 8.42 30.39 4.20
C GLY A 115 9.74 30.22 3.48
N GLY A 1 20.73 -52.70 5.21
CA GLY A 1 19.82 -51.80 5.91
C GLY A 1 18.93 -51.04 4.96
N SER A 2 17.62 -51.13 5.19
CA SER A 2 16.64 -50.44 4.34
C SER A 2 15.25 -50.50 4.96
N SER A 3 14.36 -49.64 4.48
CA SER A 3 12.99 -49.59 4.98
C SER A 3 12.98 -49.19 6.45
N GLY A 4 13.75 -48.16 6.79
CA GLY A 4 13.81 -47.69 8.16
C GLY A 4 13.07 -46.38 8.36
N SER A 5 12.26 -46.32 9.41
CA SER A 5 11.49 -45.12 9.71
C SER A 5 10.80 -45.24 11.06
N SER A 6 10.51 -44.10 11.67
CA SER A 6 9.86 -44.08 12.97
C SER A 6 9.32 -42.67 13.28
N GLY A 7 8.09 -42.63 13.80
CA GLY A 7 7.48 -41.35 14.14
C GLY A 7 6.60 -40.82 13.03
N ASP A 8 5.38 -40.45 13.39
CA ASP A 8 4.42 -39.93 12.41
C ASP A 8 3.43 -38.96 13.07
N ILE A 9 3.59 -37.68 12.79
CA ILE A 9 2.71 -36.65 13.36
C ILE A 9 1.95 -35.93 12.26
N GLN A 10 0.96 -35.13 12.68
CA GLN A 10 0.15 -34.37 11.73
C GLN A 10 0.43 -32.87 11.85
N VAL A 11 1.00 -32.30 10.80
CA VAL A 11 1.33 -30.88 10.79
C VAL A 11 0.36 -30.10 9.90
N ILE A 12 -0.56 -29.37 10.52
CA ILE A 12 -1.54 -28.59 9.79
C ILE A 12 -0.90 -27.33 9.18
N THR A 13 -1.33 -26.98 7.98
CA THR A 13 -0.80 -25.81 7.29
C THR A 13 -1.46 -24.54 7.80
N GLN A 14 -1.44 -24.36 9.12
CA GLN A 14 -2.03 -23.17 9.74
C GLN A 14 -1.56 -21.91 9.05
N THR A 15 -0.24 -21.73 8.99
CA THR A 15 0.34 -20.55 8.35
C THR A 15 -0.42 -20.16 7.09
N GLY A 16 -0.85 -18.90 7.03
CA GLY A 16 -1.58 -18.43 5.88
C GLY A 16 -1.50 -16.93 5.72
N VAL A 17 -1.45 -16.47 4.46
CA VAL A 17 -1.36 -15.05 4.17
C VAL A 17 -2.31 -14.66 3.04
N PRO A 18 -2.83 -13.42 3.10
CA PRO A 18 -3.75 -12.90 2.09
C PRO A 18 -3.07 -12.66 0.75
N GLY A 19 -3.86 -12.38 -0.28
CA GLY A 19 -3.32 -12.14 -1.60
C GLY A 19 -3.38 -10.66 -1.98
N GLN A 20 -2.25 -10.13 -2.43
CA GLN A 20 -2.17 -8.73 -2.83
C GLN A 20 -3.48 -8.28 -3.48
N PRO A 21 -3.86 -7.02 -3.22
CA PRO A 21 -5.08 -6.44 -3.78
C PRO A 21 -4.99 -6.21 -5.29
N LEU A 22 -6.14 -6.07 -5.93
CA LEU A 22 -6.19 -5.84 -7.37
C LEU A 22 -6.66 -4.42 -7.69
N ASN A 23 -6.54 -4.04 -8.95
CA ASN A 23 -6.96 -2.71 -9.38
C ASN A 23 -6.36 -1.63 -8.48
N PHE A 24 -5.09 -1.79 -8.12
CA PHE A 24 -4.42 -0.84 -7.26
C PHE A 24 -3.89 0.35 -8.08
N LYS A 25 -4.31 1.55 -7.70
CA LYS A 25 -3.89 2.76 -8.38
C LYS A 25 -3.77 3.93 -7.40
N ALA A 26 -2.98 4.93 -7.78
CA ALA A 26 -2.79 6.10 -6.93
C ALA A 26 -3.07 7.38 -7.70
N GLU A 27 -3.93 8.24 -7.14
CA GLU A 27 -4.27 9.50 -7.78
C GLU A 27 -4.18 10.66 -6.80
N PRO A 28 -3.55 11.76 -7.22
CA PRO A 28 -3.38 12.95 -6.40
C PRO A 28 -4.70 13.69 -6.16
N GLU A 29 -5.36 13.35 -5.05
CA GLU A 29 -6.62 13.99 -4.70
C GLU A 29 -6.42 15.43 -4.27
N SER A 30 -5.17 15.79 -4.00
CA SER A 30 -4.83 17.14 -3.57
C SER A 30 -3.33 17.38 -3.65
N GLU A 31 -2.93 18.63 -3.47
CA GLU A 31 -1.52 19.00 -3.53
C GLU A 31 -0.77 18.45 -2.32
N THR A 32 -1.48 18.26 -1.21
CA THR A 32 -0.89 17.75 0.01
C THR A 32 -1.57 16.46 0.45
N SER A 33 -2.40 15.90 -0.42
CA SER A 33 -3.12 14.67 -0.11
C SER A 33 -3.23 13.78 -1.35
N ILE A 34 -3.33 12.47 -1.12
CA ILE A 34 -3.45 11.52 -2.21
C ILE A 34 -4.42 10.40 -1.87
N LEU A 35 -5.33 10.10 -2.79
CA LEU A 35 -6.31 9.04 -2.58
C LEU A 35 -5.92 7.78 -3.34
N LEU A 36 -5.75 6.69 -2.60
CA LEU A 36 -5.37 5.41 -3.20
C LEU A 36 -6.57 4.45 -3.21
N SER A 37 -6.75 3.76 -4.33
CA SER A 37 -7.85 2.80 -4.46
C SER A 37 -7.31 1.41 -4.76
N TRP A 38 -7.86 0.42 -4.06
CA TRP A 38 -7.44 -0.96 -4.24
C TRP A 38 -8.62 -1.91 -4.08
N THR A 39 -8.47 -3.13 -4.61
CA THR A 39 -9.53 -4.14 -4.52
C THR A 39 -9.15 -5.25 -3.56
N PRO A 40 -9.80 -5.24 -2.38
CA PRO A 40 -9.54 -6.25 -1.34
C PRO A 40 -10.07 -7.63 -1.73
N PRO A 41 -9.25 -8.66 -1.50
CA PRO A 41 -9.61 -10.05 -1.82
C PRO A 41 -10.70 -10.58 -0.91
N ARG A 42 -11.26 -11.74 -1.27
CA ARG A 42 -12.31 -12.36 -0.47
C ARG A 42 -11.92 -12.41 1.00
N SER A 43 -10.62 -12.38 1.26
CA SER A 43 -10.12 -12.43 2.63
C SER A 43 -10.85 -11.43 3.52
N ASP A 44 -11.77 -11.93 4.33
CA ASP A 44 -12.54 -11.09 5.23
C ASP A 44 -11.69 -10.65 6.42
N THR A 45 -10.80 -11.53 6.87
CA THR A 45 -9.93 -11.22 8.00
C THR A 45 -8.77 -10.35 7.58
N ILE A 46 -8.89 -9.04 7.80
CA ILE A 46 -7.83 -8.10 7.45
C ILE A 46 -7.64 -7.07 8.55
N ALA A 47 -6.44 -7.07 9.13
CA ALA A 47 -6.11 -6.13 10.20
C ALA A 47 -5.86 -4.74 9.64
N ASN A 48 -5.04 -4.67 8.60
CA ASN A 48 -4.71 -3.39 7.96
C ASN A 48 -3.86 -3.61 6.72
N TYR A 49 -3.51 -2.51 6.05
CA TYR A 49 -2.69 -2.58 4.85
C TYR A 49 -1.38 -1.83 5.04
N GLU A 50 -0.35 -2.26 4.30
CA GLU A 50 0.96 -1.64 4.38
C GLU A 50 1.20 -0.70 3.20
N LEU A 51 1.51 0.55 3.50
CA LEU A 51 1.76 1.54 2.46
C LEU A 51 3.20 2.04 2.52
N VAL A 52 4.09 1.33 1.83
CA VAL A 52 5.50 1.70 1.79
C VAL A 52 5.73 2.88 0.86
N TYR A 53 5.87 4.07 1.45
CA TYR A 53 6.10 5.28 0.67
C TYR A 53 7.44 5.91 1.02
N LYS A 54 8.10 6.47 0.03
CA LYS A 54 9.40 7.11 0.23
C LYS A 54 9.49 8.42 -0.56
N ASP A 55 10.39 9.30 -0.13
CA ASP A 55 10.58 10.58 -0.80
C ASP A 55 11.40 10.41 -2.07
N GLY A 56 10.71 10.39 -3.21
CA GLY A 56 11.39 10.24 -4.49
C GLY A 56 11.93 8.84 -4.68
N GLU A 57 13.03 8.73 -5.43
CA GLU A 57 13.65 7.44 -5.70
C GLU A 57 14.53 7.01 -4.53
N HIS A 58 15.48 7.87 -4.16
CA HIS A 58 16.39 7.58 -3.06
C HIS A 58 15.78 7.99 -1.72
N GLY A 59 14.45 7.93 -1.64
CA GLY A 59 13.77 8.31 -0.42
C GLY A 59 13.90 7.25 0.67
N GLU A 60 12.94 7.24 1.59
CA GLU A 60 12.95 6.28 2.69
C GLU A 60 11.65 5.49 2.73
N GLU A 61 11.76 4.16 2.76
CA GLU A 61 10.59 3.29 2.81
C GLU A 61 9.92 3.35 4.17
N GLN A 62 8.79 4.04 4.25
CA GLN A 62 8.05 4.17 5.51
C GLN A 62 6.67 3.55 5.39
N ARG A 63 6.31 2.73 6.36
CA ARG A 63 5.01 2.07 6.38
C ARG A 63 4.00 2.86 7.21
N ILE A 64 2.76 2.93 6.71
CA ILE A 64 1.72 3.66 7.41
C ILE A 64 0.59 2.71 7.85
N THR A 65 -0.03 3.04 8.98
CA THR A 65 -1.11 2.22 9.51
C THR A 65 -2.43 2.54 8.83
N ILE A 66 -2.77 1.76 7.81
CA ILE A 66 -4.01 1.97 7.07
C ILE A 66 -5.11 1.06 7.60
N GLU A 67 -6.34 1.56 7.58
CA GLU A 67 -7.50 0.79 8.05
C GLU A 67 -7.89 -0.27 7.04
N PRO A 68 -8.33 -1.44 7.54
CA PRO A 68 -8.75 -2.56 6.69
C PRO A 68 -10.05 -2.27 5.96
N GLY A 69 -9.95 -1.57 4.84
CA GLY A 69 -11.13 -1.23 4.05
C GLY A 69 -10.93 -1.47 2.57
N THR A 70 -11.20 -0.45 1.77
CA THR A 70 -11.06 -0.55 0.32
C THR A 70 -10.18 0.57 -0.22
N SER A 71 -10.30 1.75 0.38
CA SER A 71 -9.52 2.91 -0.04
C SER A 71 -9.01 3.70 1.16
N TYR A 72 -7.95 4.47 0.95
CA TYR A 72 -7.37 5.28 2.02
C TYR A 72 -6.98 6.65 1.50
N ARG A 73 -7.08 7.66 2.37
CA ARG A 73 -6.73 9.03 2.01
C ARG A 73 -5.48 9.49 2.75
N LEU A 74 -4.33 9.41 2.07
CA LEU A 74 -3.06 9.82 2.67
C LEU A 74 -2.90 11.34 2.63
N GLN A 75 -2.42 11.91 3.72
CA GLN A 75 -2.21 13.35 3.80
C GLN A 75 -0.84 13.67 4.36
N GLY A 76 -0.43 14.94 4.24
CA GLY A 76 0.87 15.35 4.73
C GLY A 76 1.98 15.13 3.71
N LEU A 77 1.92 15.86 2.61
CA LEU A 77 2.91 15.74 1.56
C LEU A 77 3.24 17.10 0.95
N LYS A 78 4.29 17.14 0.14
CA LYS A 78 4.70 18.38 -0.51
C LYS A 78 4.21 18.43 -1.96
N PRO A 79 3.81 19.63 -2.40
CA PRO A 79 3.31 19.85 -3.76
C PRO A 79 4.41 19.72 -4.80
N ASN A 80 4.02 19.56 -6.06
CA ASN A 80 4.97 19.42 -7.16
C ASN A 80 6.12 18.50 -6.76
N SER A 81 5.78 17.31 -6.28
CA SER A 81 6.78 16.34 -5.87
C SER A 81 6.28 14.91 -6.07
N LEU A 82 7.19 14.02 -6.45
CA LEU A 82 6.84 12.62 -6.69
C LEU A 82 7.00 11.80 -5.40
N TYR A 83 6.10 10.84 -5.21
CA TYR A 83 6.14 9.98 -4.03
C TYR A 83 5.71 8.56 -4.39
N TYR A 84 6.62 7.62 -4.18
CA TYR A 84 6.35 6.21 -4.47
C TYR A 84 5.36 5.63 -3.46
N PHE A 85 4.57 4.66 -3.90
CA PHE A 85 3.59 4.01 -3.04
C PHE A 85 3.52 2.52 -3.32
N ARG A 86 3.31 1.73 -2.27
CA ARG A 86 3.23 0.28 -2.40
C ARG A 86 2.28 -0.31 -1.34
N LEU A 87 1.22 -0.96 -1.81
CA LEU A 87 0.25 -1.57 -0.92
C LEU A 87 0.58 -3.03 -0.65
N ALA A 88 0.19 -3.51 0.52
CA ALA A 88 0.45 -4.90 0.90
C ALA A 88 -0.39 -5.30 2.10
N ALA A 89 -1.43 -6.09 1.87
CA ALA A 89 -2.32 -6.55 2.93
C ALA A 89 -1.51 -7.10 4.10
N ARG A 90 -1.87 -6.66 5.31
CA ARG A 90 -1.18 -7.12 6.51
C ARG A 90 -2.07 -8.04 7.34
N SER A 91 -1.61 -9.28 7.53
CA SER A 91 -2.37 -10.25 8.30
C SER A 91 -1.71 -10.51 9.65
N PRO A 92 -2.54 -10.74 10.68
CA PRO A 92 -2.06 -11.01 12.03
C PRO A 92 -1.39 -12.36 12.16
N GLN A 93 -1.30 -13.08 11.04
CA GLN A 93 -0.67 -14.40 11.02
C GLN A 93 0.55 -14.41 10.12
N GLY A 94 0.69 -13.37 9.30
CA GLY A 94 1.83 -13.28 8.39
C GLY A 94 1.57 -12.33 7.23
N LEU A 95 2.50 -11.41 7.01
CA LEU A 95 2.37 -10.44 5.94
C LEU A 95 2.12 -11.14 4.60
N GLY A 96 1.29 -10.53 3.76
CA GLY A 96 1.00 -11.11 2.47
C GLY A 96 1.94 -10.63 1.38
N ALA A 97 1.39 -10.25 0.24
CA ALA A 97 2.19 -9.75 -0.88
C ALA A 97 1.96 -8.27 -1.12
N SER A 98 2.85 -7.65 -1.89
CA SER A 98 2.74 -6.22 -2.18
C SER A 98 2.41 -6.01 -3.66
N THR A 99 1.64 -4.96 -3.92
CA THR A 99 1.25 -4.64 -5.29
C THR A 99 2.39 -3.97 -6.05
N ALA A 100 2.21 -3.81 -7.36
CA ALA A 100 3.23 -3.19 -8.20
C ALA A 100 3.61 -1.82 -7.66
N GLU A 101 4.84 -1.39 -7.96
CA GLU A 101 5.33 -0.09 -7.51
C GLU A 101 4.71 1.04 -8.32
N ILE A 102 3.74 1.73 -7.72
CA ILE A 102 3.07 2.84 -8.38
C ILE A 102 3.47 4.18 -7.76
N SER A 103 3.25 5.25 -8.51
CA SER A 103 3.59 6.59 -8.04
C SER A 103 2.53 7.60 -8.46
N ALA A 104 2.47 8.72 -7.74
CA ALA A 104 1.51 9.77 -8.03
C ALA A 104 2.10 11.15 -7.82
N ARG A 105 1.90 12.04 -8.78
CA ARG A 105 2.43 13.40 -8.69
C ARG A 105 1.36 14.36 -8.18
N THR A 106 1.66 15.04 -7.08
CA THR A 106 0.74 15.99 -6.48
C THR A 106 0.46 17.15 -7.43
N MET A 107 -0.48 18.01 -7.05
CA MET A 107 -0.84 19.17 -7.86
C MET A 107 0.24 20.24 -7.79
N GLN A 108 0.28 21.11 -8.80
CA GLN A 108 1.27 22.17 -8.85
C GLN A 108 0.86 23.34 -7.95
N SER A 109 1.31 23.31 -6.70
CA SER A 109 1.00 24.36 -5.74
C SER A 109 1.49 25.72 -6.24
N SER A 110 0.56 26.64 -6.46
CA SER A 110 0.90 27.97 -6.94
C SER A 110 0.27 29.04 -6.05
N GLY A 111 0.71 30.28 -6.24
CA GLY A 111 0.18 31.38 -5.46
C GLY A 111 0.13 32.68 -6.23
N PRO A 112 -0.76 33.59 -5.81
CA PRO A 112 -0.92 34.89 -6.46
C PRO A 112 0.27 35.82 -6.22
N SER A 113 0.28 36.95 -6.92
CA SER A 113 1.37 37.92 -6.79
C SER A 113 1.51 38.39 -5.34
N SER A 114 2.70 38.86 -5.00
CA SER A 114 2.98 39.34 -3.65
C SER A 114 3.21 40.84 -3.64
N GLY A 115 2.21 41.58 -3.15
CA GLY A 115 2.31 43.02 -3.10
C GLY A 115 1.17 43.66 -2.34
N GLY A 1 -10.78 -59.34 26.02
CA GLY A 1 -9.56 -58.90 25.39
C GLY A 1 -9.52 -57.40 25.18
N SER A 2 -8.31 -56.84 25.12
CA SER A 2 -8.14 -55.41 24.93
C SER A 2 -7.57 -55.11 23.54
N SER A 3 -8.25 -54.24 22.81
CA SER A 3 -7.82 -53.86 21.46
C SER A 3 -6.60 -52.96 21.52
N GLY A 4 -6.64 -51.96 22.39
CA GLY A 4 -5.53 -51.04 22.53
C GLY A 4 -5.89 -49.63 22.10
N SER A 5 -5.52 -48.67 22.94
CA SER A 5 -5.82 -47.27 22.65
C SER A 5 -5.09 -46.34 23.63
N SER A 6 -5.18 -45.04 23.39
CA SER A 6 -4.54 -44.05 24.24
C SER A 6 -4.89 -42.64 23.82
N GLY A 7 -5.63 -41.94 24.68
CA GLY A 7 -6.03 -40.57 24.38
C GLY A 7 -6.54 -40.43 22.96
N ASP A 8 -6.28 -39.27 22.35
CA ASP A 8 -6.72 -39.01 20.98
C ASP A 8 -5.68 -38.19 20.23
N ILE A 9 -5.89 -38.03 18.93
CA ILE A 9 -4.98 -37.28 18.09
C ILE A 9 -5.27 -35.78 18.15
N GLN A 10 -4.23 -34.96 18.01
CA GLN A 10 -4.38 -33.52 18.04
C GLN A 10 -4.34 -32.93 16.64
N VAL A 11 -5.49 -32.46 16.17
CA VAL A 11 -5.58 -31.87 14.84
C VAL A 11 -5.43 -30.35 14.90
N ILE A 12 -4.67 -29.80 13.95
CA ILE A 12 -4.44 -28.37 13.89
C ILE A 12 -4.36 -27.88 12.45
N THR A 13 -4.39 -26.57 12.27
CA THR A 13 -4.32 -25.97 10.95
C THR A 13 -3.66 -24.59 11.00
N GLN A 14 -2.95 -24.25 9.93
CA GLN A 14 -2.27 -22.96 9.85
C GLN A 14 -2.92 -22.06 8.80
N THR A 15 -2.78 -20.75 8.98
CA THR A 15 -3.36 -19.79 8.06
C THR A 15 -2.29 -19.17 7.16
N GLY A 16 -2.58 -19.10 5.87
CA GLY A 16 -1.63 -18.54 4.93
C GLY A 16 -1.76 -17.03 4.81
N VAL A 17 -0.64 -16.37 4.48
CA VAL A 17 -0.63 -14.92 4.35
C VAL A 17 -1.58 -14.46 3.23
N PRO A 18 -2.12 -13.24 3.38
CA PRO A 18 -3.04 -12.66 2.41
C PRO A 18 -2.36 -12.32 1.09
N GLY A 19 -3.09 -12.43 -0.01
CA GLY A 19 -2.54 -12.12 -1.31
C GLY A 19 -2.75 -10.67 -1.71
N GLN A 20 -1.68 -10.00 -2.11
CA GLN A 20 -1.76 -8.60 -2.51
C GLN A 20 -3.09 -8.31 -3.21
N PRO A 21 -3.61 -7.08 -3.00
CA PRO A 21 -4.87 -6.66 -3.59
C PRO A 21 -4.77 -6.47 -5.10
N LEU A 22 -5.86 -6.02 -5.71
CA LEU A 22 -5.90 -5.80 -7.15
C LEU A 22 -6.36 -4.37 -7.47
N ASN A 23 -6.36 -4.04 -8.76
CA ASN A 23 -6.77 -2.71 -9.20
C ASN A 23 -6.12 -1.63 -8.35
N PHE A 24 -4.82 -1.77 -8.10
CA PHE A 24 -4.09 -0.81 -7.30
C PHE A 24 -3.60 0.36 -8.16
N LYS A 25 -4.10 1.55 -7.88
CA LYS A 25 -3.72 2.74 -8.63
C LYS A 25 -3.51 3.92 -7.69
N ALA A 26 -2.98 5.02 -8.24
CA ALA A 26 -2.74 6.22 -7.45
C ALA A 26 -3.37 7.44 -8.10
N GLU A 27 -4.02 8.28 -7.30
CA GLU A 27 -4.66 9.48 -7.80
C GLU A 27 -4.59 10.61 -6.78
N PRO A 28 -3.91 11.71 -7.16
CA PRO A 28 -3.75 12.88 -6.29
C PRO A 28 -5.05 13.64 -6.09
N GLU A 29 -5.66 13.45 -4.92
CA GLU A 29 -6.92 14.12 -4.61
C GLU A 29 -6.70 15.60 -4.32
N SER A 30 -5.46 15.94 -3.95
CA SER A 30 -5.11 17.33 -3.64
C SER A 30 -3.60 17.54 -3.78
N GLU A 31 -3.16 18.76 -3.47
CA GLU A 31 -1.75 19.11 -3.57
C GLU A 31 -0.97 18.56 -2.37
N THR A 32 -1.67 18.41 -1.25
CA THR A 32 -1.05 17.90 -0.03
C THR A 32 -1.70 16.61 0.42
N SER A 33 -2.57 16.07 -0.42
CA SER A 33 -3.29 14.83 -0.11
C SER A 33 -3.38 13.94 -1.34
N ILE A 34 -3.46 12.63 -1.11
CA ILE A 34 -3.55 11.66 -2.19
C ILE A 34 -4.46 10.50 -1.81
N LEU A 35 -5.34 10.12 -2.73
CA LEU A 35 -6.26 9.01 -2.50
C LEU A 35 -5.85 7.77 -3.28
N LEU A 36 -5.96 6.62 -2.64
CA LEU A 36 -5.58 5.35 -3.27
C LEU A 36 -6.80 4.45 -3.44
N SER A 37 -6.85 3.73 -4.55
CA SER A 37 -7.97 2.83 -4.84
C SER A 37 -7.47 1.40 -5.06
N TRP A 38 -7.87 0.50 -4.18
CA TRP A 38 -7.46 -0.90 -4.29
C TRP A 38 -8.63 -1.83 -4.00
N THR A 39 -8.53 -3.07 -4.46
CA THR A 39 -9.58 -4.05 -4.25
C THR A 39 -9.09 -5.21 -3.40
N PRO A 40 -9.74 -5.41 -2.24
CA PRO A 40 -9.38 -6.48 -1.30
C PRO A 40 -9.73 -7.86 -1.85
N PRO A 41 -8.83 -8.84 -1.64
CA PRO A 41 -9.02 -10.21 -2.10
C PRO A 41 -10.11 -10.93 -1.32
N ARG A 42 -10.41 -12.16 -1.72
CA ARG A 42 -11.44 -12.96 -1.07
C ARG A 42 -11.26 -12.94 0.45
N SER A 43 -10.00 -12.80 0.89
CA SER A 43 -9.70 -12.76 2.31
C SER A 43 -10.70 -11.88 3.06
N ASP A 44 -11.63 -12.51 3.76
CA ASP A 44 -12.64 -11.79 4.52
C ASP A 44 -12.08 -11.32 5.86
N THR A 45 -10.84 -11.69 6.13
CA THR A 45 -10.18 -11.31 7.38
C THR A 45 -8.92 -10.48 7.12
N ILE A 46 -9.04 -9.17 7.31
CA ILE A 46 -7.91 -8.27 7.10
C ILE A 46 -7.75 -7.30 8.27
N ALA A 47 -6.54 -7.24 8.80
CA ALA A 47 -6.25 -6.35 9.92
C ALA A 47 -5.95 -4.93 9.45
N ASN A 48 -5.09 -4.82 8.44
CA ASN A 48 -4.72 -3.52 7.90
C ASN A 48 -3.82 -3.68 6.67
N TYR A 49 -3.54 -2.56 6.01
CA TYR A 49 -2.68 -2.58 4.83
C TYR A 49 -1.38 -1.82 5.08
N GLU A 50 -0.38 -2.10 4.25
CA GLU A 50 0.92 -1.45 4.40
C GLU A 50 1.16 -0.48 3.23
N LEU A 51 1.44 0.78 3.57
CA LEU A 51 1.68 1.80 2.55
C LEU A 51 3.14 2.26 2.60
N VAL A 52 4.01 1.52 1.92
CA VAL A 52 5.44 1.85 1.88
C VAL A 52 5.70 2.99 0.90
N TYR A 53 5.89 4.18 1.42
CA TYR A 53 6.16 5.35 0.58
C TYR A 53 7.54 5.94 0.89
N LYS A 54 8.20 6.44 -0.15
CA LYS A 54 9.53 7.03 0.01
C LYS A 54 9.70 8.21 -0.93
N ASP A 55 10.47 9.21 -0.49
CA ASP A 55 10.73 10.39 -1.30
C ASP A 55 11.68 10.08 -2.45
N GLY A 56 11.12 9.93 -3.65
CA GLY A 56 11.94 9.63 -4.81
C GLY A 56 12.41 8.19 -4.82
N GLU A 57 13.22 7.85 -5.83
CA GLU A 57 13.74 6.49 -5.95
C GLU A 57 14.63 6.14 -4.75
N HIS A 58 15.59 7.00 -4.46
CA HIS A 58 16.50 6.78 -3.35
C HIS A 58 15.91 7.31 -2.04
N GLY A 59 14.58 7.30 -1.97
CA GLY A 59 13.90 7.79 -0.77
C GLY A 59 13.94 6.78 0.36
N GLU A 60 13.14 7.03 1.40
CA GLU A 60 13.10 6.13 2.55
C GLU A 60 11.73 5.46 2.65
N GLU A 61 11.74 4.14 2.78
CA GLU A 61 10.50 3.38 2.89
C GLU A 61 9.80 3.64 4.23
N GLN A 62 8.55 4.08 4.16
CA GLN A 62 7.79 4.37 5.37
C GLN A 62 6.46 3.62 5.36
N ARG A 63 6.21 2.85 6.42
CA ARG A 63 4.98 2.08 6.53
C ARG A 63 3.95 2.82 7.39
N ILE A 64 2.72 2.90 6.89
CA ILE A 64 1.65 3.58 7.61
C ILE A 64 0.56 2.60 8.01
N THR A 65 -0.02 2.81 9.19
CA THR A 65 -1.08 1.94 9.70
C THR A 65 -2.42 2.29 9.04
N ILE A 66 -2.73 1.61 7.95
CA ILE A 66 -3.99 1.84 7.23
C ILE A 66 -5.09 0.92 7.76
N GLU A 67 -6.33 1.42 7.70
CA GLU A 67 -7.47 0.64 8.15
C GLU A 67 -7.85 -0.44 7.14
N PRO A 68 -8.33 -1.59 7.65
CA PRO A 68 -8.73 -2.71 6.80
C PRO A 68 -10.01 -2.41 6.01
N GLY A 69 -9.87 -1.68 4.92
CA GLY A 69 -11.01 -1.34 4.09
C GLY A 69 -10.75 -1.56 2.61
N THR A 70 -11.08 -0.55 1.81
CA THR A 70 -10.88 -0.64 0.37
C THR A 70 -10.07 0.54 -0.15
N SER A 71 -10.30 1.71 0.43
CA SER A 71 -9.59 2.92 0.03
C SER A 71 -9.05 3.67 1.25
N TYR A 72 -8.03 4.49 1.02
CA TYR A 72 -7.42 5.26 2.10
C TYR A 72 -7.07 6.66 1.64
N ARG A 73 -6.97 7.59 2.59
CA ARG A 73 -6.64 8.97 2.28
C ARG A 73 -5.36 9.40 3.00
N LEU A 74 -4.30 9.62 2.23
CA LEU A 74 -3.03 10.03 2.80
C LEU A 74 -2.85 11.55 2.69
N GLN A 75 -2.55 12.19 3.81
CA GLN A 75 -2.36 13.63 3.84
C GLN A 75 -0.99 13.98 4.41
N GLY A 76 -0.52 15.19 4.11
CA GLY A 76 0.77 15.63 4.61
C GLY A 76 1.88 15.39 3.60
N LEU A 77 1.86 16.15 2.51
CA LEU A 77 2.88 16.02 1.47
C LEU A 77 3.17 17.37 0.82
N LYS A 78 4.17 17.40 -0.05
CA LYS A 78 4.55 18.62 -0.75
C LYS A 78 4.03 18.61 -2.18
N PRO A 79 3.62 19.79 -2.68
CA PRO A 79 3.10 19.93 -4.04
C PRO A 79 4.19 19.75 -5.10
N ASN A 80 3.77 19.40 -6.32
CA ASN A 80 4.71 19.20 -7.41
C ASN A 80 5.89 18.35 -6.97
N SER A 81 5.59 17.17 -6.42
CA SER A 81 6.63 16.26 -5.96
C SER A 81 6.21 14.81 -6.16
N LEU A 82 7.16 13.96 -6.55
CA LEU A 82 6.88 12.55 -6.79
C LEU A 82 7.00 11.76 -5.48
N TYR A 83 6.12 10.78 -5.32
CA TYR A 83 6.13 9.94 -4.13
C TYR A 83 5.68 8.52 -4.45
N TYR A 84 6.56 7.55 -4.21
CA TYR A 84 6.25 6.15 -4.48
C TYR A 84 5.30 5.59 -3.42
N PHE A 85 4.53 4.59 -3.81
CA PHE A 85 3.58 3.96 -2.89
C PHE A 85 3.47 2.46 -3.16
N ARG A 86 3.15 1.70 -2.13
CA ARG A 86 3.01 0.26 -2.25
C ARG A 86 2.02 -0.29 -1.23
N LEU A 87 1.02 -1.03 -1.70
CA LEU A 87 0.02 -1.61 -0.83
C LEU A 87 0.27 -3.09 -0.61
N ALA A 88 0.26 -3.51 0.66
CA ALA A 88 0.49 -4.90 1.01
C ALA A 88 -0.43 -5.34 2.14
N ALA A 89 -1.44 -6.13 1.80
CA ALA A 89 -2.39 -6.62 2.79
C ALA A 89 -1.67 -7.29 3.97
N ARG A 90 -1.96 -6.82 5.17
CA ARG A 90 -1.34 -7.37 6.37
C ARG A 90 -2.33 -8.23 7.16
N SER A 91 -1.84 -9.34 7.69
CA SER A 91 -2.68 -10.25 8.46
C SER A 91 -2.09 -10.49 9.85
N PRO A 92 -2.98 -10.82 10.81
CA PRO A 92 -2.57 -11.09 12.19
C PRO A 92 -1.78 -12.38 12.32
N GLN A 93 -1.53 -13.04 11.19
CA GLN A 93 -0.79 -14.30 11.19
C GLN A 93 0.55 -14.13 10.46
N GLY A 94 0.56 -13.26 9.45
CA GLY A 94 1.77 -13.03 8.69
C GLY A 94 1.54 -12.16 7.47
N LEU A 95 2.28 -11.06 7.37
CA LEU A 95 2.14 -10.15 6.25
C LEU A 95 2.24 -10.89 4.92
N GLY A 96 1.52 -10.40 3.91
CA GLY A 96 1.55 -11.03 2.61
C GLY A 96 2.52 -10.36 1.65
N ALA A 97 2.06 -10.08 0.44
CA ALA A 97 2.89 -9.45 -0.56
C ALA A 97 2.40 -8.04 -0.87
N SER A 98 3.14 -7.33 -1.73
CA SER A 98 2.78 -5.96 -2.09
C SER A 98 2.53 -5.86 -3.60
N THR A 99 1.67 -4.92 -3.98
CA THR A 99 1.34 -4.71 -5.38
C THR A 99 2.49 -4.05 -6.13
N ALA A 100 2.33 -3.90 -7.44
CA ALA A 100 3.36 -3.28 -8.26
C ALA A 100 3.73 -1.89 -7.74
N GLU A 101 5.00 -1.53 -7.87
CA GLU A 101 5.48 -0.23 -7.40
C GLU A 101 4.89 0.90 -8.26
N ILE A 102 4.05 1.72 -7.64
CA ILE A 102 3.43 2.84 -8.34
C ILE A 102 3.75 4.17 -7.66
N SER A 103 3.39 5.26 -8.31
CA SER A 103 3.64 6.59 -7.76
C SER A 103 2.57 7.58 -8.23
N ALA A 104 2.56 8.76 -7.62
CA ALA A 104 1.59 9.80 -7.98
C ALA A 104 2.20 11.18 -7.80
N ARG A 105 1.85 12.10 -8.72
CA ARG A 105 2.36 13.46 -8.67
C ARG A 105 1.32 14.41 -8.09
N THR A 106 1.71 15.17 -7.08
CA THR A 106 0.80 16.11 -6.43
C THR A 106 0.47 17.28 -7.36
N MET A 107 -0.60 18.00 -7.05
CA MET A 107 -1.02 19.14 -7.85
C MET A 107 0.02 20.25 -7.81
N GLN A 108 0.31 20.83 -8.98
CA GLN A 108 1.29 21.91 -9.08
C GLN A 108 0.76 23.18 -8.43
N SER A 109 1.04 23.35 -7.14
CA SER A 109 0.58 24.53 -6.40
C SER A 109 0.61 25.77 -7.30
N SER A 110 -0.35 26.66 -7.08
CA SER A 110 -0.44 27.88 -7.87
C SER A 110 -0.42 29.11 -6.96
N GLY A 111 0.06 30.23 -7.49
CA GLY A 111 0.13 31.45 -6.72
C GLY A 111 -0.91 32.46 -7.15
N PRO A 112 -0.73 33.72 -6.73
CA PRO A 112 -1.64 34.82 -7.08
C PRO A 112 -1.58 35.20 -8.55
N SER A 113 -2.73 35.46 -9.15
CA SER A 113 -2.80 35.84 -10.55
C SER A 113 -2.73 37.35 -10.72
N SER A 114 -3.50 38.07 -9.89
CA SER A 114 -3.53 39.52 -9.95
C SER A 114 -3.14 40.13 -8.60
N GLY A 115 -1.97 40.77 -8.57
CA GLY A 115 -1.50 41.38 -7.34
C GLY A 115 -0.04 41.76 -7.41
N GLY A 1 -6.78 -24.03 -15.86
CA GLY A 1 -6.43 -23.86 -14.46
C GLY A 1 -5.57 -24.98 -13.95
N SER A 2 -6.16 -25.91 -13.21
CA SER A 2 -5.44 -27.04 -12.65
C SER A 2 -6.26 -28.32 -12.77
N SER A 3 -5.56 -29.45 -12.83
CA SER A 3 -6.23 -30.75 -12.95
C SER A 3 -7.14 -31.00 -11.75
N GLY A 4 -6.64 -30.70 -10.56
CA GLY A 4 -7.42 -30.90 -9.36
C GLY A 4 -6.56 -31.17 -8.13
N SER A 5 -6.61 -30.27 -7.17
CA SER A 5 -5.83 -30.41 -5.95
C SER A 5 -6.72 -30.82 -4.78
N SER A 6 -6.09 -31.34 -3.72
CA SER A 6 -6.81 -31.77 -2.54
C SER A 6 -6.73 -30.72 -1.43
N GLY A 7 -7.83 -29.99 -1.24
CA GLY A 7 -7.86 -28.96 -0.22
C GLY A 7 -9.28 -28.63 0.22
N ASP A 8 -10.20 -28.59 -0.73
CA ASP A 8 -11.59 -28.27 -0.43
C ASP A 8 -12.13 -29.19 0.66
N ILE A 9 -11.83 -30.48 0.55
CA ILE A 9 -12.28 -31.45 1.52
C ILE A 9 -11.15 -31.88 2.45
N GLN A 10 -11.01 -31.16 3.57
CA GLN A 10 -9.96 -31.46 4.54
C GLN A 10 -10.25 -30.77 5.87
N VAL A 11 -10.39 -31.58 6.93
CA VAL A 11 -10.66 -31.05 8.26
C VAL A 11 -9.44 -30.35 8.83
N ILE A 12 -8.26 -30.93 8.58
CA ILE A 12 -7.02 -30.35 9.08
C ILE A 12 -6.99 -28.84 8.90
N THR A 13 -6.62 -28.13 9.96
CA THR A 13 -6.56 -26.67 9.93
C THR A 13 -5.35 -26.20 9.13
N GLN A 14 -5.57 -25.25 8.23
CA GLN A 14 -4.49 -24.70 7.40
C GLN A 14 -4.64 -23.19 7.23
N THR A 15 -3.68 -22.45 7.74
CA THR A 15 -3.70 -20.99 7.65
C THR A 15 -2.61 -20.48 6.71
N GLY A 16 -2.79 -19.26 6.22
CA GLY A 16 -1.81 -18.68 5.31
C GLY A 16 -1.95 -17.18 5.19
N VAL A 17 -0.94 -16.53 4.63
CA VAL A 17 -0.95 -15.08 4.45
C VAL A 17 -1.84 -14.67 3.29
N PRO A 18 -2.43 -13.47 3.38
CA PRO A 18 -3.31 -12.94 2.34
C PRO A 18 -2.55 -12.59 1.07
N GLY A 19 -3.30 -12.38 -0.02
CA GLY A 19 -2.68 -12.04 -1.29
C GLY A 19 -2.86 -10.58 -1.65
N GLN A 20 -1.81 -9.98 -2.19
CA GLN A 20 -1.85 -8.58 -2.58
C GLN A 20 -3.19 -8.22 -3.21
N PRO A 21 -3.63 -6.96 -3.03
CA PRO A 21 -4.90 -6.48 -3.57
C PRO A 21 -4.87 -6.35 -5.09
N LEU A 22 -6.01 -5.97 -5.67
CA LEU A 22 -6.11 -5.80 -7.11
C LEU A 22 -6.55 -4.39 -7.47
N ASN A 23 -6.53 -4.07 -8.76
CA ASN A 23 -6.93 -2.75 -9.23
C ASN A 23 -6.28 -1.66 -8.40
N PHE A 24 -4.99 -1.83 -8.09
CA PHE A 24 -4.26 -0.86 -7.30
C PHE A 24 -3.82 0.33 -8.17
N LYS A 25 -4.33 1.51 -7.84
CA LYS A 25 -3.99 2.72 -8.57
C LYS A 25 -3.83 3.90 -7.64
N ALA A 26 -2.95 4.83 -8.01
CA ALA A 26 -2.71 6.02 -7.19
C ALA A 26 -3.16 7.28 -7.92
N GLU A 27 -3.97 8.10 -7.24
CA GLU A 27 -4.48 9.34 -7.82
C GLU A 27 -4.40 10.48 -6.81
N PRO A 28 -3.73 11.57 -7.21
CA PRO A 28 -3.57 12.75 -6.35
C PRO A 28 -4.88 13.50 -6.15
N GLU A 29 -5.48 13.34 -4.97
CA GLU A 29 -6.74 14.00 -4.66
C GLU A 29 -6.51 15.48 -4.34
N SER A 30 -5.26 15.83 -4.07
CA SER A 30 -4.90 17.21 -3.74
C SER A 30 -3.40 17.42 -3.83
N GLU A 31 -2.96 18.64 -3.53
CA GLU A 31 -1.54 18.97 -3.60
C GLU A 31 -0.82 18.45 -2.36
N THR A 32 -1.55 18.31 -1.26
CA THR A 32 -0.97 17.82 -0.01
C THR A 32 -1.62 16.51 0.42
N SER A 33 -2.53 16.00 -0.42
CA SER A 33 -3.23 14.76 -0.12
C SER A 33 -3.26 13.85 -1.34
N ILE A 34 -3.41 12.54 -1.09
CA ILE A 34 -3.46 11.57 -2.17
C ILE A 34 -4.43 10.43 -1.84
N LEU A 35 -5.26 10.07 -2.81
CA LEU A 35 -6.23 9.01 -2.63
C LEU A 35 -5.79 7.74 -3.35
N LEU A 36 -5.95 6.60 -2.69
CA LEU A 36 -5.56 5.32 -3.27
C LEU A 36 -6.79 4.44 -3.50
N SER A 37 -6.78 3.72 -4.62
CA SER A 37 -7.90 2.85 -4.97
C SER A 37 -7.43 1.40 -5.12
N TRP A 38 -7.93 0.54 -4.26
CA TRP A 38 -7.56 -0.88 -4.30
C TRP A 38 -8.75 -1.76 -3.97
N THR A 39 -8.69 -3.02 -4.39
CA THR A 39 -9.77 -3.98 -4.14
C THR A 39 -9.29 -5.11 -3.24
N PRO A 40 -9.96 -5.27 -2.08
CA PRO A 40 -9.63 -6.32 -1.12
C PRO A 40 -9.99 -7.72 -1.63
N PRO A 41 -9.05 -8.66 -1.48
CA PRO A 41 -9.24 -10.04 -1.93
C PRO A 41 -10.26 -10.79 -1.07
N ARG A 42 -10.54 -12.03 -1.43
CA ARG A 42 -11.49 -12.86 -0.70
C ARG A 42 -11.20 -12.81 0.80
N SER A 43 -9.92 -12.85 1.16
CA SER A 43 -9.52 -12.81 2.55
C SER A 43 -10.28 -11.74 3.32
N ASP A 44 -11.33 -12.15 4.02
CA ASP A 44 -12.14 -11.22 4.79
C ASP A 44 -11.37 -10.72 6.01
N THR A 45 -10.69 -11.63 6.69
CA THR A 45 -9.92 -11.27 7.87
C THR A 45 -8.69 -10.45 7.51
N ILE A 46 -8.81 -9.13 7.60
CA ILE A 46 -7.71 -8.24 7.28
C ILE A 46 -7.45 -7.26 8.41
N ALA A 47 -6.24 -7.28 8.94
CA ALA A 47 -5.87 -6.38 10.04
C ALA A 47 -5.65 -4.96 9.53
N ASN A 48 -4.86 -4.83 8.48
CA ASN A 48 -4.57 -3.52 7.89
C ASN A 48 -3.75 -3.66 6.61
N TYR A 49 -3.45 -2.53 5.99
CA TYR A 49 -2.66 -2.52 4.76
C TYR A 49 -1.35 -1.77 4.95
N GLU A 50 -0.30 -2.26 4.31
CA GLU A 50 1.02 -1.64 4.41
C GLU A 50 1.26 -0.69 3.24
N LEU A 51 1.56 0.57 3.55
CA LEU A 51 1.81 1.58 2.53
C LEU A 51 3.26 2.08 2.60
N VAL A 52 4.11 1.50 1.77
CA VAL A 52 5.52 1.90 1.73
C VAL A 52 5.73 3.08 0.80
N TYR A 53 5.93 4.25 1.40
CA TYR A 53 6.15 5.47 0.62
C TYR A 53 7.51 6.09 0.95
N LYS A 54 8.19 6.59 -0.08
CA LYS A 54 9.49 7.21 0.11
C LYS A 54 9.65 8.43 -0.81
N ASP A 55 10.19 9.52 -0.26
CA ASP A 55 10.39 10.74 -1.02
C ASP A 55 11.20 10.47 -2.29
N GLY A 56 10.52 10.46 -3.43
CA GLY A 56 11.19 10.22 -4.69
C GLY A 56 11.71 8.79 -4.79
N GLU A 57 12.73 8.60 -5.62
CA GLU A 57 13.32 7.28 -5.81
C GLU A 57 14.48 7.05 -4.85
N HIS A 58 14.74 8.04 -4.01
CA HIS A 58 15.83 7.96 -3.03
C HIS A 58 15.34 8.40 -1.65
N GLY A 59 14.05 8.22 -1.40
CA GLY A 59 13.49 8.60 -0.12
C GLY A 59 13.69 7.54 0.95
N GLU A 60 12.78 7.48 1.91
CA GLU A 60 12.87 6.51 2.99
C GLU A 60 11.59 5.67 3.07
N GLU A 61 11.73 4.37 2.88
CA GLU A 61 10.59 3.46 2.94
C GLU A 61 9.91 3.51 4.31
N GLN A 62 8.69 4.01 4.33
CA GLN A 62 7.92 4.13 5.58
C GLN A 62 6.58 3.42 5.47
N ARG A 63 6.24 2.65 6.50
CA ARG A 63 4.99 1.91 6.52
C ARG A 63 3.95 2.62 7.38
N ILE A 64 2.78 2.87 6.81
CA ILE A 64 1.70 3.53 7.55
C ILE A 64 0.61 2.55 7.95
N THR A 65 -0.01 2.80 9.10
CA THR A 65 -1.07 1.93 9.60
C THR A 65 -2.41 2.30 8.98
N ILE A 66 -2.74 1.65 7.87
CA ILE A 66 -4.01 1.91 7.19
C ILE A 66 -5.09 0.95 7.65
N GLU A 67 -6.33 1.42 7.68
CA GLU A 67 -7.46 0.60 8.11
C GLU A 67 -7.81 -0.43 7.04
N PRO A 68 -8.23 -1.62 7.49
CA PRO A 68 -8.60 -2.72 6.60
C PRO A 68 -9.91 -2.44 5.84
N GLY A 69 -9.81 -1.66 4.77
CA GLY A 69 -10.98 -1.33 3.99
C GLY A 69 -10.76 -1.51 2.49
N THR A 70 -11.14 -0.50 1.72
CA THR A 70 -10.98 -0.55 0.27
C THR A 70 -10.18 0.64 -0.23
N SER A 71 -10.37 1.79 0.41
CA SER A 71 -9.66 3.00 0.02
C SER A 71 -9.20 3.78 1.24
N TYR A 72 -8.20 4.64 1.05
CA TYR A 72 -7.66 5.43 2.14
C TYR A 72 -7.29 6.84 1.67
N ARG A 73 -7.03 7.73 2.61
CA ARG A 73 -6.67 9.10 2.29
C ARG A 73 -5.37 9.51 2.98
N LEU A 74 -4.32 9.70 2.18
CA LEU A 74 -3.02 10.08 2.72
C LEU A 74 -2.81 11.59 2.63
N GLN A 75 -2.60 12.22 3.77
CA GLN A 75 -2.39 13.67 3.82
C GLN A 75 -1.06 14.01 4.48
N GLY A 76 -0.53 15.18 4.16
CA GLY A 76 0.74 15.59 4.73
C GLY A 76 1.91 15.37 3.79
N LEU A 77 1.83 15.97 2.61
CA LEU A 77 2.89 15.84 1.61
C LEU A 77 3.29 17.20 1.04
N LYS A 78 4.23 17.19 0.10
CA LYS A 78 4.69 18.42 -0.53
C LYS A 78 4.13 18.56 -1.94
N PRO A 79 3.79 19.80 -2.33
CA PRO A 79 3.24 20.10 -3.65
C PRO A 79 4.28 19.93 -4.76
N ASN A 80 3.83 19.49 -5.93
CA ASN A 80 4.73 19.29 -7.07
C ASN A 80 5.92 18.43 -6.67
N SER A 81 5.65 17.28 -6.07
CA SER A 81 6.70 16.38 -5.63
C SER A 81 6.29 14.92 -5.85
N LEU A 82 7.24 14.11 -6.32
CA LEU A 82 6.97 12.69 -6.57
C LEU A 82 7.05 11.89 -5.28
N TYR A 83 6.28 10.81 -5.21
CA TYR A 83 6.26 9.96 -4.03
C TYR A 83 5.80 8.55 -4.38
N TYR A 84 6.67 7.58 -4.16
CA TYR A 84 6.35 6.19 -4.46
C TYR A 84 5.33 5.63 -3.46
N PHE A 85 4.64 4.57 -3.86
CA PHE A 85 3.64 3.94 -3.00
C PHE A 85 3.55 2.44 -3.27
N ARG A 86 3.27 1.68 -2.22
CA ARG A 86 3.16 0.24 -2.33
C ARG A 86 2.19 -0.32 -1.30
N LEU A 87 1.14 -0.99 -1.77
CA LEU A 87 0.14 -1.58 -0.89
C LEU A 87 0.41 -3.06 -0.67
N ALA A 88 0.21 -3.52 0.56
CA ALA A 88 0.43 -4.91 0.90
C ALA A 88 -0.46 -5.34 2.07
N ALA A 89 -1.45 -6.18 1.79
CA ALA A 89 -2.36 -6.65 2.82
C ALA A 89 -1.59 -7.31 3.96
N ARG A 90 -1.81 -6.82 5.18
CA ARG A 90 -1.15 -7.37 6.35
C ARG A 90 -2.10 -8.24 7.17
N SER A 91 -1.62 -9.41 7.58
CA SER A 91 -2.42 -10.34 8.36
C SER A 91 -1.75 -10.65 9.69
N PRO A 92 -2.56 -11.03 10.69
CA PRO A 92 -2.07 -11.36 12.03
C PRO A 92 -1.30 -12.68 12.04
N GLN A 93 -1.33 -13.40 10.93
CA GLN A 93 -0.64 -14.67 10.81
C GLN A 93 0.71 -14.50 10.11
N GLY A 94 0.84 -13.40 9.37
CA GLY A 94 2.07 -13.14 8.65
C GLY A 94 1.95 -11.99 7.68
N LEU A 95 2.86 -11.91 6.72
CA LEU A 95 2.84 -10.86 5.72
C LEU A 95 2.70 -11.44 4.32
N GLY A 96 1.92 -10.76 3.48
CA GLY A 96 1.71 -11.22 2.12
C GLY A 96 2.66 -10.55 1.14
N ALA A 97 2.13 -10.13 0.00
CA ALA A 97 2.93 -9.48 -1.03
C ALA A 97 2.38 -8.09 -1.34
N SER A 98 3.23 -7.26 -1.95
CA SER A 98 2.84 -5.89 -2.31
C SER A 98 2.64 -5.76 -3.81
N THR A 99 1.60 -5.02 -4.20
CA THR A 99 1.31 -4.81 -5.61
C THR A 99 2.46 -4.11 -6.32
N ALA A 100 2.30 -3.89 -7.62
CA ALA A 100 3.33 -3.22 -8.42
C ALA A 100 3.67 -1.85 -7.83
N GLU A 101 4.94 -1.48 -7.90
CA GLU A 101 5.40 -0.20 -7.38
C GLU A 101 4.90 0.95 -8.26
N ILE A 102 3.95 1.71 -7.75
CA ILE A 102 3.38 2.84 -8.47
C ILE A 102 3.62 4.15 -7.74
N SER A 103 3.64 5.25 -8.49
CA SER A 103 3.87 6.56 -7.91
C SER A 103 2.83 7.57 -8.41
N ALA A 104 2.58 8.61 -7.62
CA ALA A 104 1.63 9.64 -7.99
C ALA A 104 2.21 11.03 -7.78
N ARG A 105 1.95 11.92 -8.74
CA ARG A 105 2.45 13.29 -8.66
C ARG A 105 1.39 14.23 -8.10
N THR A 106 1.74 14.96 -7.05
CA THR A 106 0.81 15.90 -6.42
C THR A 106 0.56 17.11 -7.32
N MET A 107 -0.55 17.79 -7.07
CA MET A 107 -0.90 18.97 -7.85
C MET A 107 0.14 20.07 -7.68
N GLN A 108 -0.03 21.16 -8.41
CA GLN A 108 0.89 22.29 -8.34
C GLN A 108 0.31 23.42 -7.51
N SER A 109 0.95 23.71 -6.38
CA SER A 109 0.49 24.76 -5.49
C SER A 109 1.19 26.08 -5.81
N SER A 110 2.51 26.03 -5.94
CA SER A 110 3.29 27.23 -6.24
C SER A 110 2.60 28.09 -7.28
N GLY A 111 2.19 29.29 -6.88
CA GLY A 111 1.51 30.19 -7.80
C GLY A 111 1.75 31.65 -7.46
N PRO A 112 1.79 32.51 -8.49
CA PRO A 112 2.02 33.94 -8.31
C PRO A 112 0.82 34.64 -7.66
N SER A 113 -0.32 33.96 -7.66
CA SER A 113 -1.54 34.52 -7.07
C SER A 113 -2.29 33.46 -6.29
N SER A 114 -3.34 33.88 -5.57
CA SER A 114 -4.15 32.96 -4.79
C SER A 114 -4.84 31.94 -5.68
N GLY A 115 -5.32 30.86 -5.07
CA GLY A 115 -6.00 29.82 -5.82
C GLY A 115 -5.06 28.70 -6.24
N GLY A 1 10.11 -47.12 -4.32
CA GLY A 1 11.03 -47.11 -3.19
C GLY A 1 10.33 -46.80 -1.88
N SER A 2 10.82 -47.40 -0.80
CA SER A 2 10.24 -47.20 0.52
C SER A 2 11.03 -46.15 1.31
N SER A 3 12.35 -46.28 1.30
CA SER A 3 13.22 -45.35 2.01
C SER A 3 13.18 -43.97 1.36
N GLY A 4 12.14 -43.21 1.66
CA GLY A 4 12.01 -41.88 1.10
C GLY A 4 12.69 -40.82 1.94
N SER A 5 12.31 -39.57 1.74
CA SER A 5 12.90 -38.45 2.48
C SER A 5 12.24 -38.32 3.86
N SER A 6 13.04 -38.53 4.90
CA SER A 6 12.53 -38.43 6.27
C SER A 6 13.10 -37.20 6.98
N GLY A 7 12.31 -36.62 7.87
CA GLY A 7 12.76 -35.44 8.59
C GLY A 7 13.48 -35.79 9.88
N ASP A 8 14.14 -34.80 10.47
CA ASP A 8 14.88 -35.01 11.71
C ASP A 8 14.50 -33.96 12.76
N ILE A 9 14.46 -32.70 12.33
CA ILE A 9 14.12 -31.61 13.23
C ILE A 9 12.60 -31.46 13.36
N GLN A 10 12.12 -31.35 14.60
CA GLN A 10 10.70 -31.20 14.85
C GLN A 10 10.30 -29.73 14.86
N VAL A 11 9.59 -29.30 13.81
CA VAL A 11 9.15 -27.92 13.70
C VAL A 11 8.10 -27.77 12.60
N ILE A 12 6.94 -27.26 12.96
CA ILE A 12 5.86 -27.06 11.99
C ILE A 12 6.06 -25.76 11.22
N THR A 13 6.19 -25.88 9.90
CA THR A 13 6.39 -24.73 9.03
C THR A 13 5.23 -24.57 8.06
N GLN A 14 4.30 -23.67 8.38
CA GLN A 14 3.15 -23.43 7.53
C GLN A 14 3.18 -22.01 6.97
N THR A 15 2.29 -21.74 6.01
CA THR A 15 2.22 -20.42 5.40
C THR A 15 0.78 -19.91 5.36
N GLY A 16 0.52 -18.83 6.09
CA GLY A 16 -0.82 -18.26 6.12
C GLY A 16 -0.81 -16.75 5.93
N VAL A 17 -0.56 -16.32 4.70
CA VAL A 17 -0.54 -14.89 4.39
C VAL A 17 -1.49 -14.56 3.24
N PRO A 18 -2.12 -13.38 3.33
CA PRO A 18 -3.07 -12.92 2.31
C PRO A 18 -2.38 -12.56 0.99
N GLY A 19 -3.16 -12.42 -0.06
CA GLY A 19 -2.61 -12.08 -1.36
C GLY A 19 -2.81 -10.62 -1.71
N GLN A 20 -1.77 -9.99 -2.24
CA GLN A 20 -1.84 -8.59 -2.62
C GLN A 20 -3.17 -8.28 -3.31
N PRO A 21 -3.67 -7.05 -3.10
CA PRO A 21 -4.94 -6.61 -3.71
C PRO A 21 -4.83 -6.41 -5.21
N LEU A 22 -5.94 -6.02 -5.84
CA LEU A 22 -5.96 -5.80 -7.28
C LEU A 22 -6.40 -4.37 -7.60
N ASN A 23 -6.37 -4.03 -8.89
CA ASN A 23 -6.76 -2.69 -9.33
C ASN A 23 -6.15 -1.62 -8.44
N PHE A 24 -4.85 -1.78 -8.14
CA PHE A 24 -4.15 -0.82 -7.30
C PHE A 24 -3.64 0.35 -8.12
N LYS A 25 -4.09 1.55 -7.78
CA LYS A 25 -3.67 2.76 -8.49
C LYS A 25 -3.44 3.91 -7.52
N ALA A 26 -3.11 5.08 -8.06
CA ALA A 26 -2.87 6.26 -7.24
C ALA A 26 -3.35 7.53 -7.93
N GLU A 27 -4.16 8.31 -7.23
CA GLU A 27 -4.68 9.55 -7.80
C GLU A 27 -4.54 10.70 -6.80
N PRO A 28 -3.84 11.77 -7.24
CA PRO A 28 -3.61 12.95 -6.41
C PRO A 28 -4.88 13.75 -6.16
N GLU A 29 -5.52 13.53 -5.03
CA GLU A 29 -6.75 14.23 -4.68
C GLU A 29 -6.47 15.71 -4.40
N SER A 30 -5.26 15.99 -3.92
CA SER A 30 -4.87 17.36 -3.61
C SER A 30 -3.38 17.56 -3.81
N GLU A 31 -2.90 18.77 -3.54
CA GLU A 31 -1.48 19.08 -3.69
C GLU A 31 -0.68 18.54 -2.52
N THR A 32 -1.35 18.32 -1.40
CA THR A 32 -0.69 17.79 -0.21
C THR A 32 -1.32 16.48 0.25
N SER A 33 -2.35 16.04 -0.48
CA SER A 33 -3.05 14.81 -0.15
C SER A 33 -3.22 13.93 -1.38
N ILE A 34 -3.33 12.63 -1.16
CA ILE A 34 -3.49 11.69 -2.26
C ILE A 34 -4.46 10.56 -1.88
N LEU A 35 -5.29 10.16 -2.84
CA LEU A 35 -6.27 9.11 -2.60
C LEU A 35 -5.86 7.82 -3.33
N LEU A 36 -5.81 6.73 -2.59
CA LEU A 36 -5.43 5.44 -3.16
C LEU A 36 -6.63 4.49 -3.20
N SER A 37 -6.77 3.77 -4.32
CA SER A 37 -7.87 2.83 -4.49
C SER A 37 -7.35 1.43 -4.79
N TRP A 38 -7.87 0.45 -4.07
CA TRP A 38 -7.46 -0.95 -4.26
C TRP A 38 -8.63 -1.89 -4.05
N THR A 39 -8.50 -3.11 -4.57
CA THR A 39 -9.55 -4.11 -4.45
C THR A 39 -9.12 -5.24 -3.52
N PRO A 40 -9.81 -5.38 -2.38
CA PRO A 40 -9.52 -6.41 -1.39
C PRO A 40 -9.89 -7.80 -1.88
N PRO A 41 -9.03 -8.79 -1.59
CA PRO A 41 -9.25 -10.18 -2.00
C PRO A 41 -10.40 -10.83 -1.24
N ARG A 42 -10.65 -12.11 -1.51
CA ARG A 42 -11.72 -12.84 -0.86
C ARG A 42 -11.45 -12.99 0.63
N SER A 43 -10.18 -12.88 1.02
CA SER A 43 -9.79 -13.00 2.41
C SER A 43 -10.50 -11.95 3.27
N ASP A 44 -11.61 -12.35 3.88
CA ASP A 44 -12.38 -11.45 4.73
C ASP A 44 -11.56 -11.01 5.93
N THR A 45 -10.78 -11.93 6.50
CA THR A 45 -9.95 -11.63 7.66
C THR A 45 -8.82 -10.68 7.28
N ILE A 46 -9.01 -9.40 7.56
CA ILE A 46 -8.00 -8.39 7.26
C ILE A 46 -7.83 -7.42 8.42
N ALA A 47 -6.65 -7.46 9.05
CA ALA A 47 -6.36 -6.58 10.18
C ALA A 47 -6.07 -5.16 9.70
N ASN A 48 -5.21 -5.04 8.70
CA ASN A 48 -4.84 -3.74 8.15
C ASN A 48 -3.94 -3.89 6.93
N TYR A 49 -3.76 -2.80 6.19
CA TYR A 49 -2.93 -2.82 4.99
C TYR A 49 -1.60 -2.10 5.26
N GLU A 50 -0.66 -2.26 4.32
CA GLU A 50 0.65 -1.64 4.44
C GLU A 50 0.93 -0.74 3.24
N LEU A 51 1.25 0.52 3.52
CA LEU A 51 1.55 1.49 2.46
C LEU A 51 2.98 1.99 2.58
N VAL A 52 3.88 1.35 1.84
CA VAL A 52 5.29 1.74 1.85
C VAL A 52 5.55 2.89 0.89
N TYR A 53 5.76 4.08 1.44
CA TYR A 53 6.01 5.27 0.64
C TYR A 53 7.40 5.84 0.95
N LYS A 54 7.99 6.51 -0.04
CA LYS A 54 9.30 7.11 0.12
C LYS A 54 9.46 8.32 -0.80
N ASP A 55 10.26 9.28 -0.36
CA ASP A 55 10.51 10.49 -1.15
C ASP A 55 11.52 10.22 -2.26
N GLY A 56 11.04 10.19 -3.50
CA GLY A 56 11.92 9.93 -4.63
C GLY A 56 12.24 8.46 -4.80
N GLU A 57 13.48 8.16 -5.12
CA GLU A 57 13.92 6.78 -5.32
C GLU A 57 14.90 6.36 -4.23
N HIS A 58 15.78 7.28 -3.84
CA HIS A 58 16.78 7.00 -2.82
C HIS A 58 16.23 7.35 -1.43
N GLY A 59 14.91 7.29 -1.29
CA GLY A 59 14.29 7.59 -0.01
C GLY A 59 14.24 6.40 0.91
N GLU A 60 13.68 6.60 2.11
CA GLU A 60 13.58 5.53 3.09
C GLU A 60 12.23 4.83 2.98
N GLU A 61 12.24 3.50 3.06
CA GLU A 61 11.02 2.71 2.97
C GLU A 61 10.23 2.79 4.27
N GLN A 62 9.29 3.72 4.33
CA GLN A 62 8.46 3.90 5.52
C GLN A 62 7.25 2.97 5.49
N ARG A 63 6.47 3.01 6.56
CA ARG A 63 5.28 2.16 6.65
C ARG A 63 4.18 2.86 7.45
N ILE A 64 3.00 2.98 6.84
CA ILE A 64 1.87 3.62 7.49
C ILE A 64 0.80 2.60 7.87
N THR A 65 0.19 2.80 9.04
CA THR A 65 -0.84 1.91 9.53
C THR A 65 -2.21 2.27 8.94
N ILE A 66 -2.65 1.50 7.95
CA ILE A 66 -3.93 1.75 7.31
C ILE A 66 -5.01 0.82 7.86
N GLU A 67 -6.26 1.20 7.66
CA GLU A 67 -7.38 0.39 8.13
C GLU A 67 -7.79 -0.65 7.09
N PRO A 68 -8.31 -1.79 7.57
CA PRO A 68 -8.75 -2.88 6.69
C PRO A 68 -10.00 -2.53 5.90
N GLY A 69 -9.81 -1.82 4.79
CA GLY A 69 -10.94 -1.42 3.97
C GLY A 69 -10.67 -1.64 2.48
N THR A 70 -10.88 -0.61 1.68
CA THR A 70 -10.68 -0.70 0.25
C THR A 70 -9.80 0.45 -0.25
N SER A 71 -9.99 1.63 0.34
CA SER A 71 -9.22 2.81 -0.05
C SER A 71 -8.74 3.57 1.18
N TYR A 72 -7.87 4.55 0.96
CA TYR A 72 -7.33 5.35 2.05
C TYR A 72 -6.87 6.72 1.55
N ARG A 73 -6.94 7.71 2.41
CA ARG A 73 -6.53 9.07 2.05
C ARG A 73 -5.24 9.46 2.79
N LEU A 74 -4.17 9.64 2.03
CA LEU A 74 -2.89 10.02 2.61
C LEU A 74 -2.66 11.52 2.49
N GLN A 75 -2.55 12.19 3.64
CA GLN A 75 -2.33 13.63 3.67
C GLN A 75 -0.96 13.96 4.25
N GLY A 76 -0.53 15.20 4.06
CA GLY A 76 0.76 15.62 4.58
C GLY A 76 1.89 15.37 3.60
N LEU A 77 1.81 16.02 2.44
CA LEU A 77 2.83 15.86 1.41
C LEU A 77 3.18 17.21 0.76
N LYS A 78 4.25 17.23 0.00
CA LYS A 78 4.68 18.45 -0.68
C LYS A 78 4.08 18.54 -2.08
N PRO A 79 3.72 19.76 -2.51
CA PRO A 79 3.14 20.00 -3.83
C PRO A 79 4.15 19.81 -4.96
N ASN A 80 3.66 19.38 -6.11
CA ASN A 80 4.53 19.15 -7.27
C ASN A 80 5.74 18.32 -6.89
N SER A 81 5.48 17.16 -6.29
CA SER A 81 6.55 16.25 -5.87
C SER A 81 6.16 14.80 -6.06
N LEU A 82 7.10 13.98 -6.51
CA LEU A 82 6.85 12.57 -6.74
C LEU A 82 6.91 11.78 -5.43
N TYR A 83 5.96 10.87 -5.25
CA TYR A 83 5.91 10.05 -4.03
C TYR A 83 5.48 8.63 -4.37
N TYR A 84 6.41 7.69 -4.24
CA TYR A 84 6.13 6.28 -4.52
C TYR A 84 5.12 5.72 -3.52
N PHE A 85 4.51 4.59 -3.87
CA PHE A 85 3.53 3.96 -3.01
C PHE A 85 3.44 2.46 -3.31
N ARG A 86 3.21 1.66 -2.27
CA ARG A 86 3.09 0.22 -2.42
C ARG A 86 2.14 -0.36 -1.39
N LEU A 87 1.10 -1.04 -1.86
CA LEU A 87 0.11 -1.65 -0.98
C LEU A 87 0.48 -3.09 -0.67
N ALA A 88 0.11 -3.56 0.52
CA ALA A 88 0.39 -4.93 0.94
C ALA A 88 -0.46 -5.32 2.14
N ALA A 89 -1.46 -6.16 1.91
CA ALA A 89 -2.34 -6.62 2.97
C ALA A 89 -1.54 -7.12 4.17
N ARG A 90 -1.92 -6.67 5.36
CA ARG A 90 -1.24 -7.07 6.58
C ARG A 90 -2.14 -7.95 7.45
N SER A 91 -1.72 -9.20 7.66
CA SER A 91 -2.48 -10.14 8.46
C SER A 91 -1.86 -10.32 9.84
N PRO A 92 -2.69 -10.67 10.82
CA PRO A 92 -2.24 -10.87 12.21
C PRO A 92 -1.38 -12.13 12.36
N GLN A 93 -1.13 -12.80 11.23
CA GLN A 93 -0.32 -14.01 11.24
C GLN A 93 0.98 -13.80 10.47
N GLY A 94 1.05 -12.71 9.71
CA GLY A 94 2.24 -12.41 8.94
C GLY A 94 1.96 -11.46 7.79
N LEU A 95 3.03 -10.96 7.18
CA LEU A 95 2.89 -10.02 6.06
C LEU A 95 2.65 -10.77 4.76
N GLY A 96 1.96 -10.11 3.83
CA GLY A 96 1.67 -10.72 2.54
C GLY A 96 2.57 -10.21 1.44
N ALA A 97 1.99 -9.98 0.26
CA ALA A 97 2.75 -9.48 -0.88
C ALA A 97 2.47 -8.00 -1.12
N SER A 98 3.43 -7.33 -1.75
CA SER A 98 3.29 -5.89 -2.03
C SER A 98 3.03 -5.67 -3.53
N THR A 99 1.93 -5.00 -3.83
CA THR A 99 1.56 -4.71 -5.21
C THR A 99 2.71 -4.04 -5.95
N ALA A 100 2.52 -3.81 -7.25
CA ALA A 100 3.54 -3.16 -8.06
C ALA A 100 3.93 -1.81 -7.49
N GLU A 101 5.06 -1.27 -7.96
CA GLU A 101 5.54 0.02 -7.48
C GLU A 101 4.95 1.15 -8.30
N ILE A 102 3.93 1.81 -7.76
CA ILE A 102 3.28 2.91 -8.43
C ILE A 102 3.50 4.23 -7.68
N SER A 103 3.54 5.32 -8.43
CA SER A 103 3.74 6.64 -7.83
C SER A 103 2.69 7.63 -8.34
N ALA A 104 2.59 8.77 -7.66
CA ALA A 104 1.62 9.80 -8.03
C ALA A 104 2.21 11.19 -7.84
N ARG A 105 1.91 12.09 -8.76
CA ARG A 105 2.40 13.46 -8.70
C ARG A 105 1.35 14.39 -8.11
N THR A 106 1.68 15.03 -6.99
CA THR A 106 0.77 15.95 -6.33
C THR A 106 0.51 17.19 -7.18
N MET A 107 -0.59 17.88 -6.90
CA MET A 107 -0.94 19.08 -7.65
C MET A 107 0.09 20.18 -7.43
N GLN A 108 0.26 21.05 -8.43
CA GLN A 108 1.22 22.14 -8.34
C GLN A 108 0.60 23.35 -7.65
N SER A 109 -0.20 23.09 -6.62
CA SER A 109 -0.86 24.17 -5.88
C SER A 109 -1.39 25.23 -6.83
N SER A 110 -1.98 24.79 -7.94
CA SER A 110 -2.53 25.71 -8.93
C SER A 110 -3.43 26.75 -8.27
N GLY A 111 -4.31 26.30 -7.39
CA GLY A 111 -5.21 27.20 -6.70
C GLY A 111 -6.21 26.47 -5.82
N PRO A 112 -6.99 27.23 -5.05
CA PRO A 112 -8.00 26.68 -4.14
C PRO A 112 -9.18 26.08 -4.90
N SER A 113 -9.09 26.10 -6.23
CA SER A 113 -10.16 25.56 -7.07
C SER A 113 -10.17 24.04 -7.01
N SER A 114 -11.19 23.49 -6.35
CA SER A 114 -11.33 22.04 -6.22
C SER A 114 -9.97 21.39 -5.98
N GLY A 115 -9.16 22.01 -5.12
CA GLY A 115 -7.84 21.48 -4.81
C GLY A 115 -7.74 20.98 -3.39
N GLY A 1 10.42 -29.04 -5.03
CA GLY A 1 9.31 -29.96 -5.24
C GLY A 1 9.56 -31.32 -4.64
N SER A 2 9.88 -31.34 -3.35
CA SER A 2 10.14 -32.60 -2.64
C SER A 2 9.92 -32.44 -1.15
N SER A 3 9.56 -33.54 -0.49
CA SER A 3 9.30 -33.52 0.95
C SER A 3 10.49 -32.93 1.70
N GLY A 4 11.68 -33.44 1.42
CA GLY A 4 12.87 -32.95 2.08
C GLY A 4 12.87 -33.22 3.57
N SER A 5 13.29 -32.23 4.35
CA SER A 5 13.34 -32.38 5.81
C SER A 5 12.13 -31.71 6.45
N SER A 6 11.09 -32.49 6.68
CA SER A 6 9.86 -31.98 7.29
C SER A 6 10.10 -31.58 8.75
N GLY A 7 10.56 -32.54 9.54
CA GLY A 7 10.84 -32.28 10.95
C GLY A 7 9.57 -32.00 11.74
N ASP A 8 9.74 -31.68 13.02
CA ASP A 8 8.59 -31.40 13.89
C ASP A 8 7.96 -30.07 13.51
N ILE A 9 6.83 -30.12 12.82
CA ILE A 9 6.12 -28.92 12.40
C ILE A 9 4.79 -28.79 13.11
N GLN A 10 4.53 -27.62 13.68
CA GLN A 10 3.28 -27.36 14.40
C GLN A 10 2.56 -26.15 13.82
N VAL A 11 1.76 -26.37 12.79
CA VAL A 11 1.01 -25.30 12.14
C VAL A 11 -0.39 -25.18 12.73
N ILE A 12 -0.89 -23.95 12.82
CA ILE A 12 -2.21 -23.71 13.36
C ILE A 12 -3.29 -24.09 12.36
N THR A 13 -3.43 -23.29 11.31
CA THR A 13 -4.43 -23.55 10.28
C THR A 13 -3.80 -23.57 8.89
N GLN A 14 -4.56 -24.02 7.90
CA GLN A 14 -4.06 -24.10 6.53
C GLN A 14 -3.70 -22.71 6.01
N THR A 15 -4.63 -21.76 6.17
CA THR A 15 -4.40 -20.39 5.72
C THR A 15 -3.11 -19.82 6.29
N GLY A 16 -2.47 -18.94 5.53
CA GLY A 16 -1.23 -18.34 5.99
C GLY A 16 -1.19 -16.84 5.78
N VAL A 17 -0.96 -16.42 4.53
CA VAL A 17 -0.91 -15.00 4.21
C VAL A 17 -1.85 -14.66 3.06
N PRO A 18 -2.47 -13.48 3.14
CA PRO A 18 -3.42 -13.01 2.11
C PRO A 18 -2.73 -12.69 0.79
N GLY A 19 -3.50 -12.64 -0.29
CA GLY A 19 -2.95 -12.35 -1.59
C GLY A 19 -3.03 -10.86 -1.92
N GLN A 20 -1.99 -10.36 -2.59
CA GLN A 20 -1.93 -8.96 -2.96
C GLN A 20 -3.27 -8.50 -3.55
N PRO A 21 -3.66 -7.25 -3.25
CA PRO A 21 -4.92 -6.67 -3.74
C PRO A 21 -4.87 -6.40 -5.25
N LEU A 22 -6.04 -6.15 -5.83
CA LEU A 22 -6.14 -5.88 -7.25
C LEU A 22 -6.63 -4.45 -7.50
N ASN A 23 -6.56 -4.01 -8.75
CA ASN A 23 -6.99 -2.67 -9.12
C ASN A 23 -6.28 -1.62 -8.27
N PHE A 24 -4.99 -1.80 -8.08
CA PHE A 24 -4.19 -0.87 -7.29
C PHE A 24 -3.73 0.30 -8.15
N LYS A 25 -4.21 1.49 -7.81
CA LYS A 25 -3.84 2.70 -8.55
C LYS A 25 -3.80 3.92 -7.63
N ALA A 26 -2.93 4.86 -7.94
CA ALA A 26 -2.79 6.07 -7.14
C ALA A 26 -3.32 7.29 -7.88
N GLU A 27 -4.08 8.12 -7.18
CA GLU A 27 -4.66 9.33 -7.78
C GLU A 27 -4.56 10.50 -6.81
N PRO A 28 -3.90 11.58 -7.26
CA PRO A 28 -3.72 12.79 -6.46
C PRO A 28 -5.03 13.56 -6.28
N GLU A 29 -5.57 13.52 -5.06
CA GLU A 29 -6.82 14.21 -4.75
C GLU A 29 -6.56 15.68 -4.43
N SER A 30 -5.33 15.98 -4.04
CA SER A 30 -4.95 17.35 -3.68
C SER A 30 -3.44 17.55 -3.79
N GLU A 31 -3.00 18.77 -3.54
CA GLU A 31 -1.57 19.09 -3.61
C GLU A 31 -0.82 18.52 -2.42
N THR A 32 -1.51 18.43 -1.27
CA THR A 32 -0.91 17.91 -0.05
C THR A 32 -1.61 16.63 0.40
N SER A 33 -2.48 16.11 -0.45
CA SER A 33 -3.22 14.89 -0.13
C SER A 33 -3.30 13.97 -1.35
N ILE A 34 -3.47 12.68 -1.10
CA ILE A 34 -3.56 11.70 -2.18
C ILE A 34 -4.52 10.57 -1.81
N LEU A 35 -5.27 10.10 -2.80
CA LEU A 35 -6.22 9.01 -2.58
C LEU A 35 -5.79 7.75 -3.32
N LEU A 36 -5.99 6.60 -2.69
CA LEU A 36 -5.63 5.32 -3.29
C LEU A 36 -6.86 4.46 -3.52
N SER A 37 -6.86 3.71 -4.61
CA SER A 37 -7.97 2.84 -4.95
C SER A 37 -7.51 1.40 -5.16
N TRP A 38 -7.98 0.50 -4.31
CA TRP A 38 -7.60 -0.91 -4.40
C TRP A 38 -8.80 -1.81 -4.08
N THR A 39 -8.74 -3.05 -4.55
CA THR A 39 -9.81 -4.01 -4.31
C THR A 39 -9.35 -5.13 -3.38
N PRO A 40 -10.04 -5.28 -2.24
CA PRO A 40 -9.71 -6.30 -1.25
C PRO A 40 -10.06 -7.71 -1.74
N PRO A 41 -9.09 -8.63 -1.62
CA PRO A 41 -9.26 -10.02 -2.05
C PRO A 41 -10.24 -10.79 -1.16
N ARG A 42 -10.51 -12.04 -1.52
CA ARG A 42 -11.42 -12.87 -0.75
C ARG A 42 -11.09 -12.81 0.74
N SER A 43 -9.81 -12.89 1.06
CA SER A 43 -9.36 -12.84 2.45
C SER A 43 -10.07 -11.73 3.21
N ASP A 44 -11.13 -12.10 3.94
CA ASP A 44 -11.89 -11.12 4.71
C ASP A 44 -11.11 -10.68 5.95
N THR A 45 -10.48 -11.63 6.62
CA THR A 45 -9.71 -11.33 7.82
C THR A 45 -8.45 -10.54 7.47
N ILE A 46 -8.52 -9.22 7.63
CA ILE A 46 -7.38 -8.36 7.33
C ILE A 46 -7.17 -7.34 8.45
N ALA A 47 -5.94 -7.30 8.97
CA ALA A 47 -5.61 -6.36 10.03
C ALA A 47 -5.47 -4.94 9.50
N ASN A 48 -4.68 -4.78 8.44
CA ASN A 48 -4.46 -3.48 7.83
C ASN A 48 -3.62 -3.60 6.57
N TYR A 49 -3.41 -2.47 5.89
CA TYR A 49 -2.63 -2.45 4.66
C TYR A 49 -1.33 -1.68 4.86
N GLU A 50 -0.26 -2.22 4.29
CA GLU A 50 1.06 -1.59 4.41
C GLU A 50 1.30 -0.63 3.25
N LEU A 51 1.60 0.62 3.58
CA LEU A 51 1.86 1.65 2.57
C LEU A 51 3.31 2.13 2.62
N VAL A 52 4.19 1.41 1.94
CA VAL A 52 5.61 1.77 1.91
C VAL A 52 5.85 2.97 1.01
N TYR A 53 5.71 4.17 1.58
CA TYR A 53 5.91 5.40 0.83
C TYR A 53 7.28 6.00 1.12
N LYS A 54 7.94 6.49 0.08
CA LYS A 54 9.27 7.07 0.21
C LYS A 54 9.44 8.24 -0.76
N ASP A 55 10.29 9.19 -0.40
CA ASP A 55 10.54 10.36 -1.23
C ASP A 55 11.60 10.03 -2.29
N GLY A 56 11.15 9.87 -3.53
CA GLY A 56 12.07 9.56 -4.62
C GLY A 56 12.41 8.09 -4.67
N GLU A 57 13.41 7.75 -5.49
CA GLU A 57 13.84 6.36 -5.64
C GLU A 57 14.71 5.94 -4.46
N HIS A 58 15.58 6.84 -4.02
CA HIS A 58 16.47 6.54 -2.90
C HIS A 58 15.87 7.05 -1.59
N GLY A 59 14.54 7.13 -1.54
CA GLY A 59 13.87 7.59 -0.34
C GLY A 59 13.87 6.56 0.77
N GLU A 60 13.34 6.93 1.92
CA GLU A 60 13.29 6.03 3.06
C GLU A 60 11.93 5.32 3.14
N GLU A 61 11.97 3.99 3.25
CA GLU A 61 10.75 3.20 3.34
C GLU A 61 9.95 3.55 4.59
N GLN A 62 8.75 4.08 4.39
CA GLN A 62 7.89 4.48 5.49
C GLN A 62 6.55 3.75 5.42
N ARG A 63 6.25 2.95 6.43
CA ARG A 63 5.01 2.20 6.48
C ARG A 63 3.96 2.93 7.31
N ILE A 64 2.75 3.03 6.79
CA ILE A 64 1.66 3.71 7.48
C ILE A 64 0.57 2.73 7.90
N THR A 65 -0.01 2.94 9.07
CA THR A 65 -1.06 2.07 9.58
C THR A 65 -2.41 2.41 8.95
N ILE A 66 -2.73 1.74 7.85
CA ILE A 66 -3.99 1.97 7.16
C ILE A 66 -5.06 0.98 7.60
N GLU A 67 -6.30 1.44 7.65
CA GLU A 67 -7.42 0.60 8.05
C GLU A 67 -7.75 -0.43 6.98
N PRO A 68 -8.12 -1.65 7.42
CA PRO A 68 -8.46 -2.74 6.51
C PRO A 68 -9.78 -2.49 5.78
N GLY A 69 -9.73 -1.69 4.73
CA GLY A 69 -10.93 -1.38 3.97
C GLY A 69 -10.72 -1.58 2.47
N THR A 70 -11.07 -0.55 1.69
CA THR A 70 -10.91 -0.62 0.24
C THR A 70 -10.12 0.57 -0.28
N SER A 71 -10.27 1.71 0.37
CA SER A 71 -9.57 2.93 -0.03
C SER A 71 -9.07 3.70 1.19
N TYR A 72 -8.12 4.60 0.97
CA TYR A 72 -7.55 5.40 2.04
C TYR A 72 -7.11 6.77 1.53
N ARG A 73 -7.03 7.73 2.43
CA ARG A 73 -6.62 9.09 2.08
C ARG A 73 -5.40 9.53 2.89
N LEU A 74 -4.28 9.72 2.20
CA LEU A 74 -3.05 10.13 2.85
C LEU A 74 -2.85 11.64 2.74
N GLN A 75 -2.65 12.29 3.88
CA GLN A 75 -2.45 13.74 3.93
C GLN A 75 -1.08 14.08 4.48
N GLY A 76 -0.63 15.31 4.24
CA GLY A 76 0.65 15.74 4.73
C GLY A 76 1.78 15.43 3.77
N LEU A 77 1.75 16.06 2.59
CA LEU A 77 2.77 15.85 1.59
C LEU A 77 3.24 17.17 0.98
N LYS A 78 4.14 17.08 0.01
CA LYS A 78 4.67 18.27 -0.65
C LYS A 78 4.12 18.40 -2.06
N PRO A 79 3.83 19.65 -2.47
CA PRO A 79 3.29 19.95 -3.80
C PRO A 79 4.31 19.70 -4.91
N ASN A 80 3.83 19.37 -6.10
CA ASN A 80 4.70 19.12 -7.23
C ASN A 80 5.90 18.28 -6.83
N SER A 81 5.63 17.15 -6.17
CA SER A 81 6.70 16.26 -5.72
C SER A 81 6.31 14.80 -5.93
N LEU A 82 7.26 14.01 -6.40
CA LEU A 82 7.02 12.58 -6.65
C LEU A 82 7.09 11.79 -5.36
N TYR A 83 6.15 10.86 -5.18
CA TYR A 83 6.11 10.03 -3.98
C TYR A 83 5.69 8.60 -4.32
N TYR A 84 6.60 7.66 -4.12
CA TYR A 84 6.32 6.25 -4.40
C TYR A 84 5.29 5.69 -3.43
N PHE A 85 4.64 4.61 -3.83
CA PHE A 85 3.62 3.97 -3.00
C PHE A 85 3.56 2.48 -3.26
N ARG A 86 3.33 1.70 -2.21
CA ARG A 86 3.25 0.25 -2.33
C ARG A 86 2.28 -0.33 -1.30
N LEU A 87 1.25 -1.02 -1.78
CA LEU A 87 0.26 -1.63 -0.89
C LEU A 87 0.53 -3.12 -0.71
N ALA A 88 0.24 -3.63 0.48
CA ALA A 88 0.44 -5.04 0.78
C ALA A 88 -0.36 -5.46 2.01
N ALA A 89 -1.42 -6.23 1.78
CA ALA A 89 -2.27 -6.70 2.87
C ALA A 89 -1.43 -7.22 4.03
N ARG A 90 -1.86 -6.89 5.25
CA ARG A 90 -1.16 -7.31 6.45
C ARG A 90 -2.07 -8.14 7.36
N SER A 91 -1.67 -9.39 7.60
CA SER A 91 -2.45 -10.28 8.45
C SER A 91 -1.74 -10.53 9.78
N PRO A 92 -2.54 -10.83 10.82
CA PRO A 92 -2.01 -11.09 12.17
C PRO A 92 -1.23 -12.40 12.25
N GLN A 93 -1.18 -13.12 11.13
CA GLN A 93 -0.46 -14.39 11.07
C GLN A 93 0.83 -14.25 10.28
N GLY A 94 0.86 -13.27 9.38
CA GLY A 94 2.05 -13.05 8.57
C GLY A 94 1.83 -12.01 7.49
N LEU A 95 2.90 -11.63 6.81
CA LEU A 95 2.82 -10.64 5.75
C LEU A 95 2.55 -11.29 4.39
N GLY A 96 1.81 -10.58 3.54
CA GLY A 96 1.48 -11.12 2.23
C GLY A 96 2.46 -10.65 1.16
N ALA A 97 1.92 -10.20 0.03
CA ALA A 97 2.74 -9.73 -1.08
C ALA A 97 2.48 -8.25 -1.35
N SER A 98 3.52 -7.54 -1.80
CA SER A 98 3.40 -6.12 -2.09
C SER A 98 3.11 -5.90 -3.58
N THR A 99 2.08 -5.11 -3.86
CA THR A 99 1.71 -4.82 -5.24
C THR A 99 2.84 -4.14 -5.99
N ALA A 100 2.61 -3.85 -7.27
CA ALA A 100 3.62 -3.20 -8.10
C ALA A 100 4.00 -1.84 -7.54
N GLU A 101 5.21 -1.39 -7.85
CA GLU A 101 5.69 -0.10 -7.36
C GLU A 101 5.09 1.05 -8.17
N ILE A 102 4.05 1.67 -7.62
CA ILE A 102 3.39 2.78 -8.29
C ILE A 102 3.71 4.11 -7.61
N SER A 103 3.48 5.20 -8.33
CA SER A 103 3.75 6.54 -7.79
C SER A 103 2.69 7.52 -8.24
N ALA A 104 2.61 8.66 -7.56
CA ALA A 104 1.63 9.69 -7.90
C ALA A 104 2.23 11.09 -7.72
N ARG A 105 1.91 11.97 -8.65
CA ARG A 105 2.41 13.35 -8.61
C ARG A 105 1.36 14.29 -8.03
N THR A 106 1.72 15.00 -6.96
CA THR A 106 0.81 15.93 -6.32
C THR A 106 0.54 17.14 -7.22
N MET A 107 -0.54 17.86 -6.92
CA MET A 107 -0.91 19.03 -7.70
C MET A 107 0.16 20.12 -7.58
N GLN A 108 -0.02 21.20 -8.33
CA GLN A 108 0.93 22.32 -8.31
C GLN A 108 0.34 23.52 -7.58
N SER A 109 0.70 23.68 -6.32
CA SER A 109 0.20 24.79 -5.51
C SER A 109 0.43 26.11 -6.22
N SER A 110 -0.66 26.71 -6.70
CA SER A 110 -0.58 27.98 -7.41
C SER A 110 -1.04 29.13 -6.52
N GLY A 111 -0.22 30.17 -6.44
CA GLY A 111 -0.55 31.32 -5.61
C GLY A 111 0.67 32.06 -5.13
N PRO A 112 0.55 33.39 -4.99
CA PRO A 112 1.66 34.24 -4.53
C PRO A 112 1.98 34.03 -3.06
N SER A 113 1.17 33.21 -2.39
CA SER A 113 1.38 32.91 -0.97
C SER A 113 1.98 31.52 -0.79
N SER A 114 3.30 31.46 -0.68
CA SER A 114 4.00 30.20 -0.51
C SER A 114 3.91 29.72 0.94
N GLY A 115 3.18 28.64 1.16
CA GLY A 115 3.02 28.10 2.50
C GLY A 115 1.94 27.05 2.58
N GLY A 1 -2.07 -31.62 -10.58
CA GLY A 1 -3.25 -30.77 -10.56
C GLY A 1 -2.98 -29.43 -9.91
N SER A 2 -3.98 -28.91 -9.19
CA SER A 2 -3.85 -27.63 -8.51
C SER A 2 -2.61 -27.59 -7.63
N SER A 3 -2.42 -28.66 -6.84
CA SER A 3 -1.29 -28.75 -5.95
C SER A 3 0.02 -28.77 -6.73
N GLY A 4 1.13 -28.55 -6.03
CA GLY A 4 2.43 -28.55 -6.68
C GLY A 4 3.48 -29.25 -5.85
N SER A 5 4.73 -28.81 -6.01
CA SER A 5 5.85 -29.40 -5.27
C SER A 5 5.65 -29.23 -3.76
N SER A 6 5.42 -30.33 -3.07
CA SER A 6 5.21 -30.31 -1.62
C SER A 6 6.41 -29.69 -0.92
N GLY A 7 7.58 -30.32 -1.08
CA GLY A 7 8.78 -29.81 -0.46
C GLY A 7 9.34 -30.76 0.58
N ASP A 8 8.91 -30.60 1.83
CA ASP A 8 9.38 -31.45 2.92
C ASP A 8 8.22 -32.27 3.49
N ILE A 9 8.56 -33.33 4.23
CA ILE A 9 7.55 -34.18 4.84
C ILE A 9 7.03 -33.59 6.15
N GLN A 10 7.96 -33.27 7.05
CA GLN A 10 7.60 -32.70 8.34
C GLN A 10 6.52 -31.64 8.18
N VAL A 11 6.74 -30.69 7.27
CA VAL A 11 5.79 -29.61 7.02
C VAL A 11 5.29 -29.66 5.58
N ILE A 12 4.03 -29.24 5.39
CA ILE A 12 3.43 -29.23 4.07
C ILE A 12 3.01 -27.83 3.67
N THR A 13 2.61 -27.67 2.41
CA THR A 13 2.18 -26.37 1.89
C THR A 13 0.67 -26.19 2.05
N GLN A 14 0.28 -25.10 2.70
CA GLN A 14 -1.14 -24.81 2.91
C GLN A 14 -1.39 -23.31 2.91
N THR A 15 -2.64 -22.92 2.66
CA THR A 15 -3.01 -21.51 2.64
C THR A 15 -2.51 -20.78 3.88
N GLY A 16 -2.41 -19.46 3.79
CA GLY A 16 -1.96 -18.67 4.91
C GLY A 16 -2.02 -17.19 4.65
N VAL A 17 -0.86 -16.55 4.52
CA VAL A 17 -0.79 -15.12 4.25
C VAL A 17 -1.78 -14.70 3.17
N PRO A 18 -2.29 -13.47 3.27
CA PRO A 18 -3.25 -12.93 2.31
C PRO A 18 -2.63 -12.67 0.95
N GLY A 19 -3.45 -12.26 -0.01
CA GLY A 19 -2.96 -11.99 -1.35
C GLY A 19 -3.03 -10.51 -1.70
N GLN A 20 -2.06 -10.05 -2.50
CA GLN A 20 -2.02 -8.66 -2.91
C GLN A 20 -3.35 -8.21 -3.50
N PRO A 21 -3.73 -6.96 -3.24
CA PRO A 21 -4.98 -6.38 -3.74
C PRO A 21 -4.96 -6.17 -5.25
N LEU A 22 -6.14 -6.02 -5.84
CA LEU A 22 -6.27 -5.81 -7.28
C LEU A 22 -6.69 -4.37 -7.58
N ASN A 23 -6.69 -4.02 -8.85
CA ASN A 23 -7.07 -2.69 -9.28
C ASN A 23 -6.36 -1.62 -8.46
N PHE A 24 -5.07 -1.84 -8.21
CA PHE A 24 -4.27 -0.90 -7.42
C PHE A 24 -3.81 0.26 -8.29
N LYS A 25 -4.21 1.47 -7.90
CA LYS A 25 -3.83 2.67 -8.64
C LYS A 25 -3.68 3.86 -7.70
N ALA A 26 -2.83 4.81 -8.10
CA ALA A 26 -2.60 6.00 -7.28
C ALA A 26 -3.13 7.25 -7.97
N GLU A 27 -3.96 8.00 -7.27
CA GLU A 27 -4.54 9.23 -7.81
C GLU A 27 -4.51 10.36 -6.79
N PRO A 28 -3.87 11.48 -7.16
CA PRO A 28 -3.75 12.64 -6.29
C PRO A 28 -5.08 13.36 -6.09
N GLU A 29 -5.46 13.57 -4.84
CA GLU A 29 -6.70 14.25 -4.51
C GLU A 29 -6.47 15.72 -4.17
N SER A 30 -5.33 15.99 -3.54
CA SER A 30 -4.97 17.35 -3.16
C SER A 30 -3.50 17.63 -3.42
N GLU A 31 -3.04 18.81 -3.01
CA GLU A 31 -1.66 19.19 -3.19
C GLU A 31 -0.75 18.51 -2.18
N THR A 32 -1.32 18.22 -1.00
CA THR A 32 -0.56 17.57 0.07
C THR A 32 -1.20 16.25 0.45
N SER A 33 -2.27 15.88 -0.24
CA SER A 33 -2.98 14.63 0.03
C SER A 33 -3.11 13.78 -1.23
N ILE A 34 -3.30 12.49 -1.04
CA ILE A 34 -3.44 11.57 -2.17
C ILE A 34 -4.39 10.42 -1.83
N LEU A 35 -5.22 10.05 -2.81
CA LEU A 35 -6.17 8.96 -2.62
C LEU A 35 -5.71 7.69 -3.31
N LEU A 36 -6.03 6.54 -2.72
CA LEU A 36 -5.64 5.25 -3.28
C LEU A 36 -6.87 4.39 -3.55
N SER A 37 -6.89 3.74 -4.71
CA SER A 37 -8.01 2.88 -5.07
C SER A 37 -7.54 1.43 -5.25
N TRP A 38 -8.01 0.56 -4.36
CA TRP A 38 -7.65 -0.84 -4.42
C TRP A 38 -8.84 -1.73 -4.08
N THR A 39 -8.77 -2.99 -4.51
CA THR A 39 -9.86 -3.94 -4.26
C THR A 39 -9.38 -5.10 -3.39
N PRO A 40 -10.03 -5.29 -2.24
CA PRO A 40 -9.69 -6.36 -1.30
C PRO A 40 -10.05 -7.74 -1.84
N PRO A 41 -9.13 -8.70 -1.65
CA PRO A 41 -9.33 -10.08 -2.11
C PRO A 41 -10.40 -10.81 -1.32
N ARG A 42 -10.69 -12.04 -1.72
CA ARG A 42 -11.70 -12.85 -1.06
C ARG A 42 -11.43 -12.92 0.45
N SER A 43 -10.17 -12.79 0.82
CA SER A 43 -9.76 -12.85 2.22
C SER A 43 -10.55 -11.82 3.04
N ASP A 44 -11.43 -12.33 3.91
CA ASP A 44 -12.24 -11.47 4.76
C ASP A 44 -11.48 -11.07 6.02
N THR A 45 -10.38 -11.76 6.28
CA THR A 45 -9.56 -11.49 7.46
C THR A 45 -8.40 -10.55 7.12
N ILE A 46 -8.60 -9.27 7.36
CA ILE A 46 -7.58 -8.27 7.09
C ILE A 46 -7.48 -7.25 8.21
N ALA A 47 -6.32 -7.18 8.86
CA ALA A 47 -6.10 -6.25 9.95
C ALA A 47 -5.86 -4.84 9.43
N ASN A 48 -5.00 -4.73 8.41
CA ASN A 48 -4.69 -3.44 7.82
C ASN A 48 -3.83 -3.61 6.58
N TYR A 49 -3.46 -2.49 5.96
CA TYR A 49 -2.63 -2.51 4.75
C TYR A 49 -1.32 -1.77 4.98
N GLU A 50 -0.25 -2.28 4.40
CA GLU A 50 1.07 -1.67 4.54
C GLU A 50 1.36 -0.73 3.38
N LEU A 51 1.66 0.52 3.69
CA LEU A 51 1.97 1.51 2.66
C LEU A 51 3.43 1.95 2.74
N VAL A 52 4.27 1.32 1.92
CA VAL A 52 5.69 1.65 1.88
C VAL A 52 5.97 2.78 0.90
N TYR A 53 5.97 4.01 1.40
CA TYR A 53 6.23 5.17 0.56
C TYR A 53 7.55 5.83 0.94
N LYS A 54 8.15 6.52 -0.02
CA LYS A 54 9.43 7.20 0.21
C LYS A 54 9.50 8.51 -0.58
N ASP A 55 10.28 9.45 -0.07
CA ASP A 55 10.43 10.74 -0.73
C ASP A 55 11.32 10.63 -1.96
N GLY A 56 10.70 10.58 -3.14
CA GLY A 56 11.45 10.47 -4.37
C GLY A 56 12.06 9.10 -4.55
N GLU A 57 13.18 9.05 -5.27
CA GLU A 57 13.87 7.79 -5.51
C GLU A 57 14.79 7.42 -4.34
N HIS A 58 15.57 8.39 -3.89
CA HIS A 58 16.50 8.17 -2.78
C HIS A 58 15.80 8.43 -1.45
N GLY A 59 14.48 8.23 -1.43
CA GLY A 59 13.72 8.45 -0.20
C GLY A 59 13.75 7.25 0.72
N GLU A 60 13.42 7.46 1.98
CA GLU A 60 13.40 6.38 2.96
C GLU A 60 12.01 5.74 3.04
N GLU A 61 11.98 4.41 2.93
CA GLU A 61 10.72 3.67 2.99
C GLU A 61 10.04 3.87 4.33
N GLN A 62 8.71 4.01 4.30
CA GLN A 62 7.94 4.21 5.53
C GLN A 62 6.61 3.47 5.44
N ARG A 63 6.26 2.77 6.51
CA ARG A 63 5.00 2.03 6.57
C ARG A 63 3.96 2.76 7.41
N ILE A 64 2.78 2.96 6.83
CA ILE A 64 1.69 3.65 7.52
C ILE A 64 0.58 2.68 7.90
N THR A 65 0.02 2.88 9.08
CA THR A 65 -1.06 2.03 9.58
C THR A 65 -2.40 2.41 8.93
N ILE A 66 -2.77 1.69 7.89
CA ILE A 66 -4.03 1.95 7.19
C ILE A 66 -5.13 1.01 7.68
N GLU A 67 -6.37 1.49 7.64
CA GLU A 67 -7.52 0.70 8.07
C GLU A 67 -7.87 -0.34 7.02
N PRO A 68 -8.31 -1.53 7.49
CA PRO A 68 -8.70 -2.63 6.60
C PRO A 68 -9.99 -2.35 5.85
N GLY A 69 -9.89 -1.57 4.77
CA GLY A 69 -11.05 -1.24 3.99
C GLY A 69 -10.83 -1.40 2.50
N THR A 70 -11.19 -0.38 1.73
CA THR A 70 -11.01 -0.42 0.28
C THR A 70 -10.27 0.81 -0.22
N SER A 71 -10.60 1.96 0.37
CA SER A 71 -9.96 3.22 -0.02
C SER A 71 -9.32 3.90 1.19
N TYR A 72 -8.33 4.74 0.93
CA TYR A 72 -7.63 5.45 1.99
C TYR A 72 -7.16 6.83 1.51
N ARG A 73 -7.15 7.79 2.43
CA ARG A 73 -6.72 9.15 2.11
C ARG A 73 -5.42 9.50 2.82
N LEU A 74 -4.34 9.56 2.05
CA LEU A 74 -3.02 9.88 2.62
C LEU A 74 -2.82 11.40 2.68
N GLN A 75 -2.27 11.86 3.79
CA GLN A 75 -2.03 13.29 3.98
C GLN A 75 -0.62 13.53 4.55
N GLY A 76 -0.11 14.74 4.34
CA GLY A 76 1.22 15.06 4.84
C GLY A 76 2.30 14.86 3.80
N LEU A 77 2.18 15.54 2.67
CA LEU A 77 3.15 15.43 1.60
C LEU A 77 3.48 16.80 1.01
N LYS A 78 4.37 16.82 0.04
CA LYS A 78 4.78 18.07 -0.60
C LYS A 78 4.16 18.20 -1.99
N PRO A 79 3.79 19.42 -2.37
CA PRO A 79 3.17 19.71 -3.67
C PRO A 79 4.17 19.55 -4.82
N ASN A 80 3.65 19.38 -6.03
CA ASN A 80 4.49 19.23 -7.22
C ASN A 80 5.72 18.39 -6.89
N SER A 81 5.50 17.21 -6.32
CA SER A 81 6.59 16.32 -5.97
C SER A 81 6.19 14.86 -6.19
N LEU A 82 7.14 14.05 -6.65
CA LEU A 82 6.89 12.64 -6.90
C LEU A 82 7.08 11.82 -5.62
N TYR A 83 6.15 10.92 -5.36
CA TYR A 83 6.21 10.07 -4.17
C TYR A 83 5.79 8.64 -4.50
N TYR A 84 6.67 7.70 -4.21
CA TYR A 84 6.39 6.28 -4.47
C TYR A 84 5.46 5.71 -3.41
N PHE A 85 4.68 4.70 -3.81
CA PHE A 85 3.75 4.05 -2.89
C PHE A 85 3.65 2.55 -3.17
N ARG A 86 3.48 1.77 -2.11
CA ARG A 86 3.38 0.32 -2.25
C ARG A 86 2.41 -0.25 -1.21
N LEU A 87 1.40 -0.97 -1.69
CA LEU A 87 0.41 -1.58 -0.80
C LEU A 87 0.72 -3.04 -0.56
N ALA A 88 0.34 -3.54 0.61
CA ALA A 88 0.57 -4.94 0.96
C ALA A 88 -0.27 -5.35 2.16
N ALA A 89 -1.30 -6.15 1.90
CA ALA A 89 -2.19 -6.62 2.95
C ALA A 89 -1.40 -7.19 4.13
N ARG A 90 -1.75 -6.77 5.34
CA ARG A 90 -1.07 -7.24 6.54
C ARG A 90 -1.98 -8.15 7.37
N SER A 91 -1.49 -9.33 7.68
CA SER A 91 -2.26 -10.29 8.47
C SER A 91 -1.54 -10.65 9.75
N PRO A 92 -2.30 -10.87 10.83
CA PRO A 92 -1.76 -11.21 12.14
C PRO A 92 -1.17 -12.62 12.17
N GLN A 93 -1.19 -13.29 11.03
CA GLN A 93 -0.66 -14.64 10.91
C GLN A 93 0.58 -14.67 10.02
N GLY A 94 0.73 -13.64 9.20
CA GLY A 94 1.88 -13.57 8.30
C GLY A 94 1.66 -12.60 7.16
N LEU A 95 2.53 -11.61 7.04
CA LEU A 95 2.42 -10.61 5.98
C LEU A 95 2.24 -11.28 4.62
N GLY A 96 1.48 -10.64 3.75
CA GLY A 96 1.24 -11.20 2.42
C GLY A 96 2.21 -10.66 1.39
N ALA A 97 1.70 -10.28 0.23
CA ALA A 97 2.53 -9.74 -0.84
C ALA A 97 2.27 -8.25 -1.04
N SER A 98 3.08 -7.63 -1.90
CA SER A 98 2.94 -6.20 -2.17
C SER A 98 2.64 -5.97 -3.65
N THR A 99 1.81 -4.96 -3.91
CA THR A 99 1.44 -4.62 -5.29
C THR A 99 2.60 -3.96 -6.03
N ALA A 100 2.42 -3.76 -7.34
CA ALA A 100 3.44 -3.13 -8.15
C ALA A 100 3.81 -1.75 -7.62
N GLU A 101 5.01 -1.30 -7.94
CA GLU A 101 5.48 0.01 -7.49
C GLU A 101 4.79 1.14 -8.26
N ILE A 102 3.82 1.78 -7.62
CA ILE A 102 3.09 2.87 -8.24
C ILE A 102 3.42 4.21 -7.59
N SER A 103 3.40 5.27 -8.38
CA SER A 103 3.71 6.60 -7.88
C SER A 103 2.73 7.63 -8.43
N ALA A 104 2.36 8.60 -7.61
CA ALA A 104 1.44 9.64 -8.03
C ALA A 104 2.00 11.03 -7.73
N ARG A 105 1.80 11.96 -8.66
CA ARG A 105 2.29 13.32 -8.49
C ARG A 105 1.20 14.24 -7.92
N THR A 106 1.49 14.86 -6.79
CA THR A 106 0.53 15.76 -6.14
C THR A 106 0.25 16.97 -7.01
N MET A 107 -0.68 17.81 -6.56
CA MET A 107 -1.04 19.02 -7.30
C MET A 107 0.02 20.10 -7.11
N GLN A 108 0.22 20.91 -8.14
CA GLN A 108 1.19 21.99 -8.09
C GLN A 108 0.66 23.17 -7.29
N SER A 109 1.02 23.24 -6.01
CA SER A 109 0.58 24.32 -5.14
C SER A 109 0.79 25.68 -5.80
N SER A 110 -0.26 26.21 -6.41
CA SER A 110 -0.18 27.50 -7.07
C SER A 110 -1.18 28.49 -6.46
N GLY A 111 -0.66 29.57 -5.91
CA GLY A 111 -1.51 30.57 -5.30
C GLY A 111 -0.94 31.11 -4.00
N PRO A 112 -0.04 32.10 -4.10
CA PRO A 112 0.60 32.71 -2.93
C PRO A 112 -0.37 33.56 -2.12
N SER A 113 -0.75 33.06 -0.94
CA SER A 113 -1.67 33.77 -0.07
C SER A 113 -0.94 34.37 1.13
N SER A 114 -1.57 35.34 1.77
CA SER A 114 -0.98 36.00 2.94
C SER A 114 -1.90 35.87 4.16
N GLY A 115 -1.40 35.24 5.21
CA GLY A 115 -2.18 35.06 6.42
C GLY A 115 -1.31 34.93 7.65
N GLY A 1 0.37 -26.11 -10.29
CA GLY A 1 1.43 -26.29 -9.31
C GLY A 1 1.42 -27.68 -8.69
N SER A 2 2.00 -27.80 -7.51
CA SER A 2 2.07 -29.08 -6.82
C SER A 2 0.87 -29.28 -5.90
N SER A 3 -0.31 -28.92 -6.42
CA SER A 3 -1.54 -29.06 -5.65
C SER A 3 -2.51 -30.02 -6.32
N GLY A 4 -3.16 -30.85 -5.52
CA GLY A 4 -4.10 -31.82 -6.07
C GLY A 4 -5.46 -31.20 -6.36
N SER A 5 -6.52 -31.92 -6.03
CA SER A 5 -7.88 -31.44 -6.26
C SER A 5 -8.73 -31.57 -5.00
N SER A 6 -8.63 -32.73 -4.35
CA SER A 6 -9.38 -32.98 -3.13
C SER A 6 -8.94 -32.06 -2.01
N GLY A 7 -7.66 -31.70 -2.01
CA GLY A 7 -7.13 -30.83 -0.98
C GLY A 7 -7.06 -31.49 0.38
N ASP A 8 -5.89 -31.98 0.74
CA ASP A 8 -5.69 -32.64 2.03
C ASP A 8 -5.40 -31.63 3.13
N ILE A 9 -6.43 -31.22 3.84
CA ILE A 9 -6.27 -30.25 4.92
C ILE A 9 -5.63 -30.89 6.15
N GLN A 10 -5.25 -32.16 6.02
CA GLN A 10 -4.62 -32.88 7.12
C GLN A 10 -3.68 -31.98 7.91
N VAL A 11 -2.76 -31.34 7.20
CA VAL A 11 -1.79 -30.44 7.83
C VAL A 11 -2.33 -29.02 7.92
N ILE A 12 -2.35 -28.34 6.78
CA ILE A 12 -2.85 -26.96 6.73
C ILE A 12 -4.31 -26.90 7.17
N THR A 13 -4.53 -26.59 8.44
CA THR A 13 -5.88 -26.50 8.99
C THR A 13 -6.29 -25.04 9.16
N GLN A 14 -5.51 -24.13 8.57
CA GLN A 14 -5.80 -22.71 8.66
C GLN A 14 -5.27 -21.97 7.45
N THR A 15 -5.96 -20.89 7.08
CA THR A 15 -5.56 -20.08 5.92
C THR A 15 -4.23 -19.39 6.17
N GLY A 16 -3.47 -19.18 5.10
CA GLY A 16 -2.18 -18.53 5.22
C GLY A 16 -2.26 -17.03 5.01
N VAL A 17 -1.20 -16.45 4.49
CA VAL A 17 -1.16 -15.01 4.25
C VAL A 17 -2.07 -14.62 3.09
N PRO A 18 -2.66 -13.41 3.17
CA PRO A 18 -3.55 -12.90 2.14
C PRO A 18 -2.83 -12.57 0.84
N GLY A 19 -3.59 -12.45 -0.24
CA GLY A 19 -3.00 -12.15 -1.54
C GLY A 19 -3.08 -10.67 -1.88
N GLN A 20 -2.06 -10.15 -2.55
CA GLN A 20 -2.02 -8.75 -2.93
C GLN A 20 -3.37 -8.31 -3.51
N PRO A 21 -3.75 -7.05 -3.24
CA PRO A 21 -5.01 -6.49 -3.71
C PRO A 21 -5.00 -6.26 -5.23
N LEU A 22 -6.14 -5.81 -5.76
CA LEU A 22 -6.26 -5.55 -7.19
C LEU A 22 -6.65 -4.10 -7.44
N ASN A 23 -6.89 -3.77 -8.71
CA ASN A 23 -7.27 -2.42 -9.10
C ASN A 23 -6.51 -1.39 -8.26
N PHE A 24 -5.23 -1.66 -8.02
CA PHE A 24 -4.40 -0.76 -7.24
C PHE A 24 -3.88 0.39 -8.10
N LYS A 25 -4.28 1.61 -7.76
CA LYS A 25 -3.85 2.79 -8.51
C LYS A 25 -3.67 3.98 -7.58
N ALA A 26 -2.83 4.93 -7.99
CA ALA A 26 -2.57 6.12 -7.19
C ALA A 26 -2.95 7.38 -7.95
N GLU A 27 -3.71 8.25 -7.29
CA GLU A 27 -4.15 9.50 -7.91
C GLU A 27 -4.08 10.65 -6.92
N PRO A 28 -3.46 11.77 -7.33
CA PRO A 28 -3.32 12.96 -6.49
C PRO A 28 -4.65 13.66 -6.26
N GLU A 29 -5.31 13.30 -5.17
CA GLU A 29 -6.60 13.91 -4.82
C GLU A 29 -6.43 15.38 -4.46
N SER A 30 -5.25 15.73 -3.96
CA SER A 30 -4.96 17.12 -3.58
C SER A 30 -3.47 17.40 -3.67
N GLU A 31 -3.12 18.68 -3.66
CA GLU A 31 -1.72 19.09 -3.74
C GLU A 31 -0.92 18.55 -2.56
N THR A 32 -1.61 18.28 -1.46
CA THR A 32 -0.98 17.76 -0.25
C THR A 32 -1.63 16.46 0.20
N SER A 33 -2.63 16.01 -0.56
CA SER A 33 -3.35 14.78 -0.22
C SER A 33 -3.41 13.85 -1.43
N ILE A 34 -3.43 12.55 -1.16
CA ILE A 34 -3.49 11.55 -2.22
C ILE A 34 -4.45 10.43 -1.86
N LEU A 35 -5.29 10.04 -2.82
CA LEU A 35 -6.26 8.97 -2.61
C LEU A 35 -5.85 7.71 -3.36
N LEU A 36 -5.87 6.58 -2.66
CA LEU A 36 -5.51 5.30 -3.26
C LEU A 36 -6.72 4.38 -3.35
N SER A 37 -6.92 3.79 -4.53
CA SER A 37 -8.04 2.88 -4.75
C SER A 37 -7.55 1.47 -5.04
N TRP A 38 -7.93 0.53 -4.17
CA TRP A 38 -7.53 -0.86 -4.33
C TRP A 38 -8.68 -1.79 -3.98
N THR A 39 -8.60 -3.03 -4.47
CA THR A 39 -9.63 -4.02 -4.21
C THR A 39 -9.09 -5.16 -3.34
N PRO A 40 -9.71 -5.35 -2.16
CA PRO A 40 -9.30 -6.39 -1.21
C PRO A 40 -9.65 -7.79 -1.71
N PRO A 41 -8.77 -8.76 -1.43
CA PRO A 41 -8.97 -10.15 -1.84
C PRO A 41 -10.11 -10.83 -1.09
N ARG A 42 -10.30 -12.12 -1.34
CA ARG A 42 -11.35 -12.88 -0.69
C ARG A 42 -11.21 -12.83 0.83
N SER A 43 -9.96 -12.92 1.29
CA SER A 43 -9.68 -12.88 2.72
C SER A 43 -10.51 -11.81 3.42
N ASP A 44 -11.38 -12.23 4.33
CA ASP A 44 -12.23 -11.30 5.07
C ASP A 44 -11.52 -10.79 6.32
N THR A 45 -10.65 -11.61 6.87
CA THR A 45 -9.90 -11.25 8.07
C THR A 45 -8.62 -10.49 7.72
N ILE A 46 -8.70 -9.18 7.71
CA ILE A 46 -7.54 -8.34 7.38
C ILE A 46 -7.31 -7.28 8.46
N ALA A 47 -6.17 -7.35 9.12
CA ALA A 47 -5.83 -6.38 10.16
C ALA A 47 -5.68 -4.98 9.59
N ASN A 48 -4.86 -4.86 8.55
CA ASN A 48 -4.64 -3.56 7.91
C ASN A 48 -3.77 -3.72 6.67
N TYR A 49 -3.45 -2.60 6.03
CA TYR A 49 -2.62 -2.60 4.83
C TYR A 49 -1.35 -1.80 5.05
N GLU A 50 -0.23 -2.31 4.52
CA GLU A 50 1.05 -1.65 4.66
C GLU A 50 1.35 -0.78 3.44
N LEU A 51 1.62 0.50 3.69
CA LEU A 51 1.92 1.44 2.61
C LEU A 51 3.34 1.97 2.73
N VAL A 52 4.25 1.39 1.95
CA VAL A 52 5.64 1.80 1.97
C VAL A 52 5.87 3.01 1.05
N TYR A 53 5.66 4.20 1.60
CA TYR A 53 5.83 5.44 0.85
C TYR A 53 7.19 6.06 1.12
N LYS A 54 7.89 6.46 0.06
CA LYS A 54 9.20 7.07 0.20
C LYS A 54 9.31 8.31 -0.69
N ASP A 55 10.03 9.31 -0.20
CA ASP A 55 10.22 10.55 -0.96
C ASP A 55 11.03 10.30 -2.22
N GLY A 56 10.35 10.26 -3.36
CA GLY A 56 11.02 10.03 -4.62
C GLY A 56 11.77 8.70 -4.65
N GLU A 57 12.90 8.68 -5.34
CA GLU A 57 13.70 7.46 -5.45
C GLU A 57 14.65 7.34 -4.25
N HIS A 58 15.31 8.43 -3.91
CA HIS A 58 16.25 8.44 -2.78
C HIS A 58 15.53 8.80 -1.49
N GLY A 59 14.27 8.38 -1.37
CA GLY A 59 13.51 8.67 -0.17
C GLY A 59 13.70 7.62 0.90
N GLU A 60 12.92 7.74 1.98
CA GLU A 60 13.01 6.80 3.09
C GLU A 60 11.75 5.95 3.19
N GLU A 61 11.91 4.64 3.16
CA GLU A 61 10.78 3.72 3.24
C GLU A 61 10.06 3.87 4.57
N GLN A 62 8.77 4.15 4.52
CA GLN A 62 7.96 4.32 5.72
C GLN A 62 6.64 3.56 5.60
N ARG A 63 6.27 2.87 6.68
CA ARG A 63 5.03 2.10 6.70
C ARG A 63 3.95 2.85 7.47
N ILE A 64 2.74 2.85 6.93
CA ILE A 64 1.60 3.52 7.56
C ILE A 64 0.52 2.52 7.94
N THR A 65 -0.06 2.73 9.13
CA THR A 65 -1.11 1.84 9.61
C THR A 65 -2.47 2.20 9.00
N ILE A 66 -2.78 1.59 7.86
CA ILE A 66 -4.03 1.85 7.18
C ILE A 66 -5.12 0.87 7.62
N GLU A 67 -6.36 1.34 7.62
CA GLU A 67 -7.49 0.50 8.02
C GLU A 67 -7.82 -0.54 6.95
N PRO A 68 -8.21 -1.74 7.38
CA PRO A 68 -8.56 -2.83 6.48
C PRO A 68 -9.85 -2.57 5.72
N GLY A 69 -9.77 -1.78 4.65
CA GLY A 69 -10.94 -1.47 3.86
C GLY A 69 -10.71 -1.68 2.38
N THR A 70 -10.99 -0.65 1.59
CA THR A 70 -10.83 -0.72 0.14
C THR A 70 -9.95 0.42 -0.37
N SER A 71 -10.06 1.58 0.28
CA SER A 71 -9.29 2.74 -0.12
C SER A 71 -8.86 3.55 1.12
N TYR A 72 -7.91 4.46 0.92
CA TYR A 72 -7.41 5.28 2.01
C TYR A 72 -7.07 6.69 1.50
N ARG A 73 -7.14 7.66 2.41
CA ARG A 73 -6.85 9.05 2.06
C ARG A 73 -5.62 9.54 2.82
N LEU A 74 -4.50 9.65 2.11
CA LEU A 74 -3.25 10.11 2.72
C LEU A 74 -3.13 11.63 2.63
N GLN A 75 -2.63 12.25 3.70
CA GLN A 75 -2.47 13.70 3.74
C GLN A 75 -1.12 14.08 4.35
N GLY A 76 -0.65 15.28 4.03
CA GLY A 76 0.62 15.74 4.55
C GLY A 76 1.77 15.48 3.60
N LEU A 77 1.76 16.17 2.46
CA LEU A 77 2.81 16.01 1.46
C LEU A 77 3.11 17.33 0.77
N LYS A 78 4.13 17.33 -0.08
CA LYS A 78 4.52 18.53 -0.81
C LYS A 78 4.01 18.48 -2.25
N PRO A 79 3.63 19.65 -2.78
CA PRO A 79 3.11 19.77 -4.15
C PRO A 79 4.20 19.54 -5.20
N ASN A 80 3.79 19.36 -6.44
CA ASN A 80 4.73 19.14 -7.53
C ASN A 80 5.90 18.27 -7.08
N SER A 81 5.59 17.17 -6.41
CA SER A 81 6.61 16.26 -5.91
C SER A 81 6.21 14.81 -6.16
N LEU A 82 7.19 13.98 -6.49
CA LEU A 82 6.94 12.56 -6.76
C LEU A 82 7.05 11.75 -5.47
N TYR A 83 6.22 10.73 -5.35
CA TYR A 83 6.21 9.87 -4.18
C TYR A 83 5.77 8.45 -4.53
N TYR A 84 6.66 7.49 -4.32
CA TYR A 84 6.36 6.10 -4.63
C TYR A 84 5.48 5.48 -3.54
N PHE A 85 4.54 4.65 -3.96
CA PHE A 85 3.62 4.00 -3.04
C PHE A 85 3.57 2.49 -3.29
N ARG A 86 3.46 1.72 -2.22
CA ARG A 86 3.40 0.26 -2.31
C ARG A 86 2.45 -0.32 -1.28
N LEU A 87 1.41 -1.01 -1.76
CA LEU A 87 0.42 -1.61 -0.88
C LEU A 87 0.73 -3.09 -0.64
N ALA A 88 0.35 -3.60 0.53
CA ALA A 88 0.58 -4.99 0.86
C ALA A 88 -0.25 -5.41 2.06
N ALA A 89 -1.31 -6.18 1.81
CA ALA A 89 -2.19 -6.64 2.88
C ALA A 89 -1.38 -7.13 4.08
N ARG A 90 -1.84 -6.78 5.27
CA ARG A 90 -1.17 -7.18 6.50
C ARG A 90 -2.10 -7.97 7.41
N SER A 91 -1.77 -9.24 7.64
CA SER A 91 -2.58 -10.11 8.49
C SER A 91 -1.90 -10.34 9.84
N PRO A 92 -2.72 -10.60 10.87
CA PRO A 92 -2.22 -10.85 12.22
C PRO A 92 -1.49 -12.18 12.34
N GLN A 93 -1.45 -12.92 11.24
CA GLN A 93 -0.78 -14.22 11.22
C GLN A 93 0.51 -14.16 10.40
N GLY A 94 0.71 -13.04 9.72
CA GLY A 94 1.91 -12.87 8.90
C GLY A 94 1.74 -11.82 7.82
N LEU A 95 2.72 -11.71 6.95
CA LEU A 95 2.68 -10.72 5.87
C LEU A 95 2.41 -11.39 4.53
N GLY A 96 1.71 -10.69 3.64
CA GLY A 96 1.40 -11.23 2.34
C GLY A 96 2.33 -10.71 1.26
N ALA A 97 1.76 -10.35 0.12
CA ALA A 97 2.54 -9.83 -1.00
C ALA A 97 2.36 -8.32 -1.15
N SER A 98 3.07 -7.74 -2.10
CA SER A 98 3.00 -6.30 -2.35
C SER A 98 2.62 -6.01 -3.80
N THR A 99 1.74 -5.03 -3.99
CA THR A 99 1.31 -4.66 -5.33
C THR A 99 2.44 -4.03 -6.12
N ALA A 100 2.18 -3.73 -7.39
CA ALA A 100 3.17 -3.12 -8.26
C ALA A 100 3.59 -1.75 -7.73
N GLU A 101 4.84 -1.37 -8.01
CA GLU A 101 5.36 -0.09 -7.56
C GLU A 101 4.76 1.06 -8.36
N ILE A 102 3.77 1.73 -7.77
CA ILE A 102 3.11 2.85 -8.43
C ILE A 102 3.39 4.16 -7.70
N SER A 103 3.48 5.25 -8.46
CA SER A 103 3.74 6.56 -7.88
C SER A 103 2.72 7.58 -8.38
N ALA A 104 2.65 8.72 -7.69
CA ALA A 104 1.72 9.77 -8.05
C ALA A 104 2.29 11.15 -7.73
N ARG A 105 2.09 12.10 -8.65
CA ARG A 105 2.59 13.45 -8.46
C ARG A 105 1.48 14.38 -7.94
N THR A 106 1.80 15.14 -6.90
CA THR A 106 0.84 16.06 -6.30
C THR A 106 0.54 17.22 -7.25
N MET A 107 -0.57 17.91 -7.00
CA MET A 107 -0.97 19.05 -7.82
C MET A 107 0.09 20.14 -7.79
N GLN A 108 0.05 21.04 -8.78
CA GLN A 108 0.99 22.13 -8.86
C GLN A 108 0.53 23.33 -8.05
N SER A 109 1.03 23.43 -6.82
CA SER A 109 0.66 24.54 -5.93
C SER A 109 1.61 25.71 -6.10
N SER A 110 1.14 26.76 -6.76
CA SER A 110 1.94 27.95 -6.99
C SER A 110 1.09 29.21 -6.94
N GLY A 111 1.74 30.36 -6.98
CA GLY A 111 1.03 31.63 -6.93
C GLY A 111 1.14 32.31 -5.59
N PRO A 112 1.68 33.53 -5.58
CA PRO A 112 1.86 34.31 -4.34
C PRO A 112 0.53 34.80 -3.78
N SER A 113 0.57 35.32 -2.55
CA SER A 113 -0.63 35.81 -1.89
C SER A 113 -0.42 37.22 -1.36
N SER A 114 -1.47 38.04 -1.45
CA SER A 114 -1.40 39.42 -0.98
C SER A 114 -1.52 39.50 0.53
N GLY A 115 -1.30 40.69 1.08
CA GLY A 115 -1.38 40.87 2.52
C GLY A 115 -0.27 41.74 3.06
N GLY A 1 -0.78 -27.61 -1.55
CA GLY A 1 0.64 -27.40 -1.32
C GLY A 1 1.46 -28.64 -1.60
N SER A 2 2.78 -28.53 -1.48
CA SER A 2 3.68 -29.65 -1.72
C SER A 2 3.18 -30.91 -1.01
N SER A 3 3.81 -32.03 -1.32
CA SER A 3 3.44 -33.31 -0.70
C SER A 3 3.25 -33.15 0.80
N GLY A 4 4.21 -32.50 1.45
CA GLY A 4 4.13 -32.29 2.88
C GLY A 4 5.49 -32.29 3.54
N SER A 5 6.07 -31.10 3.69
CA SER A 5 7.38 -30.97 4.31
C SER A 5 7.36 -31.43 5.76
N SER A 6 8.43 -32.07 6.19
CA SER A 6 8.53 -32.57 7.56
C SER A 6 8.85 -31.45 8.53
N GLY A 7 9.84 -30.63 8.18
CA GLY A 7 10.23 -29.52 9.03
C GLY A 7 11.56 -29.75 9.71
N ASP A 8 12.65 -29.62 8.94
CA ASP A 8 13.99 -29.82 9.48
C ASP A 8 14.30 -28.79 10.56
N ILE A 9 14.36 -27.52 10.16
CA ILE A 9 14.65 -26.44 11.10
C ILE A 9 13.51 -25.43 11.14
N GLN A 10 12.87 -25.23 10.00
CA GLN A 10 11.75 -24.29 9.91
C GLN A 10 10.76 -24.73 8.83
N VAL A 11 9.48 -24.79 9.19
CA VAL A 11 8.43 -25.19 8.26
C VAL A 11 7.61 -23.99 7.81
N ILE A 12 7.30 -23.93 6.52
CA ILE A 12 6.52 -22.84 5.97
C ILE A 12 5.42 -23.37 5.04
N THR A 13 4.31 -22.64 4.99
CA THR A 13 3.18 -23.02 4.14
C THR A 13 2.78 -21.89 3.20
N GLN A 14 2.62 -22.21 1.93
CA GLN A 14 2.24 -21.22 0.93
C GLN A 14 0.88 -20.60 1.26
N THR A 15 -0.06 -21.45 1.66
CA THR A 15 -1.40 -21.00 2.01
C THR A 15 -1.44 -20.47 3.44
N GLY A 16 -2.02 -19.28 3.61
CA GLY A 16 -2.12 -18.69 4.93
C GLY A 16 -2.08 -17.17 4.89
N VAL A 17 -1.37 -16.63 3.92
CA VAL A 17 -1.25 -15.18 3.77
C VAL A 17 -2.12 -14.68 2.62
N PRO A 18 -2.71 -13.48 2.80
CA PRO A 18 -3.57 -12.87 1.78
C PRO A 18 -2.79 -12.41 0.56
N GLY A 19 -3.41 -12.51 -0.61
CA GLY A 19 -2.76 -12.11 -1.84
C GLY A 19 -2.94 -10.62 -2.13
N GLN A 20 -1.85 -9.95 -2.47
CA GLN A 20 -1.90 -8.52 -2.77
C GLN A 20 -3.21 -8.15 -3.46
N PRO A 21 -3.68 -6.92 -3.21
CA PRO A 21 -4.93 -6.41 -3.79
C PRO A 21 -4.81 -6.19 -5.30
N LEU A 22 -5.96 -5.97 -5.94
CA LEU A 22 -5.98 -5.72 -7.38
C LEU A 22 -6.50 -4.32 -7.69
N ASN A 23 -6.41 -3.93 -8.95
CA ASN A 23 -6.86 -2.61 -9.38
C ASN A 23 -6.27 -1.52 -8.50
N PHE A 24 -4.99 -1.66 -8.17
CA PHE A 24 -4.31 -0.68 -7.33
C PHE A 24 -3.89 0.53 -8.14
N LYS A 25 -4.53 1.66 -7.88
CA LYS A 25 -4.23 2.91 -8.59
C LYS A 25 -4.14 4.08 -7.62
N ALA A 26 -3.16 4.95 -7.84
CA ALA A 26 -2.97 6.12 -6.99
C ALA A 26 -3.32 7.40 -7.74
N GLU A 27 -4.14 8.24 -7.11
CA GLU A 27 -4.55 9.51 -7.73
C GLU A 27 -4.39 10.66 -6.74
N PRO A 28 -3.71 11.73 -7.18
CA PRO A 28 -3.48 12.91 -6.35
C PRO A 28 -4.75 13.71 -6.11
N GLU A 29 -5.41 13.42 -4.99
CA GLU A 29 -6.65 14.11 -4.64
C GLU A 29 -6.38 15.57 -4.31
N SER A 30 -5.19 15.84 -3.76
CA SER A 30 -4.81 17.19 -3.39
C SER A 30 -3.30 17.38 -3.47
N GLU A 31 -2.85 18.63 -3.47
CA GLU A 31 -1.43 18.94 -3.55
C GLU A 31 -0.70 18.45 -2.31
N THR A 32 -1.44 18.28 -1.21
CA THR A 32 -0.87 17.82 0.04
C THR A 32 -1.49 16.50 0.47
N SER A 33 -2.38 15.96 -0.36
CA SER A 33 -3.05 14.71 -0.06
C SER A 33 -3.08 13.81 -1.29
N ILE A 34 -3.43 12.55 -1.09
CA ILE A 34 -3.51 11.58 -2.19
C ILE A 34 -4.49 10.46 -1.86
N LEU A 35 -5.31 10.10 -2.84
CA LEU A 35 -6.29 9.04 -2.67
C LEU A 35 -5.83 7.75 -3.34
N LEU A 36 -5.86 6.65 -2.60
CA LEU A 36 -5.45 5.36 -3.13
C LEU A 36 -6.63 4.38 -3.17
N SER A 37 -6.82 3.74 -4.31
CA SER A 37 -7.90 2.78 -4.48
C SER A 37 -7.36 1.38 -4.74
N TRP A 38 -7.91 0.40 -4.02
CA TRP A 38 -7.48 -0.98 -4.17
C TRP A 38 -8.66 -1.93 -4.02
N THR A 39 -8.50 -3.16 -4.51
CA THR A 39 -9.54 -4.16 -4.43
C THR A 39 -9.20 -5.24 -3.42
N PRO A 40 -9.97 -5.31 -2.32
CA PRO A 40 -9.77 -6.30 -1.26
C PRO A 40 -10.12 -7.71 -1.71
N PRO A 41 -9.16 -8.65 -1.52
CA PRO A 41 -9.35 -10.05 -1.90
C PRO A 41 -10.37 -10.76 -1.00
N ARG A 42 -10.77 -11.96 -1.42
CA ARG A 42 -11.73 -12.74 -0.66
C ARG A 42 -11.37 -12.78 0.82
N SER A 43 -10.06 -12.78 1.10
CA SER A 43 -9.58 -12.82 2.47
C SER A 43 -10.40 -11.89 3.36
N ASP A 44 -11.18 -12.47 4.26
CA ASP A 44 -12.01 -11.70 5.17
C ASP A 44 -11.16 -11.09 6.29
N THR A 45 -10.20 -11.85 6.78
CA THR A 45 -9.33 -11.39 7.85
C THR A 45 -8.30 -10.38 7.33
N ILE A 46 -8.49 -9.12 7.70
CA ILE A 46 -7.59 -8.06 7.28
C ILE A 46 -7.34 -7.06 8.41
N ALA A 47 -6.16 -7.14 9.01
CA ALA A 47 -5.79 -6.24 10.09
C ALA A 47 -5.53 -4.83 9.58
N ASN A 48 -4.74 -4.72 8.52
CA ASN A 48 -4.42 -3.43 7.93
C ASN A 48 -3.59 -3.60 6.66
N TYR A 49 -3.28 -2.48 6.02
CA TYR A 49 -2.49 -2.50 4.79
C TYR A 49 -1.20 -1.72 4.95
N GLU A 50 -0.11 -2.24 4.39
CA GLU A 50 1.18 -1.58 4.47
C GLU A 50 1.38 -0.62 3.32
N LEU A 51 1.67 0.64 3.64
CA LEU A 51 1.87 1.67 2.62
C LEU A 51 3.32 2.15 2.63
N VAL A 52 4.19 1.40 1.95
CA VAL A 52 5.60 1.76 1.88
C VAL A 52 5.82 2.93 0.93
N TYR A 53 5.79 4.15 1.47
CA TYR A 53 5.99 5.34 0.67
C TYR A 53 7.32 6.00 0.99
N LYS A 54 7.92 6.64 -0.01
CA LYS A 54 9.20 7.31 0.17
C LYS A 54 9.35 8.46 -0.83
N ASP A 55 10.19 9.43 -0.48
CA ASP A 55 10.43 10.58 -1.34
C ASP A 55 11.55 10.30 -2.33
N GLY A 56 11.17 10.02 -3.59
CA GLY A 56 12.15 9.73 -4.61
C GLY A 56 12.70 8.32 -4.51
N GLU A 57 13.42 7.90 -5.54
CA GLU A 57 13.99 6.55 -5.56
C GLU A 57 14.87 6.31 -4.33
N HIS A 58 15.68 7.30 -3.99
CA HIS A 58 16.57 7.21 -2.84
C HIS A 58 15.90 7.75 -1.58
N GLY A 59 14.58 7.60 -1.51
CA GLY A 59 13.84 8.09 -0.36
C GLY A 59 13.69 7.04 0.72
N GLU A 60 13.43 7.48 1.94
CA GLU A 60 13.27 6.57 3.07
C GLU A 60 11.93 5.84 2.99
N GLU A 61 11.98 4.52 3.01
CA GLU A 61 10.77 3.70 2.94
C GLU A 61 10.04 3.70 4.28
N GLN A 62 8.91 4.38 4.32
CA GLN A 62 8.12 4.46 5.54
C GLN A 62 6.78 3.73 5.38
N ARG A 63 6.31 3.10 6.45
CA ARG A 63 5.05 2.37 6.42
C ARG A 63 3.99 3.07 7.26
N ILE A 64 2.76 3.09 6.76
CA ILE A 64 1.66 3.73 7.46
C ILE A 64 0.59 2.72 7.84
N THR A 65 -0.01 2.91 9.02
CA THR A 65 -1.05 2.00 9.50
C THR A 65 -2.40 2.35 8.89
N ILE A 66 -2.75 1.67 7.81
CA ILE A 66 -4.02 1.90 7.13
C ILE A 66 -5.08 0.92 7.61
N GLU A 67 -6.34 1.37 7.60
CA GLU A 67 -7.45 0.53 8.03
C GLU A 67 -7.81 -0.49 6.95
N PRO A 68 -8.19 -1.70 7.38
CA PRO A 68 -8.56 -2.78 6.47
C PRO A 68 -9.89 -2.52 5.78
N GLY A 69 -9.86 -1.70 4.73
CA GLY A 69 -11.07 -1.37 4.00
C GLY A 69 -10.91 -1.58 2.51
N THR A 70 -11.16 -0.52 1.74
CA THR A 70 -11.05 -0.59 0.29
C THR A 70 -10.20 0.56 -0.25
N SER A 71 -10.29 1.71 0.39
CA SER A 71 -9.54 2.88 -0.02
C SER A 71 -9.04 3.67 1.19
N TYR A 72 -8.10 4.57 0.95
CA TYR A 72 -7.54 5.40 2.02
C TYR A 72 -7.16 6.77 1.50
N ARG A 73 -7.19 7.76 2.39
CA ARG A 73 -6.85 9.13 2.03
C ARG A 73 -5.59 9.59 2.76
N LEU A 74 -4.46 9.56 2.06
CA LEU A 74 -3.19 9.98 2.64
C LEU A 74 -3.04 11.49 2.61
N GLN A 75 -2.51 12.05 3.69
CA GLN A 75 -2.31 13.49 3.78
C GLN A 75 -0.91 13.82 4.28
N GLY A 76 -0.52 15.08 4.15
CA GLY A 76 0.80 15.50 4.58
C GLY A 76 1.87 15.24 3.54
N LEU A 77 1.82 15.99 2.45
CA LEU A 77 2.79 15.84 1.37
C LEU A 77 3.15 17.19 0.76
N LYS A 78 4.19 17.20 -0.08
CA LYS A 78 4.63 18.43 -0.73
C LYS A 78 4.07 18.53 -2.14
N PRO A 79 3.69 19.76 -2.54
CA PRO A 79 3.13 20.01 -3.87
C PRO A 79 4.17 19.86 -4.97
N ASN A 80 3.74 19.35 -6.13
CA ASN A 80 4.63 19.15 -7.25
C ASN A 80 5.85 18.33 -6.85
N SER A 81 5.61 17.20 -6.21
CA SER A 81 6.68 16.31 -5.76
C SER A 81 6.29 14.84 -5.93
N LEU A 82 7.23 14.04 -6.40
CA LEU A 82 7.00 12.62 -6.61
C LEU A 82 7.02 11.86 -5.29
N TYR A 83 6.27 10.77 -5.22
CA TYR A 83 6.20 9.96 -4.02
C TYR A 83 5.75 8.54 -4.34
N TYR A 84 6.64 7.57 -4.15
CA TYR A 84 6.33 6.17 -4.42
C TYR A 84 5.34 5.62 -3.39
N PHE A 85 4.63 4.57 -3.77
CA PHE A 85 3.66 3.95 -2.89
C PHE A 85 3.55 2.46 -3.16
N ARG A 86 3.34 1.67 -2.10
CA ARG A 86 3.21 0.23 -2.22
C ARG A 86 2.24 -0.33 -1.19
N LEU A 87 1.16 -0.95 -1.67
CA LEU A 87 0.15 -1.53 -0.79
C LEU A 87 0.41 -3.02 -0.57
N ALA A 88 0.18 -3.46 0.66
CA ALA A 88 0.38 -4.87 1.01
C ALA A 88 -0.54 -5.30 2.14
N ALA A 89 -1.51 -6.15 1.82
CA ALA A 89 -2.46 -6.64 2.82
C ALA A 89 -1.73 -7.29 3.99
N ARG A 90 -2.08 -6.87 5.21
CA ARG A 90 -1.46 -7.42 6.41
C ARG A 90 -2.45 -8.29 7.17
N SER A 91 -2.11 -9.57 7.30
CA SER A 91 -2.97 -10.52 8.02
C SER A 91 -2.47 -10.74 9.45
N PRO A 92 -3.40 -11.09 10.34
CA PRO A 92 -3.09 -11.34 11.76
C PRO A 92 -2.28 -12.62 11.95
N GLN A 93 -1.95 -13.28 10.85
CA GLN A 93 -1.18 -14.52 10.90
C GLN A 93 0.21 -14.32 10.30
N GLY A 94 0.33 -13.32 9.42
CA GLY A 94 1.61 -13.04 8.79
C GLY A 94 1.52 -11.92 7.78
N LEU A 95 2.53 -11.80 6.94
CA LEU A 95 2.57 -10.74 5.92
C LEU A 95 2.47 -11.34 4.53
N GLY A 96 1.73 -10.68 3.66
CA GLY A 96 1.57 -11.14 2.29
C GLY A 96 2.53 -10.47 1.33
N ALA A 97 2.02 -10.08 0.17
CA ALA A 97 2.85 -9.43 -0.84
C ALA A 97 2.38 -7.99 -1.08
N SER A 98 3.08 -7.29 -1.96
CA SER A 98 2.74 -5.91 -2.28
C SER A 98 2.57 -5.73 -3.78
N THR A 99 1.59 -4.92 -4.16
CA THR A 99 1.31 -4.66 -5.57
C THR A 99 2.51 -4.00 -6.26
N ALA A 100 2.40 -3.80 -7.57
CA ALA A 100 3.47 -3.18 -8.33
C ALA A 100 3.83 -1.81 -7.77
N GLU A 101 5.11 -1.46 -7.88
CA GLU A 101 5.59 -0.17 -7.38
C GLU A 101 5.06 0.97 -8.23
N ILE A 102 4.05 1.67 -7.73
CA ILE A 102 3.45 2.79 -8.44
C ILE A 102 3.73 4.11 -7.73
N SER A 103 3.70 5.20 -8.48
CA SER A 103 3.96 6.52 -7.92
C SER A 103 2.97 7.54 -8.48
N ALA A 104 2.57 8.48 -7.62
CA ALA A 104 1.62 9.52 -8.03
C ALA A 104 2.21 10.91 -7.82
N ARG A 105 1.91 11.81 -8.74
CA ARG A 105 2.42 13.18 -8.66
C ARG A 105 1.33 14.12 -8.13
N THR A 106 1.64 14.80 -7.02
CA THR A 106 0.70 15.73 -6.41
C THR A 106 0.45 16.92 -7.32
N MET A 107 -0.52 17.75 -6.93
CA MET A 107 -0.87 18.93 -7.72
C MET A 107 0.21 20.01 -7.56
N GLN A 108 0.38 20.81 -8.61
CA GLN A 108 1.37 21.89 -8.59
C GLN A 108 0.82 23.12 -7.88
N SER A 109 1.41 23.45 -6.74
CA SER A 109 0.97 24.60 -5.96
C SER A 109 1.61 25.88 -6.48
N SER A 110 1.66 26.01 -7.81
CA SER A 110 2.26 27.18 -8.44
C SER A 110 1.63 28.47 -7.90
N GLY A 111 2.30 29.60 -8.14
CA GLY A 111 1.80 30.87 -7.67
C GLY A 111 2.83 31.64 -6.88
N PRO A 112 2.53 32.93 -6.61
CA PRO A 112 3.43 33.80 -5.84
C PRO A 112 3.52 33.41 -4.37
N SER A 113 2.62 32.52 -3.95
CA SER A 113 2.59 32.07 -2.57
C SER A 113 3.61 30.96 -2.34
N SER A 114 4.86 31.35 -2.15
CA SER A 114 5.94 30.40 -1.92
C SER A 114 5.89 29.84 -0.49
N GLY A 115 5.12 28.78 -0.30
CA GLY A 115 4.99 28.17 1.01
C GLY A 115 4.97 29.22 2.13
N GLY A 1 -0.40 -20.08 -16.04
CA GLY A 1 0.53 -19.27 -15.27
C GLY A 1 0.03 -19.03 -13.86
N SER A 2 0.96 -18.93 -12.91
CA SER A 2 0.62 -18.71 -11.51
C SER A 2 1.76 -17.99 -10.78
N SER A 3 1.40 -17.19 -9.78
CA SER A 3 2.38 -16.46 -9.01
C SER A 3 2.97 -17.32 -7.90
N GLY A 4 4.28 -17.26 -7.72
CA GLY A 4 4.94 -18.04 -6.70
C GLY A 4 6.30 -17.48 -6.33
N SER A 5 6.35 -16.77 -5.20
CA SER A 5 7.61 -16.18 -4.74
C SER A 5 7.69 -16.23 -3.22
N SER A 6 8.66 -16.98 -2.70
CA SER A 6 8.85 -17.11 -1.26
C SER A 6 10.28 -17.56 -0.94
N GLY A 7 10.76 -17.16 0.24
CA GLY A 7 12.10 -17.54 0.65
C GLY A 7 12.12 -18.77 1.52
N ASP A 8 13.11 -18.85 2.42
CA ASP A 8 13.24 -19.97 3.32
C ASP A 8 13.07 -19.54 4.77
N ILE A 9 11.91 -19.85 5.35
CA ILE A 9 11.62 -19.50 6.73
C ILE A 9 11.83 -20.68 7.67
N GLN A 10 12.42 -20.42 8.83
CA GLN A 10 12.67 -21.47 9.81
C GLN A 10 11.74 -21.33 11.01
N VAL A 11 11.63 -22.40 11.79
CA VAL A 11 10.78 -22.39 12.96
C VAL A 11 9.39 -21.86 12.64
N ILE A 12 8.90 -22.20 11.45
CA ILE A 12 7.58 -21.76 11.01
C ILE A 12 6.58 -21.79 12.16
N THR A 13 5.65 -20.85 12.15
CA THR A 13 4.63 -20.76 13.19
C THR A 13 3.25 -21.11 12.64
N GLN A 14 2.93 -20.56 11.47
CA GLN A 14 1.64 -20.81 10.84
C GLN A 14 1.62 -20.26 9.42
N THR A 15 1.56 -21.16 8.44
CA THR A 15 1.53 -20.77 7.04
C THR A 15 0.19 -20.16 6.66
N GLY A 16 0.17 -19.39 5.58
CA GLY A 16 -1.07 -18.77 5.13
C GLY A 16 -0.99 -17.26 5.14
N VAL A 17 -1.04 -16.66 3.96
CA VAL A 17 -0.97 -15.20 3.84
C VAL A 17 -1.98 -14.69 2.80
N PRO A 18 -2.46 -13.46 3.01
CA PRO A 18 -3.43 -12.84 2.10
C PRO A 18 -2.81 -12.47 0.76
N GLY A 19 -3.57 -12.67 -0.32
CA GLY A 19 -3.08 -12.35 -1.64
C GLY A 19 -3.16 -10.87 -1.96
N GLN A 20 -2.07 -10.32 -2.49
CA GLN A 20 -2.01 -8.91 -2.83
C GLN A 20 -3.33 -8.45 -3.45
N PRO A 21 -3.72 -7.20 -3.16
CA PRO A 21 -4.96 -6.62 -3.68
C PRO A 21 -4.89 -6.34 -5.18
N LEU A 22 -6.04 -6.06 -5.78
CA LEU A 22 -6.11 -5.77 -7.21
C LEU A 22 -6.58 -4.34 -7.46
N ASN A 23 -6.58 -3.94 -8.73
CA ASN A 23 -7.00 -2.60 -9.10
C ASN A 23 -6.33 -1.55 -8.21
N PHE A 24 -5.02 -1.65 -8.07
CA PHE A 24 -4.26 -0.72 -7.24
C PHE A 24 -3.67 0.41 -8.09
N LYS A 25 -4.09 1.63 -7.82
CA LYS A 25 -3.61 2.79 -8.55
C LYS A 25 -3.49 4.01 -7.63
N ALA A 26 -2.73 5.00 -8.08
CA ALA A 26 -2.53 6.22 -7.29
C ALA A 26 -3.22 7.41 -7.96
N GLU A 27 -4.00 8.16 -7.19
CA GLU A 27 -4.70 9.32 -7.70
C GLU A 27 -4.60 10.50 -6.73
N PRO A 28 -3.91 11.57 -7.17
CA PRO A 28 -3.72 12.77 -6.35
C PRO A 28 -5.02 13.55 -6.17
N GLU A 29 -5.65 13.39 -5.01
CA GLU A 29 -6.90 14.08 -4.72
C GLU A 29 -6.66 15.57 -4.49
N SER A 30 -5.44 15.91 -4.06
CA SER A 30 -5.08 17.30 -3.80
C SER A 30 -3.57 17.49 -3.89
N GLU A 31 -3.12 18.70 -3.57
CA GLU A 31 -1.70 19.01 -3.62
C GLU A 31 -0.98 18.47 -2.38
N THR A 32 -1.72 18.35 -1.29
CA THR A 32 -1.16 17.84 -0.03
C THR A 32 -1.86 16.57 0.40
N SER A 33 -2.58 15.94 -0.52
CA SER A 33 -3.30 14.70 -0.23
C SER A 33 -3.36 13.81 -1.47
N ILE A 34 -3.49 12.51 -1.24
CA ILE A 34 -3.58 11.55 -2.33
C ILE A 34 -4.55 10.43 -2.00
N LEU A 35 -5.43 10.12 -2.94
CA LEU A 35 -6.42 9.06 -2.75
C LEU A 35 -5.99 7.78 -3.47
N LEU A 36 -6.01 6.66 -2.75
CA LEU A 36 -5.63 5.38 -3.32
C LEU A 36 -6.82 4.44 -3.39
N SER A 37 -7.00 3.79 -4.53
CA SER A 37 -8.10 2.85 -4.72
C SER A 37 -7.59 1.44 -4.97
N TRP A 38 -7.92 0.53 -4.07
CA TRP A 38 -7.49 -0.86 -4.18
C TRP A 38 -8.64 -1.82 -3.89
N THR A 39 -8.53 -3.04 -4.39
CA THR A 39 -9.56 -4.05 -4.19
C THR A 39 -9.08 -5.15 -3.26
N PRO A 40 -9.77 -5.32 -2.12
CA PRO A 40 -9.44 -6.34 -1.12
C PRO A 40 -9.73 -7.75 -1.62
N PRO A 41 -8.82 -8.68 -1.32
CA PRO A 41 -8.95 -10.08 -1.73
C PRO A 41 -10.08 -10.80 -0.98
N ARG A 42 -10.41 -12.01 -1.43
CA ARG A 42 -11.47 -12.79 -0.80
C ARG A 42 -11.27 -12.85 0.71
N SER A 43 -10.01 -12.85 1.15
CA SER A 43 -9.69 -12.90 2.57
C SER A 43 -10.42 -11.81 3.33
N ASP A 44 -11.52 -12.18 3.98
CA ASP A 44 -12.31 -11.23 4.76
C ASP A 44 -11.55 -10.78 6.00
N THR A 45 -10.86 -11.70 6.64
CA THR A 45 -10.10 -11.40 7.85
C THR A 45 -8.88 -10.54 7.51
N ILE A 46 -9.02 -9.24 7.69
CA ILE A 46 -7.93 -8.31 7.42
C ILE A 46 -7.69 -7.36 8.59
N ALA A 47 -6.44 -7.23 8.99
CA ALA A 47 -6.08 -6.35 10.10
C ALA A 47 -5.80 -4.93 9.62
N ASN A 48 -5.01 -4.82 8.55
CA ASN A 48 -4.67 -3.52 7.99
C ASN A 48 -3.85 -3.69 6.70
N TYR A 49 -3.50 -2.56 6.08
CA TYR A 49 -2.73 -2.58 4.84
C TYR A 49 -1.41 -1.84 5.03
N GLU A 50 -0.40 -2.25 4.27
CA GLU A 50 0.91 -1.63 4.34
C GLU A 50 1.14 -0.71 3.15
N LEU A 51 1.45 0.56 3.42
CA LEU A 51 1.70 1.52 2.36
C LEU A 51 3.13 2.04 2.41
N VAL A 52 4.02 1.34 1.73
CA VAL A 52 5.44 1.73 1.69
C VAL A 52 5.66 2.90 0.74
N TYR A 53 5.97 4.05 1.29
CA TYR A 53 6.21 5.25 0.48
C TYR A 53 7.58 5.85 0.80
N LYS A 54 8.19 6.46 -0.21
CA LYS A 54 9.50 7.07 -0.06
C LYS A 54 9.62 8.33 -0.92
N ASP A 55 10.27 9.35 -0.37
CA ASP A 55 10.46 10.61 -1.10
C ASP A 55 11.31 10.40 -2.34
N GLY A 56 10.66 10.39 -3.50
CA GLY A 56 11.38 10.20 -4.75
C GLY A 56 11.98 8.81 -4.86
N GLU A 57 13.15 8.72 -5.47
CA GLU A 57 13.84 7.45 -5.64
C GLU A 57 14.74 7.15 -4.45
N HIS A 58 15.60 8.11 -4.11
CA HIS A 58 16.51 7.95 -2.99
C HIS A 58 15.84 8.31 -1.67
N GLY A 59 14.54 8.04 -1.58
CA GLY A 59 13.80 8.34 -0.38
C GLY A 59 13.79 7.19 0.61
N GLU A 60 13.67 7.51 1.90
CA GLU A 60 13.65 6.49 2.94
C GLU A 60 12.36 5.68 2.88
N GLU A 61 12.48 4.39 3.16
CA GLU A 61 11.32 3.50 3.14
C GLU A 61 10.60 3.49 4.48
N GLN A 62 9.31 3.77 4.46
CA GLN A 62 8.51 3.80 5.67
C GLN A 62 7.25 2.95 5.53
N ARG A 63 6.41 2.95 6.56
CA ARG A 63 5.18 2.18 6.55
C ARG A 63 4.09 2.89 7.35
N ILE A 64 2.89 2.94 6.77
CA ILE A 64 1.76 3.59 7.45
C ILE A 64 0.72 2.56 7.86
N THR A 65 0.10 2.80 9.02
CA THR A 65 -0.92 1.89 9.54
C THR A 65 -2.28 2.20 8.92
N ILE A 66 -2.59 1.55 7.80
CA ILE A 66 -3.86 1.75 7.12
C ILE A 66 -4.94 0.82 7.67
N GLU A 67 -6.17 1.30 7.69
CA GLU A 67 -7.28 0.50 8.19
C GLU A 67 -7.72 -0.53 7.16
N PRO A 68 -8.23 -1.67 7.65
CA PRO A 68 -8.69 -2.76 6.78
C PRO A 68 -9.97 -2.40 6.03
N GLY A 69 -9.81 -1.65 4.94
CA GLY A 69 -10.96 -1.25 4.15
C GLY A 69 -10.74 -1.45 2.66
N THR A 70 -11.03 -0.41 1.88
CA THR A 70 -10.86 -0.48 0.43
C THR A 70 -10.06 0.71 -0.08
N SER A 71 -10.33 1.89 0.48
CA SER A 71 -9.65 3.11 0.07
C SER A 71 -9.02 3.80 1.28
N TYR A 72 -8.00 4.62 1.03
CA TYR A 72 -7.31 5.34 2.09
C TYR A 72 -6.82 6.70 1.59
N ARG A 73 -7.10 7.74 2.37
CA ARG A 73 -6.70 9.09 2.02
C ARG A 73 -5.46 9.52 2.80
N LEU A 74 -4.36 9.72 2.08
CA LEU A 74 -3.11 10.12 2.71
C LEU A 74 -2.91 11.64 2.63
N GLN A 75 -2.69 12.26 3.78
CA GLN A 75 -2.49 13.70 3.85
C GLN A 75 -1.13 14.04 4.44
N GLY A 76 -0.64 15.24 4.13
CA GLY A 76 0.65 15.66 4.65
C GLY A 76 1.79 15.38 3.68
N LEU A 77 1.77 16.09 2.54
CA LEU A 77 2.81 15.90 1.54
C LEU A 77 3.19 17.25 0.90
N LYS A 78 4.22 17.23 0.06
CA LYS A 78 4.68 18.43 -0.61
C LYS A 78 4.10 18.53 -2.02
N PRO A 79 3.73 19.75 -2.43
CA PRO A 79 3.15 20.01 -3.75
C PRO A 79 4.18 19.85 -4.86
N ASN A 80 3.73 19.40 -6.02
CA ASN A 80 4.60 19.20 -7.17
C ASN A 80 5.81 18.34 -6.80
N SER A 81 5.56 17.28 -6.03
CA SER A 81 6.62 16.38 -5.59
C SER A 81 6.22 14.92 -5.82
N LEU A 82 7.17 14.12 -6.26
CA LEU A 82 6.92 12.70 -6.51
C LEU A 82 7.01 11.89 -5.21
N TYR A 83 6.24 10.81 -5.14
CA TYR A 83 6.23 9.96 -3.96
C TYR A 83 5.79 8.54 -4.32
N TYR A 84 6.68 7.58 -4.11
CA TYR A 84 6.38 6.19 -4.40
C TYR A 84 5.36 5.62 -3.42
N PHE A 85 4.67 4.57 -3.84
CA PHE A 85 3.65 3.94 -3.00
C PHE A 85 3.54 2.46 -3.31
N ARG A 86 3.23 1.66 -2.29
CA ARG A 86 3.09 0.22 -2.46
C ARG A 86 2.15 -0.36 -1.41
N LEU A 87 1.10 -1.04 -1.87
CA LEU A 87 0.13 -1.65 -0.96
C LEU A 87 0.46 -3.11 -0.70
N ALA A 88 0.15 -3.58 0.50
CA ALA A 88 0.42 -4.96 0.88
C ALA A 88 -0.42 -5.37 2.08
N ALA A 89 -1.46 -6.18 1.83
CA ALA A 89 -2.33 -6.64 2.89
C ALA A 89 -1.53 -7.26 4.03
N ARG A 90 -1.86 -6.87 5.26
CA ARG A 90 -1.17 -7.37 6.44
C ARG A 90 -2.10 -8.25 7.27
N SER A 91 -1.74 -9.53 7.39
CA SER A 91 -2.55 -10.47 8.15
C SER A 91 -1.99 -10.64 9.56
N PRO A 92 -2.85 -11.05 10.50
CA PRO A 92 -2.47 -11.27 11.90
C PRO A 92 -1.56 -12.48 12.07
N GLN A 93 -1.24 -13.13 10.96
CA GLN A 93 -0.37 -14.31 10.99
C GLN A 93 1.01 -13.98 10.42
N GLY A 94 1.04 -13.08 9.46
CA GLY A 94 2.30 -12.70 8.84
C GLY A 94 2.14 -11.58 7.83
N LEU A 95 2.75 -11.75 6.66
CA LEU A 95 2.68 -10.74 5.60
C LEU A 95 2.32 -11.39 4.27
N GLY A 96 1.60 -10.65 3.43
CA GLY A 96 1.21 -11.17 2.13
C GLY A 96 2.17 -10.77 1.03
N ALA A 97 1.63 -10.18 -0.04
CA ALA A 97 2.46 -9.74 -1.16
C ALA A 97 2.27 -8.24 -1.42
N SER A 98 3.33 -7.60 -1.91
CA SER A 98 3.29 -6.17 -2.20
C SER A 98 2.97 -5.93 -3.67
N THR A 99 1.97 -5.11 -3.93
CA THR A 99 1.57 -4.79 -5.29
C THR A 99 2.71 -4.13 -6.06
N ALA A 100 2.49 -3.91 -7.36
CA ALA A 100 3.51 -3.28 -8.20
C ALA A 100 3.84 -1.88 -7.70
N GLU A 101 5.11 -1.51 -7.80
CA GLU A 101 5.57 -0.19 -7.36
C GLU A 101 4.91 0.91 -8.19
N ILE A 102 4.07 1.70 -7.52
CA ILE A 102 3.38 2.80 -8.20
C ILE A 102 3.72 4.14 -7.56
N SER A 103 3.55 5.22 -8.32
CA SER A 103 3.83 6.56 -7.82
C SER A 103 2.78 7.55 -8.32
N ALA A 104 2.61 8.64 -7.57
CA ALA A 104 1.64 9.66 -7.92
C ALA A 104 2.23 11.06 -7.76
N ARG A 105 1.91 11.95 -8.70
CA ARG A 105 2.42 13.32 -8.65
C ARG A 105 1.35 14.27 -8.12
N THR A 106 1.67 14.94 -7.00
CA THR A 106 0.74 15.88 -6.39
C THR A 106 0.42 17.04 -7.33
N MET A 107 -0.58 17.83 -6.98
CA MET A 107 -0.98 18.96 -7.79
C MET A 107 -0.13 20.20 -7.47
N GLN A 108 0.47 20.78 -8.50
CA GLN A 108 1.30 21.96 -8.33
C GLN A 108 0.55 23.07 -7.60
N SER A 109 0.91 23.29 -6.33
CA SER A 109 0.26 24.31 -5.53
C SER A 109 1.27 25.34 -5.03
N SER A 110 1.46 26.41 -5.81
CA SER A 110 2.41 27.46 -5.46
C SER A 110 1.88 28.82 -5.86
N GLY A 111 1.45 29.60 -4.88
CA GLY A 111 0.93 30.93 -5.16
C GLY A 111 2.02 31.95 -5.41
N PRO A 112 1.74 32.90 -6.31
CA PRO A 112 2.70 33.96 -6.67
C PRO A 112 2.92 34.94 -5.54
N SER A 113 3.79 35.92 -5.78
CA SER A 113 4.10 36.93 -4.77
C SER A 113 2.91 37.86 -4.54
N SER A 114 2.76 38.33 -3.31
CA SER A 114 1.66 39.23 -2.96
C SER A 114 1.79 40.55 -3.70
N GLY A 115 3.00 41.11 -3.71
CA GLY A 115 3.22 42.36 -4.39
C GLY A 115 4.46 42.34 -5.26
N GLY A 1 -3.96 -45.71 25.93
CA GLY A 1 -3.35 -45.31 24.68
C GLY A 1 -1.89 -44.94 24.84
N SER A 2 -1.39 -44.12 23.92
CA SER A 2 0.01 -43.70 23.96
C SER A 2 0.28 -42.61 22.93
N SER A 3 1.49 -42.06 22.96
CA SER A 3 1.87 -41.02 22.01
C SER A 3 3.16 -41.40 21.27
N GLY A 4 3.24 -40.97 20.01
CA GLY A 4 4.42 -41.27 19.21
C GLY A 4 5.21 -40.03 18.85
N SER A 5 5.41 -39.15 19.84
CA SER A 5 6.15 -37.92 19.61
C SER A 5 6.48 -37.24 20.93
N SER A 6 7.35 -36.23 20.87
CA SER A 6 7.76 -35.50 22.07
C SER A 6 6.55 -35.12 22.91
N GLY A 7 5.62 -34.38 22.31
CA GLY A 7 4.43 -33.96 23.02
C GLY A 7 3.25 -34.89 22.78
N ASP A 8 2.17 -34.68 23.52
CA ASP A 8 0.98 -35.50 23.38
C ASP A 8 -0.16 -34.70 22.76
N ILE A 9 -0.21 -33.41 23.05
CA ILE A 9 -1.25 -32.53 22.52
C ILE A 9 -0.64 -31.29 21.87
N GLN A 10 -1.19 -30.91 20.73
CA GLN A 10 -0.71 -29.74 19.99
C GLN A 10 -1.63 -29.42 18.82
N VAL A 11 -2.25 -28.24 18.87
CA VAL A 11 -3.15 -27.81 17.81
C VAL A 11 -2.42 -26.97 16.77
N ILE A 12 -1.70 -27.65 15.88
CA ILE A 12 -0.95 -26.97 14.83
C ILE A 12 -1.78 -26.85 13.55
N THR A 13 -2.26 -25.64 13.28
CA THR A 13 -3.07 -25.39 12.09
C THR A 13 -2.89 -23.96 11.61
N GLN A 14 -2.44 -23.81 10.36
CA GLN A 14 -2.23 -22.49 9.77
C GLN A 14 -3.23 -22.24 8.64
N THR A 15 -3.62 -20.98 8.47
CA THR A 15 -4.57 -20.60 7.43
C THR A 15 -3.83 -20.20 6.15
N GLY A 16 -2.91 -19.25 6.28
CA GLY A 16 -2.15 -18.79 5.13
C GLY A 16 -2.17 -17.28 4.99
N VAL A 17 -1.16 -16.74 4.32
CA VAL A 17 -1.08 -15.30 4.11
C VAL A 17 -1.94 -14.86 2.94
N PRO A 18 -2.46 -13.63 3.03
CA PRO A 18 -3.31 -13.06 1.97
C PRO A 18 -2.53 -12.74 0.70
N GLY A 19 -3.25 -12.34 -0.35
CA GLY A 19 -2.61 -12.02 -1.61
C GLY A 19 -2.78 -10.56 -1.98
N GLN A 20 -1.73 -9.98 -2.57
CA GLN A 20 -1.76 -8.59 -2.99
C GLN A 20 -3.13 -8.22 -3.56
N PRO A 21 -3.57 -6.99 -3.28
CA PRO A 21 -4.87 -6.49 -3.76
C PRO A 21 -4.87 -6.24 -5.26
N LEU A 22 -6.06 -6.06 -5.83
CA LEU A 22 -6.19 -5.81 -7.26
C LEU A 22 -6.69 -4.40 -7.52
N ASN A 23 -6.61 -3.96 -8.78
CA ASN A 23 -7.06 -2.63 -9.16
C ASN A 23 -6.35 -1.56 -8.33
N PHE A 24 -5.05 -1.75 -8.12
CA PHE A 24 -4.26 -0.80 -7.35
C PHE A 24 -3.80 0.37 -8.23
N LYS A 25 -4.24 1.58 -7.87
CA LYS A 25 -3.87 2.77 -8.62
C LYS A 25 -3.72 3.97 -7.69
N ALA A 26 -2.80 4.87 -8.05
CA ALA A 26 -2.56 6.07 -7.25
C ALA A 26 -3.04 7.32 -7.96
N GLU A 27 -3.85 8.11 -7.28
CA GLU A 27 -4.38 9.34 -7.86
C GLU A 27 -4.37 10.47 -6.83
N PRO A 28 -3.67 11.57 -7.17
CA PRO A 28 -3.57 12.74 -6.30
C PRO A 28 -4.89 13.50 -6.18
N GLU A 29 -5.61 13.25 -5.09
CA GLU A 29 -6.89 13.91 -4.85
C GLU A 29 -6.69 15.40 -4.61
N SER A 30 -5.53 15.77 -4.07
CA SER A 30 -5.22 17.16 -3.78
C SER A 30 -3.73 17.43 -3.95
N GLU A 31 -3.32 18.66 -3.68
CA GLU A 31 -1.92 19.05 -3.80
C GLU A 31 -1.11 18.56 -2.60
N THR A 32 -1.80 18.37 -1.47
CA THR A 32 -1.14 17.89 -0.25
C THR A 32 -1.77 16.59 0.24
N SER A 33 -2.74 16.09 -0.53
CA SER A 33 -3.41 14.85 -0.17
C SER A 33 -3.54 13.92 -1.37
N ILE A 34 -3.51 12.62 -1.13
CA ILE A 34 -3.63 11.64 -2.19
C ILE A 34 -4.58 10.51 -1.80
N LEU A 35 -5.30 9.98 -2.78
CA LEU A 35 -6.24 8.90 -2.55
C LEU A 35 -5.82 7.63 -3.29
N LEU A 36 -5.84 6.50 -2.59
CA LEU A 36 -5.46 5.23 -3.18
C LEU A 36 -6.69 4.37 -3.46
N SER A 37 -6.65 3.64 -4.57
CA SER A 37 -7.77 2.78 -4.96
C SER A 37 -7.31 1.33 -5.10
N TRP A 38 -7.84 0.46 -4.26
CA TRP A 38 -7.49 -0.95 -4.29
C TRP A 38 -8.70 -1.82 -4.01
N THR A 39 -8.65 -3.08 -4.47
CA THR A 39 -9.75 -4.01 -4.27
C THR A 39 -9.33 -5.17 -3.38
N PRO A 40 -10.04 -5.33 -2.24
CA PRO A 40 -9.76 -6.40 -1.28
C PRO A 40 -10.12 -7.78 -1.82
N PRO A 41 -9.17 -8.71 -1.75
CA PRO A 41 -9.36 -10.08 -2.23
C PRO A 41 -10.33 -10.87 -1.35
N ARG A 42 -10.45 -12.17 -1.62
CA ARG A 42 -11.34 -13.03 -0.86
C ARG A 42 -11.04 -12.94 0.64
N SER A 43 -9.75 -12.88 0.97
CA SER A 43 -9.33 -12.80 2.37
C SER A 43 -10.25 -11.87 3.16
N ASP A 44 -11.17 -12.46 3.90
CA ASP A 44 -12.12 -11.69 4.70
C ASP A 44 -11.43 -11.13 5.95
N THR A 45 -10.54 -11.92 6.53
CA THR A 45 -9.82 -11.50 7.74
C THR A 45 -8.59 -10.67 7.38
N ILE A 46 -8.72 -9.36 7.54
CA ILE A 46 -7.63 -8.45 7.23
C ILE A 46 -7.42 -7.43 8.35
N ALA A 47 -6.23 -7.44 8.94
CA ALA A 47 -5.91 -6.53 10.03
C ALA A 47 -5.77 -5.10 9.51
N ASN A 48 -4.96 -4.93 8.48
CA ASN A 48 -4.73 -3.61 7.89
C ASN A 48 -3.87 -3.71 6.63
N TYR A 49 -3.62 -2.57 6.01
CA TYR A 49 -2.81 -2.54 4.79
C TYR A 49 -1.50 -1.78 5.03
N GLU A 50 -0.44 -2.21 4.35
CA GLU A 50 0.86 -1.58 4.49
C GLU A 50 1.16 -0.68 3.29
N LEU A 51 1.46 0.59 3.58
CA LEU A 51 1.77 1.55 2.53
C LEU A 51 3.21 2.02 2.62
N VAL A 52 4.09 1.35 1.85
CA VAL A 52 5.50 1.70 1.84
C VAL A 52 5.77 2.88 0.93
N TYR A 53 5.64 4.09 1.47
CA TYR A 53 5.86 5.31 0.70
C TYR A 53 7.25 5.88 0.99
N LYS A 54 7.83 6.51 -0.02
CA LYS A 54 9.15 7.11 0.11
C LYS A 54 9.35 8.24 -0.89
N ASP A 55 10.19 9.21 -0.54
CA ASP A 55 10.46 10.34 -1.41
C ASP A 55 11.51 9.97 -2.46
N GLY A 56 11.07 9.83 -3.70
CA GLY A 56 11.98 9.47 -4.78
C GLY A 56 12.33 8.00 -4.80
N GLU A 57 13.41 7.65 -5.48
CA GLU A 57 13.84 6.26 -5.57
C GLU A 57 14.74 5.89 -4.39
N HIS A 58 15.47 6.88 -3.88
CA HIS A 58 16.36 6.65 -2.75
C HIS A 58 15.73 7.15 -1.46
N GLY A 59 14.41 7.08 -1.38
CA GLY A 59 13.71 7.53 -0.19
C GLY A 59 13.55 6.43 0.84
N GLU A 60 13.42 6.81 2.10
CA GLU A 60 13.27 5.85 3.18
C GLU A 60 11.91 5.15 3.10
N GLU A 61 11.93 3.82 3.15
CA GLU A 61 10.71 3.04 3.08
C GLU A 61 9.95 3.08 4.40
N GLN A 62 8.96 3.95 4.48
CA GLN A 62 8.16 4.09 5.70
C GLN A 62 6.80 3.42 5.54
N ARG A 63 6.34 2.76 6.60
CA ARG A 63 5.06 2.08 6.58
C ARG A 63 4.02 2.83 7.39
N ILE A 64 2.79 2.86 6.88
CA ILE A 64 1.70 3.56 7.57
C ILE A 64 0.60 2.58 7.97
N THR A 65 0.01 2.81 9.14
CA THR A 65 -1.06 1.95 9.63
C THR A 65 -2.41 2.34 9.02
N ILE A 66 -2.79 1.63 7.97
CA ILE A 66 -4.06 1.90 7.29
C ILE A 66 -5.14 0.93 7.75
N GLU A 67 -6.40 1.39 7.70
CA GLU A 67 -7.53 0.55 8.11
C GLU A 67 -7.87 -0.47 7.03
N PRO A 68 -8.27 -1.67 7.45
CA PRO A 68 -8.64 -2.76 6.53
C PRO A 68 -9.94 -2.47 5.80
N GLY A 69 -9.85 -1.68 4.73
CA GLY A 69 -11.04 -1.35 3.95
C GLY A 69 -10.83 -1.53 2.47
N THR A 70 -11.18 -0.50 1.69
CA THR A 70 -11.02 -0.54 0.25
C THR A 70 -10.17 0.62 -0.25
N SER A 71 -10.31 1.78 0.40
CA SER A 71 -9.56 2.97 0.02
C SER A 71 -9.11 3.74 1.25
N TYR A 72 -8.10 4.59 1.08
CA TYR A 72 -7.57 5.38 2.18
C TYR A 72 -7.19 6.78 1.70
N ARG A 73 -6.99 7.69 2.65
CA ARG A 73 -6.61 9.06 2.33
C ARG A 73 -5.35 9.47 3.09
N LEU A 74 -4.28 9.74 2.35
CA LEU A 74 -3.02 10.14 2.94
C LEU A 74 -2.79 11.64 2.79
N GLN A 75 -2.66 12.35 3.91
CA GLN A 75 -2.44 13.78 3.91
C GLN A 75 -1.05 14.12 4.42
N GLY A 76 -0.63 15.36 4.18
CA GLY A 76 0.69 15.80 4.62
C GLY A 76 1.77 15.52 3.59
N LEU A 77 1.72 16.22 2.46
CA LEU A 77 2.70 16.03 1.40
C LEU A 77 3.03 17.37 0.74
N LYS A 78 4.04 17.36 -0.12
CA LYS A 78 4.46 18.57 -0.82
C LYS A 78 3.93 18.58 -2.25
N PRO A 79 3.56 19.78 -2.73
CA PRO A 79 3.02 19.95 -4.09
C PRO A 79 4.09 19.73 -5.16
N ASN A 80 3.65 19.38 -6.37
CA ASN A 80 4.57 19.14 -7.47
C ASN A 80 5.76 18.33 -7.03
N SER A 81 5.49 17.20 -6.36
CA SER A 81 6.55 16.32 -5.88
C SER A 81 6.20 14.86 -6.10
N LEU A 82 7.18 14.07 -6.52
CA LEU A 82 6.97 12.65 -6.78
C LEU A 82 7.06 11.85 -5.49
N TYR A 83 6.16 10.88 -5.34
CA TYR A 83 6.14 10.04 -4.15
C TYR A 83 5.75 8.61 -4.50
N TYR A 84 6.61 7.66 -4.14
CA TYR A 84 6.35 6.25 -4.42
C TYR A 84 5.37 5.67 -3.41
N PHE A 85 4.60 4.67 -3.85
CA PHE A 85 3.61 4.03 -2.98
C PHE A 85 3.55 2.53 -3.27
N ARG A 86 3.33 1.75 -2.22
CA ARG A 86 3.24 0.30 -2.36
C ARG A 86 2.29 -0.29 -1.32
N LEU A 87 1.23 -0.94 -1.79
CA LEU A 87 0.24 -1.54 -0.91
C LEU A 87 0.56 -3.02 -0.66
N ALA A 88 0.31 -3.48 0.56
CA ALA A 88 0.58 -4.86 0.92
C ALA A 88 -0.30 -5.30 2.09
N ALA A 89 -1.31 -6.11 1.80
CA ALA A 89 -2.22 -6.59 2.84
C ALA A 89 -1.45 -7.21 3.99
N ARG A 90 -1.80 -6.83 5.21
CA ARG A 90 -1.14 -7.35 6.41
C ARG A 90 -2.08 -8.28 7.18
N SER A 91 -1.64 -9.52 7.39
CA SER A 91 -2.43 -10.50 8.12
C SER A 91 -1.74 -10.90 9.42
N PRO A 92 -2.55 -11.17 10.46
CA PRO A 92 -2.04 -11.57 11.78
C PRO A 92 -1.43 -12.98 11.76
N GLN A 93 -1.51 -13.63 10.61
CA GLN A 93 -0.96 -14.97 10.46
C GLN A 93 0.35 -14.96 9.68
N GLY A 94 0.54 -13.89 8.91
CA GLY A 94 1.76 -13.77 8.11
C GLY A 94 1.61 -12.76 6.99
N LEU A 95 2.61 -11.89 6.86
CA LEU A 95 2.59 -10.86 5.81
C LEU A 95 2.36 -11.49 4.45
N GLY A 96 1.80 -10.71 3.53
CA GLY A 96 1.55 -11.21 2.19
C GLY A 96 2.49 -10.61 1.16
N ALA A 97 1.94 -10.23 0.01
CA ALA A 97 2.75 -9.64 -1.06
C ALA A 97 2.48 -8.15 -1.20
N SER A 98 3.24 -7.50 -2.06
CA SER A 98 3.09 -6.06 -2.28
C SER A 98 2.81 -5.77 -3.76
N THR A 99 1.82 -4.91 -4.01
CA THR A 99 1.46 -4.54 -5.36
C THR A 99 2.63 -3.91 -6.10
N ALA A 100 2.46 -3.71 -7.40
CA ALA A 100 3.50 -3.12 -8.23
C ALA A 100 3.87 -1.72 -7.73
N GLU A 101 5.14 -1.36 -7.85
CA GLU A 101 5.62 -0.06 -7.41
C GLU A 101 4.99 1.06 -8.24
N ILE A 102 4.06 1.79 -7.63
CA ILE A 102 3.38 2.88 -8.31
C ILE A 102 3.65 4.22 -7.62
N SER A 103 3.67 5.29 -8.40
CA SER A 103 3.93 6.62 -7.86
C SER A 103 2.94 7.63 -8.44
N ALA A 104 2.60 8.64 -7.64
CA ALA A 104 1.66 9.67 -8.06
C ALA A 104 2.22 11.07 -7.77
N ARG A 105 2.07 11.98 -8.72
CA ARG A 105 2.55 13.34 -8.56
C ARG A 105 1.43 14.26 -8.08
N THR A 106 1.63 14.89 -6.94
CA THR A 106 0.64 15.80 -6.37
C THR A 106 0.30 16.92 -7.34
N MET A 107 -0.75 17.68 -7.02
CA MET A 107 -1.16 18.78 -7.88
C MET A 107 -0.13 19.90 -7.87
N GLN A 108 -0.27 20.84 -8.80
CA GLN A 108 0.66 21.96 -8.90
C GLN A 108 0.21 23.10 -8.00
N SER A 109 1.05 23.43 -7.00
CA SER A 109 0.75 24.50 -6.07
C SER A 109 1.41 25.81 -6.50
N SER A 110 0.60 26.76 -6.93
CA SER A 110 1.11 28.06 -7.38
C SER A 110 0.83 29.13 -6.33
N GLY A 111 1.85 29.44 -5.53
CA GLY A 111 1.70 30.46 -4.50
C GLY A 111 1.17 29.90 -3.21
N PRO A 112 1.16 30.72 -2.15
CA PRO A 112 0.68 30.32 -0.83
C PRO A 112 -0.83 30.12 -0.80
N SER A 113 -1.29 29.19 0.03
CA SER A 113 -2.71 28.90 0.15
C SER A 113 -3.54 30.18 0.04
N SER A 114 -3.15 31.20 0.81
CA SER A 114 -3.85 32.48 0.80
C SER A 114 -4.00 33.01 -0.62
N GLY A 115 -2.86 33.25 -1.26
CA GLY A 115 -2.87 33.76 -2.62
C GLY A 115 -1.60 34.50 -2.98
N GLY A 1 -6.18 -15.48 -24.25
CA GLY A 1 -5.30 -15.04 -23.19
C GLY A 1 -4.84 -16.17 -22.30
N SER A 2 -3.67 -16.02 -21.70
CA SER A 2 -3.12 -17.05 -20.81
C SER A 2 -2.57 -16.42 -19.54
N SER A 3 -3.08 -16.88 -18.39
CA SER A 3 -2.63 -16.37 -17.11
C SER A 3 -2.14 -17.50 -16.21
N GLY A 4 -0.84 -17.48 -15.91
CA GLY A 4 -0.26 -18.51 -15.06
C GLY A 4 0.98 -19.13 -15.68
N SER A 5 2.11 -18.45 -15.57
CA SER A 5 3.36 -18.94 -16.12
C SER A 5 4.22 -19.58 -15.04
N SER A 6 4.48 -18.83 -13.98
CA SER A 6 5.29 -19.33 -12.87
C SER A 6 4.90 -18.64 -11.55
N GLY A 7 5.02 -19.38 -10.46
CA GLY A 7 4.68 -18.82 -9.16
C GLY A 7 4.98 -19.79 -8.03
N ASP A 8 6.13 -19.60 -7.38
CA ASP A 8 6.54 -20.45 -6.28
C ASP A 8 5.88 -20.00 -4.97
N ILE A 9 5.06 -20.88 -4.39
CA ILE A 9 4.37 -20.57 -3.15
C ILE A 9 4.25 -21.81 -2.26
N GLN A 10 4.01 -21.60 -0.98
CA GLN A 10 3.86 -22.69 -0.03
C GLN A 10 2.39 -22.98 0.25
N VAL A 11 1.83 -23.92 -0.50
CA VAL A 11 0.42 -24.30 -0.32
C VAL A 11 0.20 -24.98 1.02
N ILE A 12 -0.70 -24.41 1.83
CA ILE A 12 -1.01 -24.97 3.13
C ILE A 12 -2.51 -24.97 3.39
N THR A 13 -3.04 -26.12 3.79
CA THR A 13 -4.47 -26.25 4.07
C THR A 13 -4.93 -25.21 5.08
N GLN A 14 -4.18 -25.08 6.16
CA GLN A 14 -4.50 -24.11 7.21
C GLN A 14 -4.48 -22.69 6.65
N THR A 15 -4.91 -21.73 7.48
CA THR A 15 -4.93 -20.33 7.08
C THR A 15 -3.59 -19.90 6.49
N GLY A 16 -3.62 -18.86 5.67
CA GLY A 16 -2.40 -18.37 5.05
C GLY A 16 -2.39 -16.85 4.92
N VAL A 17 -1.30 -16.32 4.35
CA VAL A 17 -1.17 -14.88 4.18
C VAL A 17 -2.06 -14.39 3.04
N PRO A 18 -2.56 -13.15 3.18
CA PRO A 18 -3.43 -12.53 2.18
C PRO A 18 -2.70 -12.20 0.89
N GLY A 19 -3.36 -12.42 -0.24
CA GLY A 19 -2.75 -12.13 -1.53
C GLY A 19 -2.82 -10.67 -1.89
N GLN A 20 -1.74 -10.13 -2.45
CA GLN A 20 -1.69 -8.73 -2.84
C GLN A 20 -3.02 -8.28 -3.43
N PRO A 21 -3.41 -7.04 -3.12
CA PRO A 21 -4.67 -6.47 -3.61
C PRO A 21 -4.65 -6.20 -5.11
N LEU A 22 -5.83 -5.98 -5.69
CA LEU A 22 -5.94 -5.72 -7.12
C LEU A 22 -6.42 -4.29 -7.37
N ASN A 23 -6.43 -3.89 -8.64
CA ASN A 23 -6.87 -2.55 -9.02
C ASN A 23 -6.18 -1.50 -8.16
N PHE A 24 -4.89 -1.69 -7.90
CA PHE A 24 -4.12 -0.76 -7.09
C PHE A 24 -3.52 0.34 -7.96
N LYS A 25 -4.03 1.56 -7.79
CA LYS A 25 -3.54 2.71 -8.55
C LYS A 25 -3.28 3.90 -7.64
N ALA A 26 -2.88 5.02 -8.24
CA ALA A 26 -2.61 6.23 -7.47
C ALA A 26 -3.26 7.44 -8.12
N GLU A 27 -3.87 8.30 -7.30
CA GLU A 27 -4.54 9.50 -7.80
C GLU A 27 -4.45 10.62 -6.78
N PRO A 28 -3.79 11.72 -7.16
CA PRO A 28 -3.63 12.89 -6.29
C PRO A 28 -4.93 13.65 -6.08
N GLU A 29 -5.55 13.43 -4.93
CA GLU A 29 -6.81 14.09 -4.60
C GLU A 29 -6.58 15.56 -4.23
N SER A 30 -5.33 15.90 -3.94
CA SER A 30 -4.98 17.26 -3.56
C SER A 30 -3.47 17.48 -3.67
N GLU A 31 -3.02 18.68 -3.31
CA GLU A 31 -1.61 19.01 -3.36
C GLU A 31 -0.86 18.45 -2.16
N THR A 32 -1.58 18.29 -1.05
CA THR A 32 -0.99 17.76 0.17
C THR A 32 -1.65 16.45 0.58
N SER A 33 -2.52 15.94 -0.29
CA SER A 33 -3.23 14.69 -0.02
C SER A 33 -3.29 13.81 -1.26
N ILE A 34 -3.47 12.52 -1.06
CA ILE A 34 -3.54 11.57 -2.17
C ILE A 34 -4.51 10.43 -1.85
N LEU A 35 -5.36 10.09 -2.82
CA LEU A 35 -6.33 9.02 -2.64
C LEU A 35 -5.88 7.75 -3.36
N LEU A 36 -5.96 6.63 -2.67
CA LEU A 36 -5.57 5.34 -3.24
C LEU A 36 -6.77 4.43 -3.42
N SER A 37 -6.92 3.90 -4.63
CA SER A 37 -8.04 3.01 -4.95
C SER A 37 -7.54 1.59 -5.19
N TRP A 38 -7.95 0.67 -4.30
CA TRP A 38 -7.55 -0.72 -4.40
C TRP A 38 -8.71 -1.65 -4.06
N THR A 39 -8.63 -2.89 -4.53
CA THR A 39 -9.68 -3.87 -4.28
C THR A 39 -9.18 -4.98 -3.36
N PRO A 40 -9.87 -5.18 -2.24
CA PRO A 40 -9.52 -6.22 -1.27
C PRO A 40 -9.78 -7.62 -1.79
N PRO A 41 -8.82 -8.53 -1.57
CA PRO A 41 -8.92 -9.92 -2.02
C PRO A 41 -9.96 -10.71 -1.23
N ARG A 42 -10.21 -11.94 -1.64
CA ARG A 42 -11.18 -12.79 -0.97
C ARG A 42 -10.97 -12.77 0.53
N SER A 43 -9.72 -12.61 0.96
CA SER A 43 -9.39 -12.58 2.38
C SER A 43 -10.32 -11.63 3.12
N ASP A 44 -11.26 -12.20 3.87
CA ASP A 44 -12.22 -11.41 4.64
C ASP A 44 -11.58 -10.88 5.92
N THR A 45 -10.68 -11.66 6.49
CA THR A 45 -9.99 -11.27 7.72
C THR A 45 -8.74 -10.46 7.42
N ILE A 46 -8.82 -9.16 7.68
CA ILE A 46 -7.68 -8.27 7.44
C ILE A 46 -7.54 -7.25 8.56
N ALA A 47 -6.37 -7.24 9.20
CA ALA A 47 -6.10 -6.31 10.29
C ALA A 47 -5.86 -4.90 9.75
N ASN A 48 -5.03 -4.80 8.72
CA ASN A 48 -4.71 -3.51 8.12
C ASN A 48 -3.85 -3.69 6.87
N TYR A 49 -3.56 -2.58 6.19
CA TYR A 49 -2.75 -2.61 4.99
C TYR A 49 -1.44 -1.86 5.19
N GLU A 50 -0.47 -2.12 4.32
CA GLU A 50 0.83 -1.47 4.41
C GLU A 50 1.09 -0.60 3.18
N LEU A 51 1.36 0.68 3.42
CA LEU A 51 1.62 1.62 2.34
C LEU A 51 3.03 2.19 2.44
N VAL A 52 3.98 1.49 1.82
CA VAL A 52 5.37 1.91 1.84
C VAL A 52 5.61 3.06 0.87
N TYR A 53 5.87 4.25 1.41
CA TYR A 53 6.10 5.44 0.59
C TYR A 53 7.46 6.06 0.91
N LYS A 54 8.17 6.48 -0.13
CA LYS A 54 9.47 7.10 0.04
C LYS A 54 9.60 8.35 -0.83
N ASP A 55 10.33 9.34 -0.33
CA ASP A 55 10.53 10.59 -1.05
C ASP A 55 11.39 10.36 -2.29
N GLY A 56 10.75 10.39 -3.46
CA GLY A 56 11.48 10.19 -4.70
C GLY A 56 11.99 8.76 -4.85
N GLU A 57 13.17 8.62 -5.46
CA GLU A 57 13.76 7.31 -5.66
C GLU A 57 14.70 6.95 -4.51
N HIS A 58 15.55 7.90 -4.14
CA HIS A 58 16.50 7.69 -3.05
C HIS A 58 15.88 8.07 -1.71
N GLY A 59 14.58 7.85 -1.57
CA GLY A 59 13.88 8.18 -0.35
C GLY A 59 13.89 7.03 0.65
N GLU A 60 13.78 7.36 1.93
CA GLU A 60 13.78 6.34 2.99
C GLU A 60 12.47 5.56 2.98
N GLU A 61 12.58 4.25 3.17
CA GLU A 61 11.40 3.37 3.18
C GLU A 61 10.66 3.49 4.50
N GLN A 62 9.34 3.70 4.42
CA GLN A 62 8.52 3.82 5.61
C GLN A 62 7.26 2.95 5.50
N ARG A 63 6.44 2.99 6.54
CA ARG A 63 5.21 2.21 6.56
C ARG A 63 4.09 2.95 7.29
N ILE A 64 2.91 2.97 6.69
CA ILE A 64 1.76 3.65 7.28
C ILE A 64 0.69 2.66 7.72
N THR A 65 0.07 2.92 8.86
CA THR A 65 -0.97 2.05 9.38
C THR A 65 -2.32 2.36 8.75
N ILE A 66 -2.68 1.61 7.71
CA ILE A 66 -3.94 1.80 7.02
C ILE A 66 -5.02 0.86 7.56
N GLU A 67 -6.26 1.32 7.54
CA GLU A 67 -7.38 0.53 8.03
C GLU A 67 -7.77 -0.54 7.01
N PRO A 68 -8.23 -1.70 7.51
CA PRO A 68 -8.64 -2.81 6.66
C PRO A 68 -9.93 -2.52 5.90
N GLY A 69 -9.81 -1.78 4.80
CA GLY A 69 -10.97 -1.45 4.00
C GLY A 69 -10.73 -1.63 2.52
N THR A 70 -10.98 -0.57 1.74
CA THR A 70 -10.79 -0.62 0.30
C THR A 70 -10.03 0.61 -0.19
N SER A 71 -10.32 1.76 0.42
CA SER A 71 -9.67 3.01 0.04
C SER A 71 -9.10 3.73 1.25
N TYR A 72 -8.09 4.55 1.03
CA TYR A 72 -7.46 5.30 2.11
C TYR A 72 -7.00 6.67 1.63
N ARG A 73 -7.22 7.68 2.48
CA ARG A 73 -6.84 9.05 2.14
C ARG A 73 -5.58 9.46 2.91
N LEU A 74 -4.48 9.60 2.17
CA LEU A 74 -3.21 10.00 2.78
C LEU A 74 -3.05 11.52 2.78
N GLN A 75 -2.55 12.06 3.88
CA GLN A 75 -2.35 13.50 4.00
C GLN A 75 -0.94 13.81 4.49
N GLY A 76 -0.55 15.08 4.42
CA GLY A 76 0.77 15.48 4.86
C GLY A 76 1.84 15.18 3.82
N LEU A 77 1.82 15.92 2.71
CA LEU A 77 2.79 15.73 1.65
C LEU A 77 3.16 17.06 1.00
N LYS A 78 4.12 17.02 0.10
CA LYS A 78 4.58 18.22 -0.60
C LYS A 78 4.00 18.29 -2.01
N PRO A 79 3.66 19.51 -2.45
CA PRO A 79 3.09 19.73 -3.79
C PRO A 79 4.12 19.51 -4.89
N ASN A 80 3.62 19.23 -6.10
CA ASN A 80 4.50 19.00 -7.24
C ASN A 80 5.71 18.15 -6.85
N SER A 81 5.45 17.04 -6.17
CA SER A 81 6.52 16.14 -5.72
C SER A 81 6.14 14.68 -5.98
N LEU A 82 7.12 13.90 -6.40
CA LEU A 82 6.90 12.48 -6.67
C LEU A 82 7.02 11.65 -5.39
N TYR A 83 6.10 10.70 -5.22
CA TYR A 83 6.10 9.84 -4.05
C TYR A 83 5.66 8.43 -4.40
N TYR A 84 6.55 7.46 -4.18
CA TYR A 84 6.24 6.07 -4.49
C TYR A 84 5.21 5.51 -3.51
N PHE A 85 4.53 4.44 -3.91
CA PHE A 85 3.52 3.81 -3.08
C PHE A 85 3.45 2.31 -3.34
N ARG A 86 3.23 1.54 -2.28
CA ARG A 86 3.15 0.08 -2.40
C ARG A 86 2.19 -0.49 -1.35
N LEU A 87 1.14 -1.14 -1.83
CA LEU A 87 0.15 -1.73 -0.93
C LEU A 87 0.46 -3.21 -0.68
N ALA A 88 0.61 -3.57 0.59
CA ALA A 88 0.91 -4.94 0.96
C ALA A 88 0.02 -5.41 2.11
N ALA A 89 -1.15 -5.94 1.77
CA ALA A 89 -2.09 -6.42 2.77
C ALA A 89 -1.37 -7.01 3.97
N ARG A 90 -1.88 -6.72 5.16
CA ARG A 90 -1.28 -7.22 6.39
C ARG A 90 -2.27 -8.07 7.18
N SER A 91 -1.83 -9.23 7.65
CA SER A 91 -2.68 -10.12 8.43
C SER A 91 -2.04 -10.46 9.77
N PRO A 92 -2.89 -10.79 10.75
CA PRO A 92 -2.42 -11.14 12.11
C PRO A 92 -1.70 -12.49 12.14
N GLN A 93 -1.59 -13.13 10.97
CA GLN A 93 -0.93 -14.42 10.87
C GLN A 93 0.42 -14.29 10.16
N GLY A 94 0.47 -13.40 9.16
CA GLY A 94 1.69 -13.20 8.42
C GLY A 94 1.53 -12.21 7.28
N LEU A 95 2.60 -11.47 6.98
CA LEU A 95 2.56 -10.48 5.91
C LEU A 95 2.38 -11.15 4.56
N GLY A 96 1.64 -10.49 3.66
CA GLY A 96 1.41 -11.02 2.34
C GLY A 96 2.43 -10.54 1.33
N ALA A 97 1.93 -10.15 0.15
CA ALA A 97 2.81 -9.66 -0.91
C ALA A 97 2.63 -8.17 -1.12
N SER A 98 3.51 -7.58 -1.94
CA SER A 98 3.44 -6.15 -2.21
C SER A 98 3.14 -5.90 -3.69
N THR A 99 2.12 -5.08 -3.94
CA THR A 99 1.73 -4.76 -5.31
C THR A 99 2.86 -4.07 -6.06
N ALA A 100 2.67 -3.87 -7.36
CA ALA A 100 3.68 -3.21 -8.19
C ALA A 100 4.10 -1.87 -7.60
N GLU A 101 5.22 -1.35 -8.07
CA GLU A 101 5.73 -0.07 -7.59
C GLU A 101 5.08 1.10 -8.33
N ILE A 102 3.99 1.61 -7.78
CA ILE A 102 3.28 2.72 -8.40
C ILE A 102 3.63 4.04 -7.71
N SER A 103 3.34 5.15 -8.39
CA SER A 103 3.62 6.47 -7.85
C SER A 103 2.58 7.49 -8.31
N ALA A 104 2.52 8.61 -7.61
CA ALA A 104 1.56 9.66 -7.94
C ALA A 104 2.17 11.05 -7.75
N ARG A 105 1.86 11.97 -8.66
CA ARG A 105 2.38 13.32 -8.59
C ARG A 105 1.33 14.28 -8.05
N THR A 106 1.69 15.01 -6.99
CA THR A 106 0.77 15.96 -6.37
C THR A 106 0.42 17.09 -7.33
N MET A 107 -0.59 17.88 -6.97
CA MET A 107 -1.01 18.99 -7.80
C MET A 107 -0.03 20.16 -7.70
N GLN A 108 0.01 21.00 -8.73
CA GLN A 108 0.90 22.14 -8.75
C GLN A 108 0.36 23.28 -7.90
N SER A 109 0.77 23.32 -6.63
CA SER A 109 0.31 24.35 -5.71
C SER A 109 0.67 25.75 -6.23
N SER A 110 -0.36 26.57 -6.44
CA SER A 110 -0.15 27.92 -6.94
C SER A 110 0.01 28.91 -5.79
N GLY A 111 0.57 30.07 -6.09
CA GLY A 111 0.77 31.09 -5.08
C GLY A 111 1.94 30.77 -4.16
N PRO A 112 2.45 31.79 -3.46
CA PRO A 112 3.57 31.63 -2.53
C PRO A 112 3.19 30.85 -1.29
N SER A 113 3.84 29.71 -1.08
CA SER A 113 3.56 28.86 0.07
C SER A 113 4.17 29.46 1.34
N SER A 114 5.46 29.74 1.29
CA SER A 114 6.17 30.32 2.43
C SER A 114 6.37 31.82 2.25
N GLY A 115 7.03 32.20 1.16
CA GLY A 115 7.28 33.61 0.90
C GLY A 115 8.76 33.94 0.82
N GLY A 1 7.32 -34.98 -7.63
CA GLY A 1 7.64 -35.17 -6.23
C GLY A 1 7.09 -34.08 -5.34
N SER A 2 6.00 -34.38 -4.64
CA SER A 2 5.37 -33.41 -3.75
C SER A 2 6.02 -33.44 -2.37
N SER A 3 6.20 -34.65 -1.84
CA SER A 3 6.81 -34.82 -0.52
C SER A 3 8.08 -35.66 -0.61
N GLY A 4 9.15 -35.17 -0.01
CA GLY A 4 10.41 -35.90 -0.02
C GLY A 4 11.57 -35.03 0.41
N SER A 5 11.37 -34.24 1.46
CA SER A 5 12.42 -33.37 1.98
C SER A 5 13.17 -34.03 3.13
N SER A 6 14.25 -34.72 2.80
CA SER A 6 15.06 -35.40 3.81
C SER A 6 16.04 -34.44 4.46
N GLY A 7 16.73 -34.92 5.49
CA GLY A 7 17.70 -34.09 6.18
C GLY A 7 17.34 -33.86 7.64
N ASP A 8 18.33 -33.52 8.45
CA ASP A 8 18.11 -33.28 9.87
C ASP A 8 18.27 -31.79 10.19
N ILE A 9 17.69 -30.94 9.36
CA ILE A 9 17.77 -29.50 9.56
C ILE A 9 16.40 -28.90 9.86
N GLN A 10 16.39 -27.80 10.58
CA GLN A 10 15.14 -27.12 10.94
C GLN A 10 14.90 -25.93 10.03
N VAL A 11 13.72 -25.89 9.41
CA VAL A 11 13.36 -24.79 8.52
C VAL A 11 11.84 -24.64 8.44
N ILE A 12 11.38 -23.40 8.61
CA ILE A 12 9.95 -23.11 8.56
C ILE A 12 9.68 -21.87 7.72
N THR A 13 9.13 -22.07 6.52
CA THR A 13 8.82 -20.97 5.62
C THR A 13 7.47 -20.34 5.98
N GLN A 14 7.25 -19.13 5.48
CA GLN A 14 6.01 -18.41 5.74
C GLN A 14 4.83 -19.08 5.04
N THR A 15 3.72 -19.23 5.74
CA THR A 15 2.52 -19.85 5.19
C THR A 15 1.27 -19.16 5.69
N GLY A 16 0.19 -19.26 4.91
CA GLY A 16 -1.07 -18.65 5.30
C GLY A 16 -1.01 -17.14 5.26
N VAL A 17 -1.11 -16.58 4.05
CA VAL A 17 -1.07 -15.13 3.88
C VAL A 17 -1.99 -14.68 2.75
N PRO A 18 -2.61 -13.50 2.91
CA PRO A 18 -3.53 -12.94 1.91
C PRO A 18 -2.79 -12.49 0.65
N GLY A 19 -3.44 -12.66 -0.49
CA GLY A 19 -2.84 -12.26 -1.75
C GLY A 19 -3.00 -10.78 -2.03
N GLN A 20 -1.90 -10.13 -2.41
CA GLN A 20 -1.91 -8.71 -2.70
C GLN A 20 -3.24 -8.29 -3.33
N PRO A 21 -3.66 -7.05 -3.07
CA PRO A 21 -4.92 -6.51 -3.60
C PRO A 21 -4.85 -6.26 -5.11
N LEU A 22 -5.99 -5.94 -5.70
CA LEU A 22 -6.05 -5.69 -7.14
C LEU A 22 -6.51 -4.25 -7.41
N ASN A 23 -6.64 -3.91 -8.69
CA ASN A 23 -7.07 -2.58 -9.08
C ASN A 23 -6.45 -1.51 -8.17
N PHE A 24 -5.14 -1.59 -8.00
CA PHE A 24 -4.43 -0.63 -7.15
C PHE A 24 -3.72 0.42 -7.98
N LYS A 25 -4.05 1.69 -7.75
CA LYS A 25 -3.44 2.79 -8.49
C LYS A 25 -3.25 4.01 -7.58
N ALA A 26 -2.59 5.03 -8.12
CA ALA A 26 -2.34 6.25 -7.36
C ALA A 26 -2.86 7.47 -8.11
N GLU A 27 -3.67 8.28 -7.43
CA GLU A 27 -4.24 9.48 -8.02
C GLU A 27 -4.15 10.66 -7.07
N PRO A 28 -3.58 11.77 -7.55
CA PRO A 28 -3.43 13.00 -6.75
C PRO A 28 -4.76 13.68 -6.47
N GLU A 29 -5.31 13.42 -5.29
CA GLU A 29 -6.59 14.01 -4.90
C GLU A 29 -6.42 15.48 -4.53
N SER A 30 -5.19 15.85 -4.18
CA SER A 30 -4.89 17.23 -3.79
C SER A 30 -3.41 17.53 -3.98
N GLU A 31 -3.00 18.73 -3.58
CA GLU A 31 -1.60 19.15 -3.69
C GLU A 31 -0.76 18.55 -2.57
N THR A 32 -1.40 18.28 -1.44
CA THR A 32 -0.71 17.71 -0.29
C THR A 32 -1.37 16.40 0.16
N SER A 33 -2.41 16.00 -0.55
CA SER A 33 -3.13 14.78 -0.22
C SER A 33 -3.29 13.89 -1.46
N ILE A 34 -3.23 12.58 -1.26
CA ILE A 34 -3.38 11.62 -2.35
C ILE A 34 -4.31 10.49 -1.97
N LEU A 35 -5.23 10.16 -2.87
CA LEU A 35 -6.17 9.07 -2.63
C LEU A 35 -5.75 7.80 -3.35
N LEU A 36 -5.96 6.66 -2.70
CA LEU A 36 -5.60 5.37 -3.28
C LEU A 36 -6.80 4.45 -3.35
N SER A 37 -6.98 3.81 -4.50
CA SER A 37 -8.11 2.89 -4.70
C SER A 37 -7.61 1.48 -4.99
N TRP A 38 -8.08 0.52 -4.19
CA TRP A 38 -7.68 -0.87 -4.36
C TRP A 38 -8.85 -1.81 -4.07
N THR A 39 -8.77 -3.04 -4.59
CA THR A 39 -9.82 -4.02 -4.38
C THR A 39 -9.31 -5.20 -3.56
N PRO A 40 -9.89 -5.38 -2.37
CA PRO A 40 -9.50 -6.47 -1.46
C PRO A 40 -9.93 -7.84 -2.00
N PRO A 41 -9.08 -8.85 -1.77
CA PRO A 41 -9.35 -10.23 -2.22
C PRO A 41 -10.49 -10.87 -1.43
N ARG A 42 -10.65 -12.18 -1.60
CA ARG A 42 -11.69 -12.93 -0.91
C ARG A 42 -11.41 -13.00 0.58
N SER A 43 -10.13 -12.89 0.95
CA SER A 43 -9.72 -12.95 2.34
C SER A 43 -10.41 -11.86 3.16
N ASP A 44 -11.51 -12.22 3.80
CA ASP A 44 -12.26 -11.28 4.63
C ASP A 44 -11.46 -10.86 5.85
N THR A 45 -10.76 -11.82 6.45
CA THR A 45 -9.96 -11.56 7.64
C THR A 45 -8.75 -10.70 7.29
N ILE A 46 -8.88 -9.40 7.50
CA ILE A 46 -7.79 -8.46 7.22
C ILE A 46 -7.58 -7.51 8.39
N ALA A 47 -6.40 -7.58 9.01
CA ALA A 47 -6.06 -6.72 10.13
C ALA A 47 -5.84 -5.29 9.67
N ASN A 48 -5.01 -5.11 8.66
CA ASN A 48 -4.72 -3.78 8.12
C ASN A 48 -3.84 -3.88 6.87
N TYR A 49 -3.67 -2.75 6.19
CA TYR A 49 -2.86 -2.71 4.98
C TYR A 49 -1.57 -1.93 5.22
N GLU A 50 -0.52 -2.31 4.50
CA GLU A 50 0.78 -1.64 4.64
C GLU A 50 1.06 -0.76 3.43
N LEU A 51 1.34 0.51 3.68
CA LEU A 51 1.63 1.47 2.62
C LEU A 51 3.04 2.04 2.76
N VAL A 52 3.98 1.49 1.99
CA VAL A 52 5.36 1.94 2.04
C VAL A 52 5.61 3.06 1.03
N TYR A 53 5.99 4.23 1.52
CA TYR A 53 6.25 5.38 0.66
C TYR A 53 7.64 5.96 0.94
N LYS A 54 8.21 6.61 -0.07
CA LYS A 54 9.52 7.22 0.07
C LYS A 54 9.68 8.41 -0.88
N ASP A 55 10.35 9.45 -0.41
CA ASP A 55 10.57 10.64 -1.21
C ASP A 55 11.57 10.37 -2.34
N GLY A 56 11.07 10.26 -3.56
CA GLY A 56 11.94 10.01 -4.70
C GLY A 56 12.23 8.53 -4.87
N GLU A 57 13.31 8.23 -5.59
CA GLU A 57 13.70 6.85 -5.83
C GLU A 57 14.79 6.41 -4.86
N HIS A 58 15.26 7.35 -4.04
CA HIS A 58 16.29 7.07 -3.06
C HIS A 58 15.89 7.58 -1.68
N GLY A 59 14.59 7.64 -1.43
CA GLY A 59 14.10 8.12 -0.16
C GLY A 59 14.06 7.02 0.89
N GLU A 60 13.97 7.41 2.15
CA GLU A 60 13.92 6.45 3.25
C GLU A 60 12.58 5.73 3.29
N GLU A 61 12.62 4.41 3.10
CA GLU A 61 11.40 3.61 3.11
C GLU A 61 10.69 3.71 4.46
N GLN A 62 9.37 3.70 4.43
CA GLN A 62 8.58 3.79 5.66
C GLN A 62 7.34 2.90 5.57
N ARG A 63 6.54 2.91 6.62
CA ARG A 63 5.32 2.10 6.67
C ARG A 63 4.22 2.82 7.43
N ILE A 64 3.01 2.79 6.88
CA ILE A 64 1.86 3.45 7.51
C ILE A 64 0.79 2.43 7.88
N THR A 65 0.20 2.61 9.06
CA THR A 65 -0.85 1.71 9.54
C THR A 65 -2.21 2.11 8.97
N ILE A 66 -2.67 1.37 7.97
CA ILE A 66 -3.95 1.64 7.34
C ILE A 66 -5.01 0.66 7.81
N GLU A 67 -6.26 1.10 7.82
CA GLU A 67 -7.37 0.26 8.26
C GLU A 67 -7.73 -0.77 7.18
N PRO A 68 -8.22 -1.93 7.62
CA PRO A 68 -8.60 -3.02 6.71
C PRO A 68 -9.86 -2.68 5.92
N GLY A 69 -9.69 -1.90 4.85
CA GLY A 69 -10.82 -1.52 4.02
C GLY A 69 -10.56 -1.77 2.55
N THR A 70 -10.85 -0.76 1.73
CA THR A 70 -10.66 -0.87 0.29
C THR A 70 -9.85 0.30 -0.25
N SER A 71 -10.00 1.46 0.39
CA SER A 71 -9.30 2.67 -0.02
C SER A 71 -8.81 3.45 1.19
N TYR A 72 -7.94 4.43 0.95
CA TYR A 72 -7.40 5.26 2.02
C TYR A 72 -6.94 6.61 1.49
N ARG A 73 -7.16 7.66 2.26
CA ARG A 73 -6.76 9.01 1.88
C ARG A 73 -5.56 9.47 2.68
N LEU A 74 -4.40 9.57 2.01
CA LEU A 74 -3.18 10.00 2.67
C LEU A 74 -3.04 11.53 2.60
N GLN A 75 -2.57 12.11 3.69
CA GLN A 75 -2.38 13.56 3.77
C GLN A 75 -1.01 13.91 4.34
N GLY A 76 -0.52 15.09 3.99
CA GLY A 76 0.79 15.53 4.49
C GLY A 76 1.90 15.26 3.49
N LEU A 77 1.78 15.86 2.31
CA LEU A 77 2.79 15.68 1.27
C LEU A 77 3.22 17.04 0.70
N LYS A 78 4.18 17.00 -0.23
CA LYS A 78 4.68 18.22 -0.86
C LYS A 78 4.11 18.38 -2.26
N PRO A 79 3.87 19.63 -2.66
CA PRO A 79 3.32 19.94 -3.98
C PRO A 79 4.32 19.69 -5.10
N ASN A 80 3.82 19.49 -6.32
CA ASN A 80 4.67 19.23 -7.46
C ASN A 80 5.87 18.37 -7.07
N SER A 81 5.60 17.25 -6.42
CA SER A 81 6.66 16.35 -5.98
C SER A 81 6.25 14.89 -6.18
N LEU A 82 7.20 14.06 -6.57
CA LEU A 82 6.94 12.64 -6.80
C LEU A 82 6.98 11.86 -5.49
N TYR A 83 6.12 10.86 -5.38
CA TYR A 83 6.06 10.03 -4.17
C TYR A 83 5.64 8.61 -4.52
N TYR A 84 6.47 7.64 -4.16
CA TYR A 84 6.18 6.23 -4.41
C TYR A 84 5.22 5.67 -3.38
N PHE A 85 4.50 4.62 -3.76
CA PHE A 85 3.54 3.98 -2.87
C PHE A 85 3.41 2.50 -3.17
N ARG A 86 3.31 1.69 -2.13
CA ARG A 86 3.19 0.24 -2.28
C ARG A 86 2.23 -0.33 -1.24
N LEU A 87 1.21 -1.04 -1.73
CA LEU A 87 0.22 -1.65 -0.84
C LEU A 87 0.53 -3.11 -0.59
N ALA A 88 0.22 -3.59 0.61
CA ALA A 88 0.47 -4.97 0.97
C ALA A 88 -0.38 -5.40 2.16
N ALA A 89 -1.41 -6.19 1.90
CA ALA A 89 -2.30 -6.66 2.97
C ALA A 89 -1.50 -7.25 4.13
N ARG A 90 -1.79 -6.79 5.34
CA ARG A 90 -1.10 -7.27 6.52
C ARG A 90 -1.99 -8.22 7.32
N SER A 91 -1.58 -9.48 7.42
CA SER A 91 -2.33 -10.49 8.15
C SER A 91 -1.75 -10.70 9.54
N PRO A 92 -2.61 -11.13 10.48
CA PRO A 92 -2.21 -11.38 11.86
C PRO A 92 -1.31 -12.61 11.99
N GLN A 93 -1.11 -13.31 10.88
CA GLN A 93 -0.27 -14.49 10.86
C GLN A 93 1.11 -14.18 10.32
N GLY A 94 1.20 -13.12 9.52
CA GLY A 94 2.48 -12.73 8.94
C GLY A 94 2.34 -11.56 7.98
N LEU A 95 2.90 -11.72 6.79
CA LEU A 95 2.84 -10.67 5.78
C LEU A 95 2.54 -11.25 4.40
N GLY A 96 1.72 -10.54 3.64
CA GLY A 96 1.37 -11.01 2.31
C GLY A 96 2.35 -10.55 1.25
N ALA A 97 1.82 -10.01 0.14
CA ALA A 97 2.67 -9.54 -0.94
C ALA A 97 2.46 -8.04 -1.17
N SER A 98 3.37 -7.44 -1.93
CA SER A 98 3.29 -6.01 -2.23
C SER A 98 2.95 -5.78 -3.70
N THR A 99 1.93 -4.96 -3.94
CA THR A 99 1.49 -4.65 -5.29
C THR A 99 2.60 -3.96 -6.08
N ALA A 100 2.31 -3.66 -7.35
CA ALA A 100 3.29 -3.00 -8.20
C ALA A 100 3.61 -1.61 -7.69
N GLU A 101 4.90 -1.27 -7.68
CA GLU A 101 5.35 0.04 -7.21
C GLU A 101 4.72 1.15 -8.04
N ILE A 102 3.74 1.84 -7.45
CA ILE A 102 3.06 2.94 -8.13
C ILE A 102 3.41 4.27 -7.50
N SER A 103 3.23 5.34 -8.27
CA SER A 103 3.54 6.69 -7.79
C SER A 103 2.53 7.70 -8.33
N ALA A 104 2.48 8.87 -7.69
CA ALA A 104 1.55 9.92 -8.09
C ALA A 104 2.18 11.29 -7.92
N ARG A 105 1.93 12.18 -8.88
CA ARG A 105 2.47 13.54 -8.83
C ARG A 105 1.44 14.51 -8.27
N THR A 106 1.81 15.21 -7.19
CA THR A 106 0.93 16.17 -6.56
C THR A 106 0.59 17.31 -7.51
N MET A 107 -0.45 18.07 -7.17
CA MET A 107 -0.87 19.20 -8.00
C MET A 107 0.15 20.33 -7.93
N GLN A 108 -0.06 21.36 -8.74
CA GLN A 108 0.84 22.51 -8.77
C GLN A 108 0.41 23.57 -7.77
N SER A 109 1.31 23.91 -6.85
CA SER A 109 1.01 24.92 -5.83
C SER A 109 1.16 26.32 -6.41
N SER A 110 0.59 27.30 -5.71
CA SER A 110 0.64 28.69 -6.14
C SER A 110 0.11 29.62 -5.06
N GLY A 111 0.71 30.80 -4.95
CA GLY A 111 0.28 31.76 -3.95
C GLY A 111 -0.53 32.89 -4.56
N PRO A 112 -1.75 33.10 -4.04
CA PRO A 112 -2.64 34.15 -4.51
C PRO A 112 -2.15 35.54 -4.14
N SER A 113 -2.72 36.56 -4.79
CA SER A 113 -2.33 37.94 -4.53
C SER A 113 -3.56 38.82 -4.33
N SER A 114 -3.90 39.09 -3.08
CA SER A 114 -5.06 39.92 -2.77
C SER A 114 -4.77 41.39 -3.06
N GLY A 115 -5.75 42.06 -3.67
CA GLY A 115 -5.58 43.47 -4.01
C GLY A 115 -6.61 43.94 -5.03
N GLY A 1 -13.16 -27.15 -6.08
CA GLY A 1 -11.73 -27.10 -5.84
C GLY A 1 -11.36 -26.07 -4.80
N SER A 2 -10.06 -25.92 -4.55
CA SER A 2 -9.56 -24.96 -3.57
C SER A 2 -8.22 -24.39 -3.99
N SER A 3 -8.00 -23.12 -3.67
CA SER A 3 -6.75 -22.44 -4.02
C SER A 3 -6.56 -22.41 -5.53
N GLY A 4 -7.64 -22.14 -6.26
CA GLY A 4 -7.58 -22.08 -7.71
C GLY A 4 -6.82 -23.25 -8.30
N SER A 5 -5.88 -22.96 -9.19
CA SER A 5 -5.08 -24.00 -9.84
C SER A 5 -3.73 -23.45 -10.25
N SER A 6 -2.74 -24.34 -10.34
CA SER A 6 -1.38 -23.96 -10.73
C SER A 6 -0.63 -25.14 -11.32
N GLY A 7 0.34 -24.85 -12.17
CA GLY A 7 1.13 -25.90 -12.79
C GLY A 7 2.53 -25.44 -13.15
N ASP A 8 3.47 -25.67 -12.23
CA ASP A 8 4.86 -25.27 -12.45
C ASP A 8 5.81 -26.20 -11.71
N ILE A 9 7.11 -26.03 -11.95
CA ILE A 9 8.12 -26.85 -11.30
C ILE A 9 7.71 -27.23 -9.88
N GLN A 10 7.17 -26.26 -9.16
CA GLN A 10 6.73 -26.49 -7.79
C GLN A 10 5.30 -25.99 -7.59
N VAL A 11 4.62 -26.55 -6.58
CA VAL A 11 3.25 -26.16 -6.28
C VAL A 11 3.19 -25.20 -5.11
N ILE A 12 2.69 -23.99 -5.37
CA ILE A 12 2.58 -22.97 -4.33
C ILE A 12 1.24 -23.08 -3.60
N THR A 13 0.84 -24.31 -3.29
CA THR A 13 -0.41 -24.56 -2.59
C THR A 13 -0.20 -24.55 -1.08
N GLN A 14 -0.43 -23.39 -0.46
CA GLN A 14 -0.26 -23.25 0.97
C GLN A 14 -1.19 -22.17 1.53
N THR A 15 -1.27 -22.07 2.85
CA THR A 15 -2.12 -21.08 3.50
C THR A 15 -1.44 -20.50 4.73
N GLY A 16 -1.06 -19.23 4.66
CA GLY A 16 -0.41 -18.57 5.77
C GLY A 16 -0.47 -17.06 5.68
N VAL A 17 -0.38 -16.54 4.46
CA VAL A 17 -0.43 -15.10 4.24
C VAL A 17 -1.43 -14.75 3.14
N PRO A 18 -2.03 -13.55 3.25
CA PRO A 18 -3.01 -13.07 2.27
C PRO A 18 -2.37 -12.74 0.93
N GLY A 19 -3.21 -12.41 -0.05
CA GLY A 19 -2.70 -12.07 -1.38
C GLY A 19 -2.81 -10.59 -1.67
N GLN A 20 -1.88 -10.09 -2.48
CA GLN A 20 -1.86 -8.68 -2.84
C GLN A 20 -3.20 -8.26 -3.46
N PRO A 21 -3.62 -7.02 -3.17
CA PRO A 21 -4.88 -6.46 -3.68
C PRO A 21 -4.83 -6.21 -5.19
N LEU A 22 -5.99 -6.00 -5.79
CA LEU A 22 -6.08 -5.75 -7.22
C LEU A 22 -6.57 -4.33 -7.49
N ASN A 23 -6.64 -3.96 -8.76
CA ASN A 23 -7.10 -2.63 -9.15
C ASN A 23 -6.42 -1.56 -8.31
N PHE A 24 -5.13 -1.73 -8.07
CA PHE A 24 -4.37 -0.77 -7.28
C PHE A 24 -3.76 0.31 -8.17
N LYS A 25 -4.02 1.56 -7.82
CA LYS A 25 -3.51 2.70 -8.58
C LYS A 25 -3.24 3.88 -7.67
N ALA A 26 -2.72 4.96 -8.25
CA ALA A 26 -2.40 6.17 -7.49
C ALA A 26 -2.92 7.41 -8.20
N GLU A 27 -3.59 8.28 -7.43
CA GLU A 27 -4.14 9.51 -7.99
C GLU A 27 -4.14 10.63 -6.96
N PRO A 28 -3.53 11.77 -7.32
CA PRO A 28 -3.45 12.93 -6.43
C PRO A 28 -4.80 13.60 -6.21
N GLU A 29 -5.44 13.29 -5.09
CA GLU A 29 -6.74 13.87 -4.77
C GLU A 29 -6.61 15.34 -4.41
N SER A 30 -5.43 15.73 -3.94
CA SER A 30 -5.18 17.12 -3.56
C SER A 30 -3.70 17.46 -3.72
N GLU A 31 -3.34 18.68 -3.31
CA GLU A 31 -1.95 19.13 -3.41
C GLU A 31 -1.10 18.53 -2.30
N THR A 32 -1.73 18.32 -1.13
CA THR A 32 -1.02 17.77 0.01
C THR A 32 -1.66 16.45 0.46
N SER A 33 -2.56 15.93 -0.36
CA SER A 33 -3.26 14.68 -0.05
C SER A 33 -3.38 13.81 -1.30
N ILE A 34 -3.36 12.50 -1.10
CA ILE A 34 -3.48 11.55 -2.20
C ILE A 34 -4.41 10.40 -1.85
N LEU A 35 -5.30 10.06 -2.77
CA LEU A 35 -6.25 8.97 -2.55
C LEU A 35 -5.81 7.71 -3.29
N LEU A 36 -5.79 6.59 -2.58
CA LEU A 36 -5.39 5.32 -3.16
C LEU A 36 -6.59 4.40 -3.34
N SER A 37 -6.71 3.81 -4.53
CA SER A 37 -7.81 2.91 -4.84
C SER A 37 -7.32 1.48 -5.02
N TRP A 38 -7.82 0.57 -4.19
CA TRP A 38 -7.42 -0.83 -4.27
C TRP A 38 -8.60 -1.74 -3.94
N THR A 39 -8.54 -2.98 -4.43
CA THR A 39 -9.61 -3.94 -4.20
C THR A 39 -9.13 -5.07 -3.28
N PRO A 40 -9.82 -5.24 -2.15
CA PRO A 40 -9.49 -6.27 -1.16
C PRO A 40 -9.80 -7.68 -1.68
N PRO A 41 -8.82 -8.59 -1.50
CA PRO A 41 -8.96 -9.99 -1.94
C PRO A 41 -9.98 -10.75 -1.11
N ARG A 42 -10.20 -12.01 -1.48
CA ARG A 42 -11.15 -12.85 -0.76
C ARG A 42 -10.89 -12.81 0.74
N SER A 43 -9.62 -12.80 1.11
CA SER A 43 -9.23 -12.78 2.52
C SER A 43 -10.18 -11.88 3.33
N ASP A 44 -11.05 -12.52 4.11
CA ASP A 44 -12.00 -11.78 4.92
C ASP A 44 -11.32 -11.20 6.16
N THR A 45 -10.41 -11.96 6.75
CA THR A 45 -9.69 -11.52 7.94
C THR A 45 -8.51 -10.62 7.56
N ILE A 46 -8.69 -9.32 7.72
CA ILE A 46 -7.64 -8.36 7.41
C ILE A 46 -7.47 -7.34 8.53
N ALA A 47 -6.29 -7.35 9.15
CA ALA A 47 -5.99 -6.42 10.24
C ALA A 47 -5.78 -5.01 9.71
N ASN A 48 -4.94 -4.89 8.70
CA ASN A 48 -4.64 -3.59 8.10
C ASN A 48 -3.79 -3.73 6.85
N TYR A 49 -3.49 -2.62 6.20
CA TYR A 49 -2.69 -2.63 4.99
C TYR A 49 -1.36 -1.90 5.21
N GLU A 50 -0.38 -2.21 4.39
CA GLU A 50 0.94 -1.58 4.48
C GLU A 50 1.20 -0.68 3.28
N LEU A 51 1.51 0.59 3.56
CA LEU A 51 1.79 1.55 2.51
C LEU A 51 3.23 2.04 2.56
N VAL A 52 4.10 1.35 1.84
CA VAL A 52 5.52 1.71 1.81
C VAL A 52 5.79 2.82 0.80
N TYR A 53 5.90 4.05 1.30
CA TYR A 53 6.14 5.20 0.45
C TYR A 53 7.53 5.77 0.71
N LYS A 54 8.11 6.38 -0.33
CA LYS A 54 9.44 6.97 -0.21
C LYS A 54 9.57 8.20 -1.12
N ASP A 55 10.11 9.28 -0.57
CA ASP A 55 10.29 10.52 -1.32
C ASP A 55 11.06 10.26 -2.62
N GLY A 56 10.33 10.23 -3.73
CA GLY A 56 10.96 9.98 -5.01
C GLY A 56 11.63 8.63 -5.09
N GLU A 57 12.86 8.61 -5.61
CA GLU A 57 13.61 7.36 -5.74
C GLU A 57 14.56 7.17 -4.57
N HIS A 58 15.20 8.26 -4.15
CA HIS A 58 16.14 8.23 -3.04
C HIS A 58 15.43 8.53 -1.72
N GLY A 59 14.18 8.10 -1.61
CA GLY A 59 13.42 8.33 -0.40
C GLY A 59 13.54 7.19 0.59
N GLU A 60 13.11 7.42 1.82
CA GLU A 60 13.16 6.40 2.86
C GLU A 60 11.84 5.66 2.96
N GLU A 61 11.89 4.34 2.85
CA GLU A 61 10.70 3.51 2.93
C GLU A 61 10.02 3.66 4.30
N GLN A 62 8.70 3.85 4.29
CA GLN A 62 7.95 4.01 5.52
C GLN A 62 6.57 3.35 5.40
N ARG A 63 6.22 2.55 6.40
CA ARG A 63 4.94 1.86 6.41
C ARG A 63 3.92 2.61 7.26
N ILE A 64 2.72 2.82 6.71
CA ILE A 64 1.67 3.53 7.42
C ILE A 64 0.56 2.58 7.85
N THR A 65 -0.02 2.83 9.02
CA THR A 65 -1.08 2.00 9.55
C THR A 65 -2.42 2.33 8.89
N ILE A 66 -2.75 1.61 7.82
CA ILE A 66 -4.00 1.83 7.10
C ILE A 66 -5.07 0.85 7.56
N GLU A 67 -6.30 1.35 7.69
CA GLU A 67 -7.41 0.52 8.12
C GLU A 67 -7.75 -0.53 7.06
N PRO A 68 -8.20 -1.71 7.53
CA PRO A 68 -8.56 -2.82 6.64
C PRO A 68 -9.83 -2.54 5.85
N GLY A 69 -9.70 -1.77 4.77
CA GLY A 69 -10.84 -1.45 3.95
C GLY A 69 -10.56 -1.62 2.47
N THR A 70 -10.97 -0.64 1.67
CA THR A 70 -10.75 -0.69 0.23
C THR A 70 -9.98 0.52 -0.26
N SER A 71 -10.27 1.69 0.31
CA SER A 71 -9.60 2.92 -0.07
C SER A 71 -9.06 3.64 1.16
N TYR A 72 -8.15 4.59 0.93
CA TYR A 72 -7.55 5.35 2.02
C TYR A 72 -7.13 6.74 1.54
N ARG A 73 -7.19 7.71 2.44
CA ARG A 73 -6.82 9.08 2.12
C ARG A 73 -5.58 9.51 2.89
N LEU A 74 -4.46 9.59 2.19
CA LEU A 74 -3.19 9.98 2.81
C LEU A 74 -3.02 11.49 2.78
N GLN A 75 -2.61 12.06 3.90
CA GLN A 75 -2.40 13.51 4.00
C GLN A 75 -1.03 13.83 4.60
N GLY A 76 -0.49 14.99 4.24
CA GLY A 76 0.82 15.38 4.75
C GLY A 76 1.92 15.21 3.72
N LEU A 77 1.77 15.89 2.58
CA LEU A 77 2.76 15.81 1.51
C LEU A 77 3.04 17.19 0.93
N LYS A 78 4.09 17.29 0.12
CA LYS A 78 4.45 18.54 -0.51
C LYS A 78 3.94 18.60 -1.95
N PRO A 79 3.43 19.78 -2.35
CA PRO A 79 2.91 19.99 -3.70
C PRO A 79 4.01 19.99 -4.76
N ASN A 80 3.75 19.34 -5.89
CA ASN A 80 4.71 19.27 -6.97
C ASN A 80 5.91 18.40 -6.59
N SER A 81 5.63 17.17 -6.16
CA SER A 81 6.68 16.25 -5.76
C SER A 81 6.23 14.80 -5.95
N LEU A 82 7.15 13.96 -6.44
CA LEU A 82 6.85 12.56 -6.68
C LEU A 82 6.97 11.75 -5.39
N TYR A 83 6.04 10.83 -5.18
CA TYR A 83 6.04 9.99 -3.99
C TYR A 83 5.61 8.57 -4.32
N TYR A 84 6.51 7.62 -4.10
CA TYR A 84 6.22 6.22 -4.38
C TYR A 84 5.18 5.67 -3.40
N PHE A 85 4.46 4.64 -3.82
CA PHE A 85 3.44 4.03 -2.99
C PHE A 85 3.31 2.53 -3.28
N ARG A 86 3.23 1.73 -2.24
CA ARG A 86 3.11 0.28 -2.38
C ARG A 86 2.16 -0.29 -1.34
N LEU A 87 1.12 -0.97 -1.80
CA LEU A 87 0.14 -1.58 -0.90
C LEU A 87 0.43 -3.07 -0.70
N ALA A 88 0.13 -3.56 0.49
CA ALA A 88 0.34 -4.97 0.81
C ALA A 88 -0.44 -5.38 2.05
N ALA A 89 -1.51 -6.13 1.85
CA ALA A 89 -2.34 -6.59 2.95
C ALA A 89 -1.49 -7.14 4.09
N ARG A 90 -1.81 -6.72 5.31
CA ARG A 90 -1.08 -7.17 6.49
C ARG A 90 -1.93 -8.08 7.35
N SER A 91 -1.44 -9.29 7.59
CA SER A 91 -2.15 -10.27 8.40
C SER A 91 -1.56 -10.36 9.81
N PRO A 92 -2.40 -10.79 10.77
CA PRO A 92 -1.97 -10.93 12.17
C PRO A 92 -0.99 -12.07 12.37
N GLN A 93 -0.69 -12.78 11.29
CA GLN A 93 0.24 -13.91 11.35
C GLN A 93 1.59 -13.53 10.74
N GLY A 94 1.55 -12.68 9.73
CA GLY A 94 2.77 -12.25 9.06
C GLY A 94 2.53 -11.19 8.02
N LEU A 95 3.20 -11.32 6.87
CA LEU A 95 3.06 -10.36 5.78
C LEU A 95 2.76 -11.08 4.47
N GLY A 96 1.91 -10.46 3.65
CA GLY A 96 1.57 -11.05 2.36
C GLY A 96 2.47 -10.58 1.25
N ALA A 97 1.87 -10.19 0.13
CA ALA A 97 2.63 -9.71 -1.02
C ALA A 97 2.40 -8.22 -1.25
N SER A 98 3.36 -7.57 -1.90
CA SER A 98 3.27 -6.14 -2.18
C SER A 98 2.94 -5.90 -3.64
N THR A 99 1.92 -5.07 -3.89
CA THR A 99 1.51 -4.75 -5.25
C THR A 99 2.64 -4.12 -6.04
N ALA A 100 2.35 -3.73 -7.27
CA ALA A 100 3.35 -3.09 -8.13
C ALA A 100 3.72 -1.71 -7.61
N GLU A 101 4.99 -1.35 -7.79
CA GLU A 101 5.49 -0.05 -7.33
C GLU A 101 4.87 1.08 -8.15
N ILE A 102 3.89 1.77 -7.57
CA ILE A 102 3.22 2.87 -8.25
C ILE A 102 3.56 4.20 -7.58
N SER A 103 3.43 5.28 -8.34
CA SER A 103 3.72 6.61 -7.83
C SER A 103 2.71 7.63 -8.35
N ALA A 104 2.56 8.73 -7.62
CA ALA A 104 1.62 9.79 -8.00
C ALA A 104 2.23 11.17 -7.77
N ARG A 105 1.99 12.09 -8.70
CA ARG A 105 2.50 13.44 -8.59
C ARG A 105 1.43 14.39 -8.06
N THR A 106 1.74 15.07 -6.97
CA THR A 106 0.81 16.01 -6.36
C THR A 106 0.55 17.20 -7.27
N MET A 107 -0.44 18.01 -6.92
CA MET A 107 -0.78 19.19 -7.70
C MET A 107 0.16 20.35 -7.38
N GLN A 108 0.53 21.12 -8.39
CA GLN A 108 1.42 22.26 -8.21
C GLN A 108 0.66 23.46 -7.67
N SER A 109 0.78 23.69 -6.37
CA SER A 109 0.10 24.81 -5.73
C SER A 109 0.56 26.14 -6.32
N SER A 110 -0.30 27.14 -6.25
CA SER A 110 0.01 28.47 -6.77
C SER A 110 -0.72 29.55 -5.98
N GLY A 111 0.05 30.52 -5.48
CA GLY A 111 -0.53 31.61 -4.71
C GLY A 111 0.31 31.97 -3.51
N PRO A 112 1.22 32.95 -3.68
CA PRO A 112 2.11 33.41 -2.61
C PRO A 112 1.35 34.17 -1.53
N SER A 113 1.82 34.04 -0.29
CA SER A 113 1.18 34.71 0.84
C SER A 113 1.77 36.11 1.04
N SER A 114 1.02 37.13 0.66
CA SER A 114 1.47 38.51 0.80
C SER A 114 0.28 39.46 0.85
N GLY A 115 0.32 40.39 1.80
CA GLY A 115 -0.77 41.36 1.94
C GLY A 115 -0.25 42.75 2.21
N GLY A 1 -16.05 -33.31 -2.39
CA GLY A 1 -14.62 -33.39 -2.14
C GLY A 1 -14.31 -34.04 -0.81
N SER A 2 -13.49 -35.08 -0.85
CA SER A 2 -13.10 -35.80 0.38
C SER A 2 -11.58 -35.94 0.46
N SER A 3 -10.93 -34.93 1.02
CA SER A 3 -9.48 -34.94 1.17
C SER A 3 -9.02 -33.86 2.14
N GLY A 4 -7.83 -34.04 2.70
CA GLY A 4 -7.30 -33.07 3.64
C GLY A 4 -6.30 -32.13 3.00
N SER A 5 -5.61 -31.36 3.82
CA SER A 5 -4.61 -30.41 3.32
C SER A 5 -3.20 -30.99 3.39
N SER A 6 -2.83 -31.73 2.35
CA SER A 6 -1.51 -32.35 2.30
C SER A 6 -0.97 -32.36 0.87
N GLY A 7 0.31 -32.04 0.72
CA GLY A 7 0.93 -32.01 -0.59
C GLY A 7 2.38 -32.46 -0.56
N ASP A 8 3.15 -31.87 0.34
CA ASP A 8 4.57 -32.21 0.47
C ASP A 8 4.81 -33.04 1.72
N ILE A 9 3.86 -33.90 2.06
CA ILE A 9 3.97 -34.75 3.24
C ILE A 9 4.74 -34.04 4.35
N GLN A 10 4.35 -32.80 4.64
CA GLN A 10 5.00 -32.02 5.69
C GLN A 10 3.98 -31.18 6.44
N VAL A 11 3.80 -31.48 7.72
CA VAL A 11 2.86 -30.74 8.55
C VAL A 11 3.58 -29.98 9.66
N ILE A 12 4.77 -29.49 9.35
CA ILE A 12 5.56 -28.75 10.32
C ILE A 12 5.00 -27.34 10.53
N THR A 13 4.64 -26.69 9.42
CA THR A 13 4.09 -25.34 9.48
C THR A 13 3.05 -25.13 8.39
N GLN A 14 1.83 -24.77 8.78
CA GLN A 14 0.75 -24.53 7.83
C GLN A 14 0.14 -23.16 8.05
N THR A 15 0.56 -22.18 7.24
CA THR A 15 0.05 -20.82 7.35
C THR A 15 -0.78 -20.46 6.12
N GLY A 16 -1.26 -19.22 6.09
CA GLY A 16 -2.08 -18.76 4.97
C GLY A 16 -2.15 -17.25 4.89
N VAL A 17 -1.15 -16.65 4.26
CA VAL A 17 -1.10 -15.20 4.11
C VAL A 17 -2.00 -14.74 2.97
N PRO A 18 -2.55 -13.52 3.12
CA PRO A 18 -3.44 -12.93 2.11
C PRO A 18 -2.70 -12.56 0.82
N GLY A 19 -3.42 -12.56 -0.29
CA GLY A 19 -2.83 -12.22 -1.56
C GLY A 19 -2.96 -10.74 -1.89
N GLN A 20 -1.89 -10.15 -2.44
CA GLN A 20 -1.91 -8.75 -2.80
C GLN A 20 -3.25 -8.35 -3.42
N PRO A 21 -3.67 -7.11 -3.15
CA PRO A 21 -4.95 -6.59 -3.67
C PRO A 21 -4.91 -6.35 -5.18
N LEU A 22 -6.04 -6.00 -5.75
CA LEU A 22 -6.13 -5.73 -7.18
C LEU A 22 -6.57 -4.30 -7.45
N ASN A 23 -6.64 -3.93 -8.73
CA ASN A 23 -7.04 -2.59 -9.12
C ASN A 23 -6.32 -1.54 -8.28
N PHE A 24 -5.03 -1.76 -8.05
CA PHE A 24 -4.23 -0.83 -7.26
C PHE A 24 -3.62 0.24 -8.16
N LYS A 25 -3.92 1.50 -7.85
CA LYS A 25 -3.41 2.62 -8.61
C LYS A 25 -3.18 3.84 -7.72
N ALA A 26 -2.65 4.91 -8.30
CA ALA A 26 -2.38 6.14 -7.56
C ALA A 26 -3.05 7.34 -8.23
N GLU A 27 -3.73 8.16 -7.43
CA GLU A 27 -4.40 9.33 -7.95
C GLU A 27 -4.33 10.49 -6.95
N PRO A 28 -3.74 11.61 -7.38
CA PRO A 28 -3.59 12.80 -6.54
C PRO A 28 -4.92 13.50 -6.27
N GLU A 29 -5.39 13.42 -5.02
CA GLU A 29 -6.65 14.04 -4.64
C GLU A 29 -6.44 15.48 -4.21
N SER A 30 -5.21 15.80 -3.81
CA SER A 30 -4.87 17.15 -3.38
C SER A 30 -3.40 17.44 -3.59
N GLU A 31 -2.95 18.62 -3.13
CA GLU A 31 -1.56 19.01 -3.28
C GLU A 31 -0.70 18.39 -2.18
N THR A 32 -1.33 18.07 -1.05
CA THR A 32 -0.63 17.47 0.07
C THR A 32 -1.26 16.13 0.47
N SER A 33 -2.26 15.72 -0.28
CA SER A 33 -2.96 14.46 -0.01
C SER A 33 -3.14 13.66 -1.29
N ILE A 34 -3.19 12.33 -1.14
CA ILE A 34 -3.37 11.45 -2.29
C ILE A 34 -4.36 10.34 -1.97
N LEU A 35 -5.17 9.99 -2.96
CA LEU A 35 -6.17 8.93 -2.79
C LEU A 35 -5.77 7.67 -3.55
N LEU A 36 -5.83 6.54 -2.86
CA LEU A 36 -5.47 5.25 -3.46
C LEU A 36 -6.69 4.37 -3.63
N SER A 37 -6.82 3.77 -4.82
CA SER A 37 -7.95 2.89 -5.11
C SER A 37 -7.50 1.45 -5.29
N TRP A 38 -8.00 0.57 -4.44
CA TRP A 38 -7.64 -0.85 -4.50
C TRP A 38 -8.84 -1.73 -4.15
N THR A 39 -8.81 -2.97 -4.62
CA THR A 39 -9.89 -3.91 -4.35
C THR A 39 -9.42 -5.04 -3.44
N PRO A 40 -10.10 -5.19 -2.29
CA PRO A 40 -9.77 -6.23 -1.31
C PRO A 40 -10.12 -7.62 -1.81
N PRO A 41 -9.24 -8.59 -1.51
CA PRO A 41 -9.42 -9.98 -1.92
C PRO A 41 -10.57 -10.66 -1.16
N ARG A 42 -10.89 -11.89 -1.55
CA ARG A 42 -11.96 -12.64 -0.92
C ARG A 42 -11.79 -12.66 0.60
N SER A 43 -10.54 -12.79 1.05
CA SER A 43 -10.24 -12.82 2.47
C SER A 43 -11.13 -11.85 3.23
N ASP A 44 -11.80 -12.35 4.28
CA ASP A 44 -12.68 -11.51 5.09
C ASP A 44 -11.95 -11.01 6.32
N THR A 45 -10.96 -11.77 6.78
CA THR A 45 -10.19 -11.40 7.96
C THR A 45 -8.89 -10.69 7.58
N ILE A 46 -8.88 -9.37 7.73
CA ILE A 46 -7.70 -8.57 7.40
C ILE A 46 -7.47 -7.49 8.44
N ALA A 47 -6.38 -7.63 9.20
CA ALA A 47 -6.04 -6.67 10.24
C ALA A 47 -6.00 -5.26 9.67
N ASN A 48 -5.19 -5.05 8.64
CA ASN A 48 -5.06 -3.75 8.00
C ASN A 48 -4.13 -3.81 6.80
N TYR A 49 -3.87 -2.67 6.19
CA TYR A 49 -3.00 -2.59 5.02
C TYR A 49 -1.73 -1.80 5.34
N GLU A 50 -0.69 -2.02 4.53
CA GLU A 50 0.58 -1.33 4.72
C GLU A 50 0.92 -0.49 3.50
N LEU A 51 1.17 0.80 3.73
CA LEU A 51 1.51 1.72 2.65
C LEU A 51 2.96 2.16 2.76
N VAL A 52 3.79 1.67 1.84
CA VAL A 52 5.21 2.02 1.81
C VAL A 52 5.49 3.12 0.81
N TYR A 53 5.83 4.31 1.32
CA TYR A 53 6.11 5.45 0.46
C TYR A 53 7.52 5.99 0.72
N LYS A 54 8.11 6.61 -0.29
CA LYS A 54 9.45 7.17 -0.16
C LYS A 54 9.64 8.35 -1.11
N ASP A 55 10.30 9.39 -0.64
CA ASP A 55 10.56 10.58 -1.44
C ASP A 55 11.45 10.26 -2.63
N GLY A 56 10.84 10.10 -3.80
CA GLY A 56 11.60 9.78 -5.00
C GLY A 56 12.07 8.35 -5.02
N GLU A 57 13.15 8.09 -5.75
CA GLU A 57 13.71 6.74 -5.86
C GLU A 57 14.63 6.44 -4.69
N HIS A 58 15.40 7.45 -4.28
CA HIS A 58 16.33 7.29 -3.17
C HIS A 58 15.73 7.84 -1.87
N GLY A 59 14.40 7.86 -1.81
CA GLY A 59 13.73 8.36 -0.62
C GLY A 59 13.75 7.36 0.51
N GLU A 60 13.32 7.79 1.70
CA GLU A 60 13.28 6.93 2.88
C GLU A 60 12.01 6.08 2.89
N GLU A 61 12.19 4.77 2.86
CA GLU A 61 11.06 3.85 2.87
C GLU A 61 10.30 3.92 4.20
N GLN A 62 9.26 4.73 4.23
CA GLN A 62 8.45 4.89 5.44
C GLN A 62 7.18 4.06 5.37
N ARG A 63 6.93 3.30 6.43
CA ARG A 63 5.74 2.45 6.49
C ARG A 63 4.66 3.08 7.35
N ILE A 64 3.42 3.04 6.86
CA ILE A 64 2.29 3.62 7.59
C ILE A 64 1.23 2.55 7.87
N THR A 65 0.58 2.68 9.03
CA THR A 65 -0.46 1.74 9.42
C THR A 65 -1.82 2.16 8.89
N ILE A 66 -2.33 1.43 7.90
CA ILE A 66 -3.63 1.74 7.31
C ILE A 66 -4.72 0.84 7.89
N GLU A 67 -5.92 0.96 7.34
CA GLU A 67 -7.06 0.16 7.80
C GLU A 67 -7.51 -0.81 6.72
N PRO A 68 -8.04 -1.97 7.15
CA PRO A 68 -8.52 -3.00 6.23
C PRO A 68 -9.78 -2.59 5.49
N GLY A 69 -9.62 -1.78 4.45
CA GLY A 69 -10.75 -1.32 3.67
C GLY A 69 -10.54 -1.47 2.17
N THR A 70 -10.94 -0.46 1.42
CA THR A 70 -10.79 -0.48 -0.04
C THR A 70 -9.89 0.65 -0.52
N SER A 71 -10.04 1.82 0.10
CA SER A 71 -9.26 2.99 -0.27
C SER A 71 -8.81 3.75 0.98
N TYR A 72 -7.69 4.47 0.85
CA TYR A 72 -7.15 5.25 1.97
C TYR A 72 -6.74 6.64 1.50
N ARG A 73 -7.02 7.64 2.34
CA ARG A 73 -6.67 9.02 2.02
C ARG A 73 -5.44 9.46 2.80
N LEU A 74 -4.28 9.37 2.17
CA LEU A 74 -3.02 9.76 2.81
C LEU A 74 -2.91 11.28 2.89
N GLN A 75 -2.49 11.78 4.06
CA GLN A 75 -2.34 13.20 4.27
C GLN A 75 -0.96 13.54 4.82
N GLY A 76 -0.42 14.67 4.42
CA GLY A 76 0.89 15.08 4.88
C GLY A 76 1.97 14.88 3.84
N LEU A 77 1.87 15.62 2.73
CA LEU A 77 2.84 15.51 1.66
C LEU A 77 3.19 16.89 1.10
N LYS A 78 4.07 16.92 0.10
CA LYS A 78 4.48 18.18 -0.52
C LYS A 78 3.93 18.28 -1.94
N PRO A 79 3.55 19.51 -2.34
CA PRO A 79 2.99 19.78 -3.67
C PRO A 79 4.04 19.64 -4.76
N ASN A 80 3.58 19.58 -6.01
CA ASN A 80 4.48 19.43 -7.14
C ASN A 80 5.69 18.57 -6.79
N SER A 81 5.42 17.38 -6.26
CA SER A 81 6.48 16.46 -5.88
C SER A 81 6.05 15.01 -6.08
N LEU A 82 6.98 14.18 -6.54
CA LEU A 82 6.69 12.76 -6.77
C LEU A 82 6.85 11.96 -5.49
N TYR A 83 6.02 10.93 -5.35
CA TYR A 83 6.06 10.08 -4.17
C TYR A 83 5.65 8.65 -4.51
N TYR A 84 6.43 7.68 -4.04
CA TYR A 84 6.15 6.28 -4.30
C TYR A 84 5.13 5.74 -3.30
N PHE A 85 4.36 4.74 -3.73
CA PHE A 85 3.34 4.13 -2.89
C PHE A 85 3.22 2.63 -3.18
N ARG A 86 3.10 1.83 -2.11
CA ARG A 86 2.98 0.40 -2.25
C ARG A 86 2.07 -0.18 -1.17
N LEU A 87 1.00 -0.85 -1.59
CA LEU A 87 0.05 -1.45 -0.65
C LEU A 87 0.33 -2.94 -0.47
N ALA A 88 0.26 -3.39 0.78
CA ALA A 88 0.51 -4.78 1.10
C ALA A 88 -0.34 -5.24 2.28
N ALA A 89 -1.36 -6.04 2.00
CA ALA A 89 -2.25 -6.55 3.04
C ALA A 89 -1.45 -7.07 4.23
N ARG A 90 -1.95 -6.81 5.44
CA ARG A 90 -1.29 -7.25 6.65
C ARG A 90 -2.18 -8.21 7.44
N SER A 91 -1.75 -9.46 7.56
CA SER A 91 -2.51 -10.47 8.30
C SER A 91 -2.02 -10.59 9.73
N PRO A 92 -2.91 -11.04 10.62
CA PRO A 92 -2.59 -11.21 12.04
C PRO A 92 -1.61 -12.35 12.28
N GLN A 93 -1.32 -13.12 11.23
CA GLN A 93 -0.40 -14.24 11.33
C GLN A 93 0.97 -13.88 10.77
N GLY A 94 0.98 -13.00 9.77
CA GLY A 94 2.22 -12.59 9.15
C GLY A 94 2.04 -11.48 8.13
N LEU A 95 2.89 -11.46 7.12
CA LEU A 95 2.82 -10.45 6.07
C LEU A 95 2.67 -11.09 4.70
N GLY A 96 1.74 -10.58 3.90
CA GLY A 96 1.53 -11.12 2.57
C GLY A 96 2.52 -10.58 1.56
N ALA A 97 2.01 -10.09 0.43
CA ALA A 97 2.86 -9.54 -0.62
C ALA A 97 2.60 -8.06 -0.82
N SER A 98 3.33 -7.45 -1.75
CA SER A 98 3.18 -6.03 -2.03
C SER A 98 2.86 -5.80 -3.50
N THR A 99 1.91 -4.89 -3.76
CA THR A 99 1.51 -4.57 -5.12
C THR A 99 2.67 -4.00 -5.92
N ALA A 100 2.39 -3.61 -7.16
CA ALA A 100 3.41 -3.04 -8.02
C ALA A 100 3.80 -1.64 -7.57
N GLU A 101 5.08 -1.29 -7.76
CA GLU A 101 5.57 0.03 -7.36
C GLU A 101 4.90 1.13 -8.18
N ILE A 102 3.98 1.84 -7.55
CA ILE A 102 3.27 2.92 -8.22
C ILE A 102 3.53 4.26 -7.52
N SER A 103 3.37 5.35 -8.27
CA SER A 103 3.59 6.69 -7.73
C SER A 103 2.53 7.66 -8.25
N ALA A 104 2.47 8.83 -7.64
CA ALA A 104 1.51 9.86 -8.04
C ALA A 104 2.05 11.26 -7.75
N ARG A 105 1.80 12.18 -8.67
CA ARG A 105 2.26 13.56 -8.52
C ARG A 105 1.15 14.44 -7.97
N THR A 106 1.40 15.05 -6.82
CA THR A 106 0.41 15.92 -6.17
C THR A 106 0.05 17.10 -7.08
N MET A 107 -0.96 17.86 -6.68
CA MET A 107 -1.39 19.02 -7.45
C MET A 107 -0.44 20.20 -7.27
N GLN A 108 -0.58 21.21 -8.11
CA GLN A 108 0.26 22.40 -8.03
C GLN A 108 -0.42 23.49 -7.21
N SER A 109 -0.06 23.57 -5.93
CA SER A 109 -0.63 24.56 -5.04
C SER A 109 0.35 25.72 -4.82
N SER A 110 -0.20 26.91 -4.58
CA SER A 110 0.61 28.09 -4.37
C SER A 110 0.23 28.79 -3.06
N GLY A 111 -1.07 28.91 -2.82
CA GLY A 111 -1.54 29.55 -1.61
C GLY A 111 -3.00 29.97 -1.71
N PRO A 112 -3.50 30.62 -0.66
CA PRO A 112 -4.90 31.09 -0.60
C PRO A 112 -5.16 32.24 -1.56
N SER A 113 -5.81 31.92 -2.68
CA SER A 113 -6.13 32.93 -3.69
C SER A 113 -7.09 33.98 -3.13
N SER A 114 -7.40 34.99 -3.94
CA SER A 114 -8.31 36.05 -3.53
C SER A 114 -9.74 35.53 -3.43
N GLY A 115 -10.18 35.27 -2.21
CA GLY A 115 -11.54 34.77 -2.00
C GLY A 115 -11.63 33.82 -0.83
N GLY A 1 41.50 -33.75 5.42
CA GLY A 1 40.41 -33.47 6.35
C GLY A 1 39.05 -33.61 5.71
N SER A 2 38.02 -33.18 6.42
CA SER A 2 36.65 -33.27 5.92
C SER A 2 35.75 -32.23 6.59
N SER A 3 34.64 -31.91 5.94
CA SER A 3 33.71 -30.92 6.46
C SER A 3 32.44 -31.60 6.99
N GLY A 4 31.55 -30.81 7.57
CA GLY A 4 30.31 -31.34 8.10
C GLY A 4 29.18 -31.30 7.10
N SER A 5 27.96 -31.08 7.58
CA SER A 5 26.80 -31.01 6.72
C SER A 5 25.58 -30.47 7.47
N SER A 6 24.57 -30.05 6.72
CA SER A 6 23.35 -29.51 7.33
C SER A 6 22.79 -30.45 8.38
N GLY A 7 21.77 -30.00 9.09
CA GLY A 7 21.15 -30.82 10.13
C GLY A 7 19.75 -31.25 9.76
N ASP A 8 19.13 -32.02 10.64
CA ASP A 8 17.77 -32.52 10.42
C ASP A 8 16.76 -31.38 10.54
N ILE A 9 16.56 -30.64 9.45
CA ILE A 9 15.62 -29.53 9.44
C ILE A 9 14.34 -29.91 8.72
N GLN A 10 13.35 -30.39 9.49
CA GLN A 10 12.07 -30.79 8.93
C GLN A 10 10.93 -30.18 9.72
N VAL A 11 10.56 -28.94 9.39
CA VAL A 11 9.48 -28.24 10.07
C VAL A 11 8.35 -27.90 9.09
N ILE A 12 7.13 -28.20 9.49
CA ILE A 12 5.96 -27.91 8.65
C ILE A 12 4.86 -27.24 9.45
N THR A 13 4.42 -26.08 8.99
CA THR A 13 3.36 -25.33 9.66
C THR A 13 2.58 -24.46 8.68
N GLN A 14 1.26 -24.62 8.69
CA GLN A 14 0.40 -23.85 7.80
C GLN A 14 0.25 -22.41 8.29
N THR A 15 0.74 -21.46 7.49
CA THR A 15 0.66 -20.05 7.84
C THR A 15 -0.49 -19.38 7.12
N GLY A 16 -0.35 -19.24 5.80
CA GLY A 16 -1.39 -18.60 5.02
C GLY A 16 -1.36 -17.09 5.13
N VAL A 17 -1.18 -16.42 3.99
CA VAL A 17 -1.13 -14.96 3.96
C VAL A 17 -2.07 -14.40 2.89
N PRO A 18 -2.49 -13.14 3.09
CA PRO A 18 -3.39 -12.46 2.16
C PRO A 18 -2.73 -12.14 0.82
N GLY A 19 -3.45 -12.37 -0.27
CA GLY A 19 -2.91 -12.10 -1.59
C GLY A 19 -3.01 -10.63 -1.97
N GLN A 20 -1.91 -10.07 -2.44
CA GLN A 20 -1.88 -8.66 -2.84
C GLN A 20 -3.22 -8.25 -3.46
N PRO A 21 -3.64 -7.01 -3.18
CA PRO A 21 -4.90 -6.46 -3.69
C PRO A 21 -4.85 -6.22 -5.19
N LEU A 22 -6.02 -6.10 -5.81
CA LEU A 22 -6.10 -5.86 -7.25
C LEU A 22 -6.63 -4.45 -7.53
N ASN A 23 -6.59 -4.05 -8.80
CA ASN A 23 -7.06 -2.74 -9.21
C ASN A 23 -6.42 -1.64 -8.35
N PHE A 24 -5.13 -1.78 -8.10
CA PHE A 24 -4.39 -0.81 -7.30
C PHE A 24 -3.90 0.35 -8.17
N LYS A 25 -4.40 1.54 -7.87
CA LYS A 25 -4.03 2.74 -8.61
C LYS A 25 -3.83 3.92 -7.68
N ALA A 26 -2.96 4.85 -8.09
CA ALA A 26 -2.68 6.03 -7.28
C ALA A 26 -3.00 7.31 -8.05
N GLU A 27 -3.80 8.18 -7.44
CA GLU A 27 -4.19 9.43 -8.07
C GLU A 27 -4.17 10.57 -7.06
N PRO A 28 -3.57 11.70 -7.46
CA PRO A 28 -3.45 12.89 -6.61
C PRO A 28 -4.80 13.57 -6.39
N GLU A 29 -5.41 13.33 -5.24
CA GLU A 29 -6.70 13.92 -4.91
C GLU A 29 -6.54 15.39 -4.53
N SER A 30 -5.35 15.76 -4.07
CA SER A 30 -5.07 17.13 -3.67
C SER A 30 -3.57 17.43 -3.76
N GLU A 31 -3.21 18.68 -3.51
CA GLU A 31 -1.82 19.10 -3.56
C GLU A 31 -1.04 18.53 -2.38
N THR A 32 -1.71 18.38 -1.24
CA THR A 32 -1.08 17.85 -0.05
C THR A 32 -1.74 16.55 0.39
N SER A 33 -2.62 16.03 -0.45
CA SER A 33 -3.31 14.78 -0.15
C SER A 33 -3.42 13.91 -1.40
N ILE A 34 -3.38 12.59 -1.20
CA ILE A 34 -3.47 11.65 -2.30
C ILE A 34 -4.44 10.52 -1.99
N LEU A 35 -5.30 10.19 -2.95
CA LEU A 35 -6.27 9.12 -2.77
C LEU A 35 -5.80 7.83 -3.42
N LEU A 36 -5.99 6.72 -2.73
CA LEU A 36 -5.58 5.41 -3.24
C LEU A 36 -6.78 4.48 -3.37
N SER A 37 -6.88 3.80 -4.51
CA SER A 37 -7.98 2.88 -4.76
C SER A 37 -7.45 1.46 -4.97
N TRP A 38 -7.95 0.53 -4.16
CA TRP A 38 -7.53 -0.86 -4.25
C TRP A 38 -8.69 -1.81 -3.95
N THR A 39 -8.64 -3.01 -4.49
CA THR A 39 -9.68 -4.00 -4.29
C THR A 39 -9.21 -5.11 -3.34
N PRO A 40 -9.91 -5.25 -2.21
CA PRO A 40 -9.58 -6.27 -1.21
C PRO A 40 -9.89 -7.68 -1.69
N PRO A 41 -8.93 -8.61 -1.50
CA PRO A 41 -9.08 -10.01 -1.92
C PRO A 41 -10.11 -10.76 -1.07
N ARG A 42 -10.30 -12.04 -1.38
CA ARG A 42 -11.26 -12.86 -0.65
C ARG A 42 -11.02 -12.76 0.86
N SER A 43 -9.76 -12.85 1.26
CA SER A 43 -9.39 -12.78 2.67
C SER A 43 -10.31 -11.82 3.42
N ASP A 44 -11.17 -12.37 4.26
CA ASP A 44 -12.11 -11.57 5.04
C ASP A 44 -11.43 -10.99 6.28
N THR A 45 -10.54 -11.78 6.88
CA THR A 45 -9.83 -11.35 8.08
C THR A 45 -8.61 -10.52 7.71
N ILE A 46 -8.77 -9.20 7.75
CA ILE A 46 -7.68 -8.28 7.42
C ILE A 46 -7.49 -7.25 8.53
N ALA A 47 -6.33 -7.30 9.18
CA ALA A 47 -6.02 -6.36 10.26
C ALA A 47 -5.78 -4.96 9.71
N ASN A 48 -4.95 -4.87 8.68
CA ASN A 48 -4.63 -3.58 8.06
C ASN A 48 -3.75 -3.77 6.83
N TYR A 49 -3.44 -2.67 6.16
CA TYR A 49 -2.62 -2.71 4.96
C TYR A 49 -1.30 -1.98 5.18
N GLU A 50 -0.34 -2.22 4.28
CA GLU A 50 0.97 -1.59 4.39
C GLU A 50 1.21 -0.66 3.21
N LEU A 51 1.52 0.61 3.52
CA LEU A 51 1.77 1.60 2.48
C LEU A 51 3.22 2.07 2.52
N VAL A 52 4.11 1.33 1.85
CA VAL A 52 5.52 1.67 1.82
C VAL A 52 5.77 2.85 0.88
N TYR A 53 5.80 4.05 1.44
CA TYR A 53 6.04 5.25 0.65
C TYR A 53 7.38 5.88 0.99
N LYS A 54 8.03 6.47 0.00
CA LYS A 54 9.33 7.10 0.18
C LYS A 54 9.49 8.29 -0.76
N ASP A 55 10.31 9.26 -0.35
CA ASP A 55 10.55 10.44 -1.15
C ASP A 55 11.60 10.16 -2.22
N GLY A 56 11.15 9.92 -3.45
CA GLY A 56 12.06 9.65 -4.55
C GLY A 56 12.71 8.28 -4.42
N GLU A 57 13.43 7.87 -5.47
CA GLU A 57 14.10 6.59 -5.47
C GLU A 57 15.06 6.47 -4.29
N HIS A 58 15.68 7.58 -3.94
CA HIS A 58 16.63 7.60 -2.82
C HIS A 58 15.93 7.97 -1.52
N GLY A 59 14.66 7.60 -1.41
CA GLY A 59 13.89 7.90 -0.21
C GLY A 59 13.80 6.72 0.73
N GLU A 60 13.62 7.01 2.01
CA GLU A 60 13.52 5.95 3.02
C GLU A 60 12.13 5.31 3.00
N GLU A 61 12.09 3.99 3.16
CA GLU A 61 10.83 3.26 3.17
C GLU A 61 10.10 3.44 4.49
N GLN A 62 8.81 3.77 4.42
CA GLN A 62 8.01 3.97 5.61
C GLN A 62 6.64 3.29 5.47
N ARG A 63 6.24 2.57 6.50
CA ARG A 63 4.97 1.87 6.49
C ARG A 63 3.94 2.60 7.35
N ILE A 64 2.75 2.82 6.79
CA ILE A 64 1.68 3.50 7.52
C ILE A 64 0.58 2.53 7.91
N THR A 65 0.02 2.74 9.10
CA THR A 65 -1.05 1.88 9.61
C THR A 65 -2.39 2.23 8.97
N ILE A 66 -2.71 1.57 7.87
CA ILE A 66 -3.96 1.82 7.17
C ILE A 66 -5.06 0.88 7.65
N GLU A 67 -6.29 1.36 7.63
CA GLU A 67 -7.43 0.56 8.06
C GLU A 67 -7.80 -0.48 7.00
N PRO A 68 -8.22 -1.66 7.46
CA PRO A 68 -8.62 -2.77 6.58
C PRO A 68 -9.92 -2.47 5.83
N GLY A 69 -9.82 -1.70 4.75
CA GLY A 69 -10.99 -1.36 3.97
C GLY A 69 -10.78 -1.57 2.49
N THR A 70 -11.15 -0.56 1.70
CA THR A 70 -11.01 -0.64 0.25
C THR A 70 -10.23 0.56 -0.28
N SER A 71 -10.24 1.65 0.46
CA SER A 71 -9.54 2.87 0.07
C SER A 71 -8.95 3.58 1.28
N TYR A 72 -8.12 4.59 1.02
CA TYR A 72 -7.49 5.34 2.10
C TYR A 72 -7.09 6.74 1.63
N ARG A 73 -7.11 7.70 2.55
CA ARG A 73 -6.76 9.07 2.21
C ARG A 73 -5.50 9.50 2.96
N LEU A 74 -4.42 9.73 2.21
CA LEU A 74 -3.15 10.14 2.81
C LEU A 74 -3.00 11.67 2.74
N GLN A 75 -2.64 12.26 3.87
CA GLN A 75 -2.46 13.70 3.95
C GLN A 75 -1.10 14.05 4.56
N GLY A 76 -0.57 15.21 4.19
CA GLY A 76 0.72 15.64 4.70
C GLY A 76 1.84 15.40 3.72
N LEU A 77 1.82 16.14 2.61
CA LEU A 77 2.85 16.01 1.59
C LEU A 77 3.16 17.36 0.96
N LYS A 78 4.15 17.37 0.06
CA LYS A 78 4.55 18.59 -0.61
C LYS A 78 3.98 18.64 -2.03
N PRO A 79 3.62 19.84 -2.49
CA PRO A 79 3.06 20.04 -3.83
C PRO A 79 4.10 19.83 -4.93
N ASN A 80 3.63 19.45 -6.11
CA ASN A 80 4.52 19.21 -7.25
C ASN A 80 5.72 18.37 -6.83
N SER A 81 5.45 17.23 -6.18
CA SER A 81 6.51 16.34 -5.73
C SER A 81 6.13 14.88 -5.97
N LEU A 82 7.12 14.08 -6.32
CA LEU A 82 6.89 12.66 -6.58
C LEU A 82 6.99 11.84 -5.29
N TYR A 83 6.17 10.81 -5.19
CA TYR A 83 6.16 9.95 -4.01
C TYR A 83 5.74 8.53 -4.37
N TYR A 84 6.64 7.58 -4.10
CA TYR A 84 6.37 6.17 -4.40
C TYR A 84 5.37 5.58 -3.41
N PHE A 85 4.55 4.66 -3.88
CA PHE A 85 3.55 4.02 -3.05
C PHE A 85 3.47 2.52 -3.32
N ARG A 86 3.27 1.74 -2.27
CA ARG A 86 3.19 0.29 -2.41
C ARG A 86 2.23 -0.30 -1.36
N LEU A 87 1.20 -0.98 -1.84
CA LEU A 87 0.21 -1.59 -0.94
C LEU A 87 0.54 -3.06 -0.71
N ALA A 88 0.19 -3.56 0.48
CA ALA A 88 0.44 -4.95 0.83
C ALA A 88 -0.37 -5.36 2.05
N ALA A 89 -1.41 -6.16 1.84
CA ALA A 89 -2.26 -6.62 2.92
C ALA A 89 -1.43 -7.18 4.07
N ARG A 90 -1.79 -6.82 5.29
CA ARG A 90 -1.08 -7.29 6.48
C ARG A 90 -1.97 -8.17 7.34
N SER A 91 -1.53 -9.40 7.58
CA SER A 91 -2.29 -10.34 8.39
C SER A 91 -1.65 -10.52 9.76
N PRO A 92 -2.46 -10.97 10.74
CA PRO A 92 -2.00 -11.19 12.11
C PRO A 92 -1.05 -12.38 12.21
N GLN A 93 -0.74 -12.99 11.08
CA GLN A 93 0.16 -14.14 11.05
C GLN A 93 1.50 -13.76 10.42
N GLY A 94 1.45 -13.12 9.26
CA GLY A 94 2.68 -12.72 8.59
C GLY A 94 2.41 -11.81 7.41
N LEU A 95 3.46 -11.17 6.90
CA LEU A 95 3.34 -10.28 5.76
C LEU A 95 3.04 -11.05 4.48
N GLY A 96 2.16 -10.50 3.65
CA GLY A 96 1.81 -11.16 2.41
C GLY A 96 2.56 -10.58 1.21
N ALA A 97 1.87 -10.45 0.09
CA ALA A 97 2.48 -9.92 -1.12
C ALA A 97 2.28 -8.40 -1.21
N SER A 98 3.01 -7.78 -2.13
CA SER A 98 2.91 -6.34 -2.32
C SER A 98 2.58 -6.00 -3.78
N THR A 99 1.71 -5.01 -3.97
CA THR A 99 1.32 -4.59 -5.31
C THR A 99 2.48 -3.95 -6.05
N ALA A 100 2.33 -3.80 -7.36
CA ALA A 100 3.37 -3.21 -8.19
C ALA A 100 3.71 -1.80 -7.71
N GLU A 101 4.99 -1.44 -7.80
CA GLU A 101 5.44 -0.12 -7.37
C GLU A 101 4.82 0.97 -8.23
N ILE A 102 3.96 1.77 -7.62
CA ILE A 102 3.30 2.87 -8.32
C ILE A 102 3.50 4.19 -7.60
N SER A 103 3.61 5.27 -8.38
CA SER A 103 3.82 6.60 -7.82
C SER A 103 2.79 7.59 -8.37
N ALA A 104 2.70 8.75 -7.73
CA ALA A 104 1.76 9.78 -8.16
C ALA A 104 2.32 11.17 -7.90
N ARG A 105 2.02 12.11 -8.80
CA ARG A 105 2.49 13.48 -8.67
C ARG A 105 1.38 14.40 -8.17
N THR A 106 1.65 15.10 -7.08
CA THR A 106 0.66 16.02 -6.50
C THR A 106 0.43 17.22 -7.41
N MET A 107 -0.51 18.07 -7.03
CA MET A 107 -0.83 19.27 -7.80
C MET A 107 0.22 20.35 -7.59
N GLN A 108 0.30 21.29 -8.52
CA GLN A 108 1.26 22.38 -8.43
C GLN A 108 0.63 23.60 -7.78
N SER A 109 0.84 23.74 -6.47
CA SER A 109 0.30 24.87 -5.73
C SER A 109 1.01 26.17 -6.10
N SER A 110 0.34 27.29 -5.88
CA SER A 110 0.91 28.60 -6.19
C SER A 110 1.06 29.44 -4.93
N GLY A 111 2.30 29.84 -4.64
CA GLY A 111 2.57 30.65 -3.47
C GLY A 111 1.68 31.88 -3.40
N PRO A 112 2.21 33.02 -3.89
CA PRO A 112 1.47 34.29 -3.90
C PRO A 112 0.31 34.28 -4.88
N SER A 113 -0.88 34.61 -4.38
CA SER A 113 -2.08 34.64 -5.21
C SER A 113 -3.02 35.76 -4.78
N SER A 114 -3.40 36.61 -5.72
CA SER A 114 -4.29 37.73 -5.43
C SER A 114 -5.31 37.91 -6.55
N GLY A 115 -6.28 38.79 -6.32
CA GLY A 115 -7.30 39.05 -7.33
C GLY A 115 -8.69 39.07 -6.74
N GLY A 1 22.10 -37.23 32.34
CA GLY A 1 21.41 -38.25 31.58
C GLY A 1 20.15 -37.74 30.92
N SER A 2 19.21 -38.64 30.65
CA SER A 2 17.95 -38.27 30.01
C SER A 2 16.87 -39.30 30.31
N SER A 3 15.65 -39.01 29.88
CA SER A 3 14.52 -39.90 30.10
C SER A 3 13.38 -39.60 29.13
N GLY A 4 12.36 -40.46 29.12
CA GLY A 4 11.23 -40.28 28.24
C GLY A 4 10.02 -39.71 28.96
N SER A 5 9.26 -38.88 28.26
CA SER A 5 8.07 -38.27 28.85
C SER A 5 7.14 -37.75 27.75
N SER A 6 5.91 -37.41 28.15
CA SER A 6 4.92 -36.91 27.21
C SER A 6 4.41 -35.54 27.62
N GLY A 7 3.67 -34.88 26.74
CA GLY A 7 3.13 -33.57 27.03
C GLY A 7 1.80 -33.32 26.36
N ASP A 8 1.46 -32.05 26.20
CA ASP A 8 0.19 -31.67 25.56
C ASP A 8 0.40 -31.37 24.08
N ILE A 9 -0.70 -31.36 23.33
CA ILE A 9 -0.64 -31.08 21.91
C ILE A 9 -1.48 -29.85 21.56
N GLN A 10 -0.80 -28.74 21.28
CA GLN A 10 -1.48 -27.50 20.93
C GLN A 10 -1.94 -27.52 19.47
N VAL A 11 -3.25 -27.54 19.27
CA VAL A 11 -3.83 -27.56 17.92
C VAL A 11 -3.43 -26.31 17.14
N ILE A 12 -3.20 -26.49 15.85
CA ILE A 12 -2.81 -25.38 14.99
C ILE A 12 -3.71 -25.31 13.75
N THR A 13 -3.62 -24.20 13.01
CA THR A 13 -4.41 -24.01 11.82
C THR A 13 -3.74 -23.03 10.86
N GLN A 14 -3.69 -23.39 9.59
CA GLN A 14 -3.08 -22.52 8.57
C GLN A 14 -4.15 -21.81 7.74
N THR A 15 -4.22 -20.50 7.91
CA THR A 15 -5.20 -19.70 7.18
C THR A 15 -4.57 -19.02 5.97
N GLY A 16 -3.25 -19.14 5.86
CA GLY A 16 -2.54 -18.54 4.75
C GLY A 16 -2.59 -17.03 4.78
N VAL A 17 -1.60 -16.39 4.16
CA VAL A 17 -1.53 -14.94 4.12
C VAL A 17 -2.38 -14.38 3.00
N PRO A 18 -2.89 -13.15 3.19
CA PRO A 18 -3.73 -12.47 2.20
C PRO A 18 -2.95 -12.05 0.96
N GLY A 19 -3.46 -12.42 -0.21
CA GLY A 19 -2.79 -12.07 -1.45
C GLY A 19 -2.99 -10.62 -1.83
N GLN A 20 -1.93 -9.98 -2.31
CA GLN A 20 -2.00 -8.58 -2.71
C GLN A 20 -3.32 -8.27 -3.39
N PRO A 21 -3.81 -7.04 -3.19
CA PRO A 21 -5.07 -6.58 -3.78
C PRO A 21 -5.00 -6.41 -5.29
N LEU A 22 -6.06 -5.88 -5.88
CA LEU A 22 -6.11 -5.67 -7.32
C LEU A 22 -6.59 -4.26 -7.64
N ASN A 23 -6.41 -3.85 -8.89
CA ASN A 23 -6.83 -2.52 -9.34
C ASN A 23 -6.17 -1.43 -8.49
N PHE A 24 -4.93 -1.69 -8.08
CA PHE A 24 -4.19 -0.73 -7.27
C PHE A 24 -3.65 0.41 -8.14
N LYS A 25 -4.01 1.64 -7.76
CA LYS A 25 -3.57 2.82 -8.50
C LYS A 25 -3.35 3.99 -7.55
N ALA A 26 -2.82 5.09 -8.10
CA ALA A 26 -2.56 6.29 -7.31
C ALA A 26 -3.13 7.53 -7.99
N GLU A 27 -3.93 8.29 -7.25
CA GLU A 27 -4.54 9.51 -7.79
C GLU A 27 -4.43 10.65 -6.79
N PRO A 28 -3.78 11.75 -7.21
CA PRO A 28 -3.58 12.93 -6.38
C PRO A 28 -4.89 13.69 -6.13
N GLU A 29 -5.55 13.38 -5.01
CA GLU A 29 -6.81 14.03 -4.67
C GLU A 29 -6.58 15.51 -4.35
N SER A 30 -5.33 15.88 -4.15
CA SER A 30 -4.98 17.26 -3.82
C SER A 30 -3.48 17.49 -3.95
N GLU A 31 -3.04 18.69 -3.59
CA GLU A 31 -1.62 19.03 -3.67
C GLU A 31 -0.90 18.61 -2.38
N THR A 32 -1.66 18.43 -1.31
CA THR A 32 -1.09 18.03 -0.04
C THR A 32 -1.66 16.70 0.43
N SER A 33 -2.44 16.06 -0.44
CA SER A 33 -3.05 14.78 -0.12
C SER A 33 -3.14 13.89 -1.35
N ILE A 34 -3.42 12.60 -1.14
CA ILE A 34 -3.53 11.65 -2.24
C ILE A 34 -4.48 10.51 -1.88
N LEU A 35 -5.36 10.18 -2.81
CA LEU A 35 -6.32 9.10 -2.60
C LEU A 35 -5.90 7.84 -3.33
N LEU A 36 -5.90 6.71 -2.61
CA LEU A 36 -5.51 5.43 -3.19
C LEU A 36 -6.69 4.46 -3.19
N SER A 37 -6.86 3.75 -4.29
CA SER A 37 -7.95 2.78 -4.43
C SER A 37 -7.40 1.39 -4.70
N TRP A 38 -7.94 0.39 -4.00
CA TRP A 38 -7.51 -0.99 -4.17
C TRP A 38 -8.68 -1.95 -4.01
N THR A 39 -8.52 -3.16 -4.52
CA THR A 39 -9.56 -4.18 -4.43
C THR A 39 -9.16 -5.30 -3.48
N PRO A 40 -9.85 -5.38 -2.32
CA PRO A 40 -9.58 -6.40 -1.31
C PRO A 40 -10.01 -7.79 -1.77
N PRO A 41 -9.13 -8.77 -1.55
CA PRO A 41 -9.39 -10.17 -1.93
C PRO A 41 -10.47 -10.81 -1.07
N ARG A 42 -10.96 -11.96 -1.52
CA ARG A 42 -12.00 -12.67 -0.79
C ARG A 42 -11.68 -12.75 0.70
N SER A 43 -10.39 -12.88 1.01
CA SER A 43 -9.95 -12.96 2.39
C SER A 43 -10.65 -11.92 3.26
N ASP A 44 -11.74 -12.33 3.90
CA ASP A 44 -12.50 -11.44 4.76
C ASP A 44 -11.67 -11.00 5.97
N THR A 45 -10.82 -11.89 6.44
CA THR A 45 -9.96 -11.61 7.60
C THR A 45 -8.84 -10.65 7.21
N ILE A 46 -9.05 -9.36 7.48
CA ILE A 46 -8.04 -8.35 7.17
C ILE A 46 -7.85 -7.39 8.34
N ALA A 47 -6.66 -7.41 8.94
CA ALA A 47 -6.35 -6.54 10.05
C ALA A 47 -6.04 -5.12 9.58
N ASN A 48 -5.17 -5.01 8.59
CA ASN A 48 -4.79 -3.71 8.05
C ASN A 48 -3.87 -3.87 6.84
N TYR A 49 -3.58 -2.76 6.17
CA TYR A 49 -2.73 -2.77 4.99
C TYR A 49 -1.44 -2.00 5.25
N GLU A 50 -0.38 -2.37 4.54
CA GLU A 50 0.90 -1.70 4.68
C GLU A 50 1.18 -0.77 3.50
N LEU A 51 1.47 0.50 3.81
CA LEU A 51 1.76 1.49 2.78
C LEU A 51 3.19 1.97 2.85
N VAL A 52 4.02 1.50 1.93
CA VAL A 52 5.43 1.88 1.89
C VAL A 52 5.67 3.01 0.89
N TYR A 53 5.89 4.21 1.40
CA TYR A 53 6.12 5.37 0.56
C TYR A 53 7.47 6.01 0.87
N LYS A 54 8.11 6.56 -0.15
CA LYS A 54 9.41 7.21 0.01
C LYS A 54 9.56 8.38 -0.94
N ASP A 55 10.26 9.42 -0.50
CA ASP A 55 10.48 10.60 -1.32
C ASP A 55 11.39 10.30 -2.49
N GLY A 56 10.80 10.12 -3.67
CA GLY A 56 11.58 9.83 -4.86
C GLY A 56 12.13 8.41 -4.85
N GLU A 57 13.31 8.24 -5.43
CA GLU A 57 13.94 6.91 -5.49
C GLU A 57 14.84 6.69 -4.28
N HIS A 58 15.68 7.68 -3.97
CA HIS A 58 16.60 7.58 -2.85
C HIS A 58 15.84 7.70 -1.53
N GLY A 59 14.56 8.04 -1.61
CA GLY A 59 13.75 8.19 -0.41
C GLY A 59 13.75 6.93 0.46
N GLU A 60 13.81 7.12 1.76
CA GLU A 60 13.82 5.99 2.70
C GLU A 60 12.47 5.30 2.72
N GLU A 61 12.48 3.96 2.71
CA GLU A 61 11.25 3.18 2.73
C GLU A 61 10.54 3.31 4.07
N GLN A 62 9.42 4.02 4.07
CA GLN A 62 8.64 4.23 5.28
C GLN A 62 7.46 3.26 5.35
N ARG A 63 6.70 3.35 6.43
CA ARG A 63 5.54 2.48 6.61
C ARG A 63 4.44 3.20 7.38
N ILE A 64 3.20 2.99 6.96
CA ILE A 64 2.06 3.61 7.61
C ILE A 64 0.99 2.58 7.97
N THR A 65 0.20 2.89 8.99
CA THR A 65 -0.85 1.99 9.44
C THR A 65 -2.21 2.37 8.84
N ILE A 66 -2.68 1.56 7.91
CA ILE A 66 -3.96 1.81 7.25
C ILE A 66 -5.05 0.91 7.81
N GLU A 67 -6.31 1.33 7.64
CA GLU A 67 -7.44 0.56 8.13
C GLU A 67 -7.86 -0.50 7.11
N PRO A 68 -8.33 -1.65 7.61
CA PRO A 68 -8.77 -2.76 6.75
C PRO A 68 -10.07 -2.44 6.01
N GLY A 69 -9.95 -1.70 4.91
CA GLY A 69 -11.10 -1.34 4.13
C GLY A 69 -10.91 -1.61 2.65
N THR A 70 -11.09 -0.57 1.84
CA THR A 70 -10.95 -0.70 0.39
C THR A 70 -10.06 0.41 -0.17
N SER A 71 -10.11 1.58 0.46
CA SER A 71 -9.32 2.72 0.03
C SER A 71 -8.82 3.52 1.22
N TYR A 72 -7.87 4.43 0.97
CA TYR A 72 -7.31 5.25 2.02
C TYR A 72 -6.91 6.62 1.49
N ARG A 73 -7.05 7.64 2.33
CA ARG A 73 -6.71 9.01 1.94
C ARG A 73 -5.50 9.51 2.72
N LEU A 74 -4.36 9.56 2.04
CA LEU A 74 -3.12 10.02 2.66
C LEU A 74 -3.03 11.55 2.64
N GLN A 75 -2.58 12.12 3.76
CA GLN A 75 -2.46 13.58 3.87
C GLN A 75 -1.07 13.96 4.38
N GLY A 76 -0.61 15.13 3.99
CA GLY A 76 0.70 15.59 4.43
C GLY A 76 1.78 15.32 3.40
N LEU A 77 1.70 16.00 2.26
CA LEU A 77 2.67 15.83 1.19
C LEU A 77 3.03 17.17 0.55
N LYS A 78 4.11 17.19 -0.21
CA LYS A 78 4.56 18.41 -0.89
C LYS A 78 4.01 18.47 -2.30
N PRO A 79 3.66 19.69 -2.75
CA PRO A 79 3.12 19.92 -4.09
C PRO A 79 4.17 19.72 -5.18
N ASN A 80 3.72 19.51 -6.41
CA ASN A 80 4.63 19.31 -7.54
C ASN A 80 5.82 18.45 -7.13
N SER A 81 5.52 17.29 -6.55
CA SER A 81 6.57 16.37 -6.11
C SER A 81 6.14 14.91 -6.31
N LEU A 82 7.11 14.05 -6.60
CA LEU A 82 6.84 12.64 -6.82
C LEU A 82 6.94 11.86 -5.51
N TYR A 83 6.14 10.80 -5.40
CA TYR A 83 6.14 9.97 -4.19
C TYR A 83 5.70 8.54 -4.52
N TYR A 84 6.56 7.58 -4.20
CA TYR A 84 6.26 6.18 -4.46
C TYR A 84 5.28 5.62 -3.42
N PHE A 85 4.52 4.61 -3.81
CA PHE A 85 3.54 4.00 -2.92
C PHE A 85 3.41 2.50 -3.20
N ARG A 86 3.21 1.73 -2.14
CA ARG A 86 3.08 0.28 -2.28
C ARG A 86 2.14 -0.28 -1.20
N LEU A 87 1.07 -0.92 -1.64
CA LEU A 87 0.10 -1.50 -0.72
C LEU A 87 0.39 -2.98 -0.48
N ALA A 88 0.09 -3.44 0.73
CA ALA A 88 0.32 -4.84 1.09
C ALA A 88 -0.61 -5.27 2.22
N ALA A 89 -1.54 -6.17 1.89
CA ALA A 89 -2.49 -6.67 2.87
C ALA A 89 -1.77 -7.35 4.04
N ARG A 90 -2.05 -6.89 5.25
CA ARG A 90 -1.44 -7.45 6.45
C ARG A 90 -2.42 -8.33 7.21
N SER A 91 -1.95 -9.48 7.66
CA SER A 91 -2.80 -10.41 8.40
C SER A 91 -2.14 -10.81 9.72
N PRO A 92 -2.97 -11.19 10.71
CA PRO A 92 -2.48 -11.60 12.03
C PRO A 92 -1.76 -12.94 11.99
N GLN A 93 -1.67 -13.53 10.80
CA GLN A 93 -1.00 -14.81 10.63
C GLN A 93 0.38 -14.62 10.03
N GLY A 94 0.46 -13.81 8.98
CA GLY A 94 1.74 -13.56 8.33
C GLY A 94 1.64 -12.49 7.27
N LEU A 95 2.79 -11.95 6.87
CA LEU A 95 2.84 -10.90 5.85
C LEU A 95 2.58 -11.47 4.47
N GLY A 96 1.82 -10.75 3.66
CA GLY A 96 1.52 -11.20 2.31
C GLY A 96 2.44 -10.61 1.27
N ALA A 97 1.87 -10.16 0.16
CA ALA A 97 2.65 -9.56 -0.91
C ALA A 97 2.35 -8.06 -1.03
N SER A 98 3.09 -7.38 -1.91
CA SER A 98 2.91 -5.95 -2.12
C SER A 98 2.58 -5.66 -3.58
N THR A 99 1.64 -4.73 -3.79
CA THR A 99 1.23 -4.35 -5.14
C THR A 99 2.39 -3.77 -5.92
N ALA A 100 2.22 -3.65 -7.23
CA ALA A 100 3.25 -3.10 -8.10
C ALA A 100 3.70 -1.72 -7.63
N GLU A 101 4.94 -1.37 -7.92
CA GLU A 101 5.49 -0.08 -7.52
C GLU A 101 4.92 1.04 -8.37
N ILE A 102 4.00 1.81 -7.80
CA ILE A 102 3.38 2.92 -8.51
C ILE A 102 3.62 4.24 -7.78
N SER A 103 3.63 5.33 -8.54
CA SER A 103 3.85 6.65 -7.97
C SER A 103 2.82 7.65 -8.49
N ALA A 104 2.59 8.72 -7.74
CA ALA A 104 1.62 9.74 -8.12
C ALA A 104 2.21 11.14 -7.92
N ARG A 105 1.83 12.06 -8.80
CA ARG A 105 2.31 13.44 -8.71
C ARG A 105 1.22 14.36 -8.18
N THR A 106 1.50 15.01 -7.06
CA THR A 106 0.54 15.92 -6.45
C THR A 106 0.24 17.10 -7.37
N MET A 107 -0.81 17.85 -7.05
CA MET A 107 -1.20 19.00 -7.85
C MET A 107 -0.23 20.15 -7.65
N GLN A 108 -0.12 21.02 -8.66
CA GLN A 108 0.79 22.16 -8.60
C GLN A 108 0.16 23.29 -7.80
N SER A 109 0.42 23.30 -6.49
CA SER A 109 -0.11 24.34 -5.61
C SER A 109 0.25 25.73 -6.11
N SER A 110 -0.52 26.72 -5.68
CA SER A 110 -0.28 28.10 -6.11
C SER A 110 -0.83 29.08 -5.07
N GLY A 111 -0.44 30.35 -5.20
CA GLY A 111 -0.90 31.36 -4.27
C GLY A 111 -1.23 32.67 -4.96
N PRO A 112 -2.20 33.41 -4.39
CA PRO A 112 -2.63 34.70 -4.94
C PRO A 112 -1.57 35.78 -4.79
N SER A 113 -1.63 36.79 -5.66
CA SER A 113 -0.69 37.89 -5.62
C SER A 113 -1.26 39.09 -4.89
N SER A 114 -0.91 39.23 -3.61
CA SER A 114 -1.40 40.34 -2.80
C SER A 114 -0.35 40.77 -1.78
N GLY A 115 -0.32 42.07 -1.48
CA GLY A 115 0.63 42.59 -0.53
C GLY A 115 0.17 43.87 0.13
#